data_7QN6
#
_entry.id   7QN6
#
_cell.length_a   1.00
_cell.length_b   1.00
_cell.length_c   1.00
_cell.angle_alpha   90.00
_cell.angle_beta   90.00
_cell.angle_gamma   90.00
#
_symmetry.space_group_name_H-M   'P 1'
#
loop_
_entity.id
_entity.type
_entity.pdbx_description
1 polymer 'Gamma-aminobutyric acid receptor subunit beta-3'
2 polymer 'Gamma-aminobutyric acid receptor subunit delta'
3 polymer 'Nanobody Nb25'
4 branched 2-acetamido-2-deoxy-beta-D-glucopyranose-(1-4)-2-acetamido-2-deoxy-beta-D-glucopyranose
5 branched alpha-D-mannopyranose-(1-3)-[alpha-D-mannopyranose-(1-6)]beta-D-mannopyranose-(1-4)-2-acetamido-2-deoxy-beta-D-glucopyranose-(1-4)-2-acetamido-2-deoxy-beta-D-glucopyranose
6 non-polymer '4-(2-HYDROXYETHYL)-1-PIPERAZINE ETHANESULFONIC ACID'
7 non-polymer 2-acetamido-2-deoxy-beta-D-glucopyranose
#
loop_
_entity_poly.entity_id
_entity_poly.type
_entity_poly.pdbx_seq_one_letter_code
_entity_poly.pdbx_strand_id
1 'polypeptide(L)'
;MWGLAGGRLFGIFSAPVLVAVVCCAQSVNDPGNMSFVKETVDKLLKGYDIRLRPDFGGPPVCVGMNIDIASIDMVSEVNM
DYTLTMYFQQYWRDKRLAYSGIPLNLTLDNRVADQLWVPDTYFLNDKKSFVHGVTVKNRMIRLHPDGTVLYGLRITTTAA
CMMDLRRYPLDEQNCTLEIESYGYTTDDIEFYWRGGDKAVTGVERIELPQFSIVEHRLVSRNVVFATGAYPRLSLSFRLK
RNIGYFILQTYMPSILITILSWVSFWINYDASAARVALGITTVLTMTTINTHLRETLPKIPYVKAIDMYLMGCFVFVFLA
LLEYAFVNYIFFGRGPQRQKKLAEKTAKAKNDRSKSESNRVDAHGNILLTSLEVHNEMNEVSGGIGDTRNSAISFDNSGI
QYRKQSMPREGHGRFLGDRSLPHKKTHLRRRSSQLKIKIPDLTDVNAIDRWSRIVFPFTFSLFNLVYWLYYVN
;
A,B,C,D
2 'polypeptide(L)'
;MDAPARLLAPLLLLCAQQLRGTRAMNDIGDYVGSNLEISWLPNLDGLIAGYARNFRPGIGGPPVNVALALEVASIDHISE
ANMEYTMTVFLHQSWRDSRLSYNHTNETLGLDSRFVDKLWLPDTFIVNAKSAWFHDVTVENKLIRLQPDGVILYSIRITS
TVACDMDLAKYPMDEQECMLDLESYGYSSEDIVYYWSESQEHIHGLDKLQLAQFTITSYRFTTELMNFKSAGQFPRLSLH
FHLRRNRGVYIIQSYMPSVLLVAMSWVSFWISQAAVPARVSLGITTVLTMTTLMVSARSSLPRASAIKALDVYFWICYVF
VFAALVEYAFAHFNADYRKKQKAKVKVSRPRAEMDVRNAIVLFSLSAAGVTQELAISRRQRRVPGNLMGSYRSVGVETGE
TKKEGAARSGGQGGIRARLRPIDADTIDIYARAVFPAAFAAVNVIYWAAYAMGGSGGSGGSGKTETSQVAPA
;
E
3 'polypeptide(L)'
;QVQLVESGGGLVQGSLRLSCAASGHTFNYPIMGWFRQAPGKEREFVGAISWSGGSTSYADSVKDRFTISRDNAKNTVYLE
MNNLKPEDTAVYYCAAKGRYSGGLYYPTNYDYWGQGTQVTV
;
K,L,M
#
loop_
_chem_comp.id
_chem_comp.type
_chem_comp.name
_chem_comp.formula
BMA D-saccharide, beta linking beta-D-mannopyranose 'C6 H12 O6'
EPE non-polymer '4-(2-HYDROXYETHYL)-1-PIPERAZINE ETHANESULFONIC ACID' 'C8 H18 N2 O4 S'
MAN D-saccharide, alpha linking alpha-D-mannopyranose 'C6 H12 O6'
NAG D-saccharide, beta linking 2-acetamido-2-deoxy-beta-D-glucopyranose 'C8 H15 N O6'
#
# COMPACT_ATOMS: atom_id res chain seq x y z
N GLY A 32 34.47 9.29 38.47
CA GLY A 32 33.27 8.64 38.98
C GLY A 32 32.28 9.59 39.58
N ASN A 33 32.06 10.72 38.91
CA ASN A 33 31.15 11.76 39.39
C ASN A 33 29.74 11.59 38.83
N MET A 34 29.36 10.37 38.45
CA MET A 34 28.00 10.13 37.98
C MET A 34 26.97 10.43 39.06
N SER A 35 27.28 10.06 40.31
CA SER A 35 26.40 10.39 41.43
C SER A 35 26.28 11.89 41.61
N PHE A 36 27.40 12.61 41.48
CA PHE A 36 27.36 14.07 41.57
C PHE A 36 26.52 14.68 40.45
N VAL A 37 26.66 14.16 39.23
CA VAL A 37 25.83 14.63 38.13
C VAL A 37 24.36 14.27 38.38
N LYS A 38 24.11 13.06 38.88
CA LYS A 38 22.75 12.66 39.20
C LYS A 38 22.12 13.56 40.26
N GLU A 39 22.89 13.90 41.29
CA GLU A 39 22.41 14.84 42.30
C GLU A 39 22.15 16.21 41.69
N THR A 40 23.03 16.66 40.80
CA THR A 40 22.84 17.96 40.16
C THR A 40 21.57 17.99 39.32
N VAL A 41 21.33 16.94 38.54
CA VAL A 41 20.16 16.91 37.67
C VAL A 41 18.88 16.77 38.50
N ASP A 42 18.91 15.95 39.55
CA ASP A 42 17.75 15.82 40.41
C ASP A 42 17.41 17.14 41.10
N LYS A 43 18.43 17.92 41.47
CA LYS A 43 18.20 19.24 42.04
C LYS A 43 17.52 20.16 41.04
N LEU A 44 17.93 20.08 39.77
CA LEU A 44 17.34 20.93 38.75
C LEU A 44 15.86 20.62 38.55
N LEU A 45 15.50 19.34 38.56
CA LEU A 45 14.12 18.93 38.32
C LEU A 45 13.27 18.92 39.58
N LYS A 46 13.85 19.20 40.74
CA LYS A 46 13.09 19.27 41.98
C LYS A 46 12.37 20.61 42.05
N GLY A 47 11.05 20.57 42.05
CA GLY A 47 10.25 21.78 42.01
C GLY A 47 10.07 22.38 40.63
N TYR A 48 10.62 21.76 39.60
CA TYR A 48 10.46 22.27 38.24
C TYR A 48 9.02 22.11 37.78
N ASP A 49 8.44 23.17 37.23
CA ASP A 49 7.06 23.17 36.77
C ASP A 49 7.07 23.27 35.25
N ILE A 50 6.70 22.17 34.58
CA ILE A 50 6.64 22.16 33.13
C ILE A 50 5.51 23.03 32.60
N ARG A 51 4.50 23.31 33.41
CA ARG A 51 3.36 24.10 32.96
C ARG A 51 3.71 25.57 32.75
N LEU A 52 4.83 26.03 33.31
CA LEU A 52 5.22 27.43 33.22
C LEU A 52 6.43 27.58 32.31
N ARG A 53 6.35 28.53 31.39
CA ARG A 53 7.47 28.83 30.51
C ARG A 53 8.57 29.52 31.29
N PRO A 54 9.81 29.48 30.79
CA PRO A 54 10.89 30.23 31.45
C PRO A 54 10.56 31.72 31.50
N ASP A 55 10.91 32.35 32.62
CA ASP A 55 10.61 33.77 32.87
C ASP A 55 9.13 34.04 32.70
N PHE A 56 8.30 33.18 33.30
CA PHE A 56 6.86 33.33 33.22
C PHE A 56 6.43 34.65 33.86
N GLY A 57 5.57 35.39 33.16
CA GLY A 57 5.14 36.68 33.64
C GLY A 57 6.12 37.81 33.41
N GLY A 58 7.25 37.54 32.75
CA GLY A 58 8.24 38.56 32.50
C GLY A 58 8.52 38.73 31.02
N PRO A 59 9.79 38.97 30.67
CA PRO A 59 10.13 39.16 29.26
C PRO A 59 9.91 37.88 28.48
N PRO A 60 9.57 37.99 27.20
CA PRO A 60 9.39 36.77 26.39
C PRO A 60 10.70 36.02 26.22
N VAL A 61 10.58 34.71 26.10
CA VAL A 61 11.74 33.84 25.91
C VAL A 61 12.06 33.75 24.42
N CYS A 62 13.30 34.05 24.07
CA CYS A 62 13.74 34.01 22.68
C CYS A 62 14.16 32.58 22.33
N VAL A 63 13.59 32.06 21.24
CA VAL A 63 13.85 30.70 20.79
C VAL A 63 14.54 30.78 19.44
N GLY A 64 15.78 30.28 19.37
CA GLY A 64 16.51 30.23 18.12
C GLY A 64 16.31 28.89 17.43
N MET A 65 16.08 28.93 16.12
CA MET A 65 15.73 27.75 15.35
C MET A 65 16.66 27.59 14.16
N ASN A 66 17.18 26.38 13.99
N ASN A 66 17.17 26.38 13.97
CA ASN A 66 17.94 25.98 12.83
CA ASN A 66 17.92 26.04 12.78
C ASN A 66 17.31 24.74 12.22
C ASN A 66 17.43 24.71 12.23
N ILE A 67 17.42 24.59 10.91
CA ILE A 67 16.88 23.43 10.21
C ILE A 67 17.99 22.82 9.37
N ASP A 68 18.21 21.52 9.54
CA ASP A 68 19.12 20.75 8.70
C ASP A 68 18.25 19.85 7.82
N ILE A 69 18.12 20.22 6.55
CA ILE A 69 17.26 19.48 5.64
CA ILE A 69 17.25 19.47 5.65
C ILE A 69 17.92 18.16 5.27
N ALA A 70 17.19 17.06 5.45
CA ALA A 70 17.69 15.74 5.07
C ALA A 70 17.38 15.43 3.61
N SER A 71 16.13 15.59 3.22
CA SER A 71 15.71 15.35 1.84
C SER A 71 14.29 15.87 1.65
N ILE A 72 13.92 16.05 0.38
CA ILE A 72 12.54 16.31 -0.01
C ILE A 72 12.09 15.11 -0.82
N ASP A 73 11.33 14.22 -0.18
CA ASP A 73 11.03 12.93 -0.79
C ASP A 73 10.14 13.09 -2.01
N MET A 74 9.04 13.81 -1.89
CA MET A 74 8.06 13.90 -2.96
C MET A 74 7.56 15.33 -3.10
N VAL A 75 7.21 15.70 -4.33
CA VAL A 75 6.50 16.93 -4.64
C VAL A 75 5.31 16.54 -5.48
N SER A 76 4.10 16.74 -4.95
CA SER A 76 2.88 16.25 -5.56
C SER A 76 2.07 17.43 -6.08
N GLU A 77 1.82 17.43 -7.39
CA GLU A 77 0.95 18.46 -7.97
C GLU A 77 -0.52 18.17 -7.72
N VAL A 78 -0.90 16.89 -7.72
CA VAL A 78 -2.30 16.53 -7.52
CA VAL A 78 -2.30 16.54 -7.52
C VAL A 78 -2.74 16.92 -6.11
N ASN A 79 -1.92 16.63 -5.11
CA ASN A 79 -2.25 16.98 -3.73
C ASN A 79 -1.75 18.34 -3.32
N MET A 80 -0.95 19.00 -4.17
CA MET A 80 -0.40 20.32 -3.88
C MET A 80 0.32 20.35 -2.53
N ASP A 81 1.26 19.43 -2.37
CA ASP A 81 2.03 19.33 -1.14
C ASP A 81 3.37 18.68 -1.42
N TYR A 82 4.29 18.81 -0.48
CA TYR A 82 5.60 18.19 -0.57
C TYR A 82 5.95 17.55 0.75
N THR A 83 6.77 16.50 0.69
CA THR A 83 7.21 15.78 1.88
C THR A 83 8.64 16.20 2.22
N LEU A 84 8.85 16.62 3.46
CA LEU A 84 10.13 17.15 3.90
C LEU A 84 10.60 16.41 5.14
N THR A 85 11.86 15.96 5.11
CA THR A 85 12.51 15.36 6.27
C THR A 85 13.66 16.26 6.68
N MET A 86 13.73 16.58 7.97
CA MET A 86 14.68 17.59 8.44
C MET A 86 15.00 17.35 9.90
N TYR A 87 16.10 17.97 10.34
CA TYR A 87 16.48 18.02 11.75
C TYR A 87 16.09 19.39 12.28
N PHE A 88 15.11 19.43 13.18
CA PHE A 88 14.58 20.68 13.71
C PHE A 88 15.18 20.94 15.08
N GLN A 89 16.04 21.94 15.16
CA GLN A 89 16.72 22.29 16.40
C GLN A 89 16.15 23.59 16.96
N GLN A 90 15.93 23.60 18.28
CA GLN A 90 15.42 24.78 18.98
C GLN A 90 16.39 25.14 20.10
N TYR A 91 16.72 26.43 20.19
CA TYR A 91 17.65 26.95 21.17
C TYR A 91 16.95 27.98 22.05
N TRP A 92 17.03 27.78 23.36
CA TRP A 92 16.49 28.76 24.29
C TRP A 92 17.19 28.58 25.63
N ARG A 93 17.13 29.63 26.45
CA ARG A 93 17.77 29.63 27.76
C ARG A 93 16.71 29.53 28.85
N ASP A 94 16.91 28.59 29.77
CA ASP A 94 16.03 28.42 30.93
C ASP A 94 16.90 28.47 32.18
N LYS A 95 16.81 29.57 32.92
CA LYS A 95 17.64 29.73 34.11
C LYS A 95 17.34 28.72 35.20
N ARG A 96 16.15 28.10 35.16
CA ARG A 96 15.83 27.06 36.12
C ARG A 96 16.70 25.82 35.95
N LEU A 97 17.28 25.62 34.77
CA LEU A 97 18.11 24.46 34.49
C LEU A 97 19.61 24.78 34.56
N ALA A 98 19.97 25.98 35.00
CA ALA A 98 21.37 26.33 35.12
C ALA A 98 22.04 25.54 36.24
N TYR A 99 23.25 25.04 35.97
CA TYR A 99 24.00 24.26 36.93
C TYR A 99 25.43 24.76 36.99
N SER A 100 26.07 24.57 38.13
CA SER A 100 27.44 25.02 38.36
C SER A 100 28.28 23.87 38.88
N GLY A 101 29.59 23.98 38.68
CA GLY A 101 30.53 22.98 39.11
C GLY A 101 30.81 21.88 38.10
N ILE A 102 30.09 21.85 36.99
CA ILE A 102 30.29 20.86 35.93
C ILE A 102 30.63 21.61 34.65
N PRO A 103 31.91 21.69 34.29
CA PRO A 103 32.32 22.39 33.06
C PRO A 103 32.12 21.56 31.80
N LEU A 104 30.93 20.99 31.67
CA LEU A 104 30.59 20.14 30.52
C LEU A 104 29.16 20.40 30.10
N ASN A 105 28.87 20.05 28.85
CA ASN A 105 27.51 20.13 28.32
C ASN A 105 26.83 18.78 28.53
N LEU A 106 25.78 18.76 29.35
CA LEU A 106 25.12 17.52 29.72
C LEU A 106 24.22 17.07 28.57
N THR A 107 24.64 16.02 27.87
CA THR A 107 23.81 15.38 26.85
C THR A 107 23.00 14.29 27.52
N LEU A 108 21.73 14.57 27.78
CA LEU A 108 20.88 13.66 28.52
C LEU A 108 20.08 12.76 27.57
N ASP A 109 19.44 11.76 28.15
CA ASP A 109 18.58 10.87 27.38
C ASP A 109 17.38 11.65 26.85
N ASN A 110 16.89 11.22 25.68
CA ASN A 110 15.77 11.92 25.06
C ASN A 110 14.50 11.85 25.89
N ARG A 111 14.39 10.89 26.80
CA ARG A 111 13.22 10.77 27.65
C ARG A 111 13.14 11.86 28.71
N VAL A 112 14.22 12.60 28.94
CA VAL A 112 14.19 13.70 29.91
C VAL A 112 13.40 14.90 29.39
N ALA A 113 13.12 14.96 28.09
CA ALA A 113 12.37 16.07 27.54
C ALA A 113 10.93 16.10 28.05
N ASP A 114 10.41 14.99 28.56
CA ASP A 114 9.06 14.97 29.11
C ASP A 114 8.96 15.71 30.43
N GLN A 115 10.07 15.88 31.15
CA GLN A 115 10.09 16.61 32.40
C GLN A 115 10.59 18.04 32.24
N LEU A 116 10.74 18.51 31.00
CA LEU A 116 11.22 19.85 30.72
C LEU A 116 10.21 20.61 29.87
N TRP A 117 10.16 21.92 30.07
CA TRP A 117 9.33 22.78 29.23
C TRP A 117 9.96 22.89 27.85
N VAL A 118 9.16 22.73 26.81
CA VAL A 118 9.61 22.89 25.43
C VAL A 118 8.66 23.83 24.72
N PRO A 119 9.12 24.59 23.72
CA PRO A 119 8.21 25.47 22.99
C PRO A 119 7.13 24.69 22.27
N ASP A 120 5.95 25.29 22.17
CA ASP A 120 4.83 24.66 21.47
C ASP A 120 4.93 24.95 19.98
N THR A 121 6.06 24.64 19.38
CA THR A 121 6.28 24.94 17.98
C THR A 121 5.50 23.96 17.09
N TYR A 122 4.77 24.50 16.13
CA TYR A 122 4.03 23.70 15.17
C TYR A 122 4.17 24.33 13.79
N PHE A 123 3.90 23.52 12.77
CA PHE A 123 3.98 23.97 11.38
C PHE A 123 2.57 24.28 10.90
N LEU A 124 2.36 25.52 10.46
CA LEU A 124 1.00 25.97 10.15
C LEU A 124 0.46 25.32 8.89
N ASN A 125 1.30 25.11 7.89
CA ASN A 125 0.86 24.63 6.59
C ASN A 125 1.06 23.12 6.41
N ASP A 126 1.45 22.40 7.46
CA ASP A 126 1.67 20.97 7.33
C ASP A 126 0.33 20.23 7.27
N LYS A 127 0.35 19.09 6.60
CA LYS A 127 -0.83 18.24 6.47
C LYS A 127 -0.74 16.96 7.29
N LYS A 128 0.45 16.39 7.44
CA LYS A 128 0.65 15.20 8.26
C LYS A 128 2.13 15.11 8.60
N SER A 129 2.46 15.10 9.88
CA SER A 129 3.83 15.08 10.34
CA SER A 129 3.83 15.06 10.32
C SER A 129 3.98 14.10 11.49
N PHE A 130 5.19 13.59 11.66
CA PHE A 130 5.49 12.65 12.74
C PHE A 130 6.97 12.75 13.08
N VAL A 131 7.32 12.23 14.25
CA VAL A 131 8.70 12.17 14.72
C VAL A 131 9.13 10.71 14.71
N HIS A 132 10.27 10.44 14.08
CA HIS A 132 10.77 9.07 13.99
C HIS A 132 11.09 8.52 15.38
N GLY A 133 10.78 7.23 15.57
CA GLY A 133 10.94 6.62 16.87
C GLY A 133 11.65 5.28 16.87
N VAL A 134 12.59 5.09 15.94
CA VAL A 134 13.38 3.88 15.85
C VAL A 134 14.85 4.27 15.83
N THR A 135 15.65 3.65 16.71
CA THR A 135 15.20 2.65 17.66
C THR A 135 14.57 3.29 18.91
N VAL A 136 14.84 4.58 19.07
CA VAL A 136 14.18 5.41 20.07
C VAL A 136 13.68 6.66 19.36
N LYS A 137 12.94 7.48 20.10
CA LYS A 137 12.43 8.72 19.53
C LYS A 137 13.59 9.61 19.10
N ASN A 138 13.53 10.10 17.86
CA ASN A 138 14.60 10.91 17.28
C ASN A 138 14.56 12.29 17.93
N ARG A 139 15.09 12.35 19.15
CA ARG A 139 15.01 13.54 19.98
C ARG A 139 16.32 13.71 20.73
N MET A 140 16.76 14.96 20.88
CA MET A 140 18.02 15.26 21.53
C MET A 140 17.82 16.38 22.54
N ILE A 141 18.35 16.19 23.76
CA ILE A 141 18.37 17.21 24.78
C ILE A 141 19.82 17.41 25.21
N ARG A 142 20.28 18.66 25.17
CA ARG A 142 21.65 18.99 25.54
C ARG A 142 21.63 20.26 26.38
N LEU A 143 21.85 20.11 27.69
CA LEU A 143 21.86 21.24 28.59
C LEU A 143 23.22 21.94 28.57
N HIS A 144 23.23 23.17 29.07
CA HIS A 144 24.45 23.98 29.16
C HIS A 144 24.55 24.58 30.55
N PRO A 145 25.77 24.90 31.00
CA PRO A 145 25.92 25.44 32.37
C PRO A 145 25.15 26.72 32.61
N ASP A 146 24.98 27.56 31.60
CA ASP A 146 24.26 28.82 31.77
C ASP A 146 22.74 28.66 31.68
N GLY A 147 22.25 27.44 31.48
CA GLY A 147 20.82 27.20 31.36
C GLY A 147 20.33 27.07 29.93
N THR A 148 21.21 27.21 28.94
CA THR A 148 20.79 27.05 27.55
C THR A 148 20.39 25.60 27.27
N VAL A 149 19.30 25.43 26.54
CA VAL A 149 18.76 24.12 26.22
C VAL A 149 18.75 23.95 24.71
N LEU A 150 19.33 22.85 24.23
N LEU A 150 19.33 22.85 24.23
CA LEU A 150 19.30 22.49 22.82
CA LEU A 150 19.30 22.50 22.81
C LEU A 150 18.32 21.34 22.66
C LEU A 150 18.34 21.34 22.63
N TYR A 151 17.32 21.54 21.80
CA TYR A 151 16.26 20.56 21.58
C TYR A 151 16.17 20.26 20.09
N GLY A 152 16.51 19.03 19.71
CA GLY A 152 16.53 18.63 18.32
C GLY A 152 15.53 17.51 18.04
N LEU A 153 14.89 17.57 16.89
CA LEU A 153 13.92 16.57 16.47
C LEU A 153 14.11 16.27 14.99
N ARG A 154 14.03 14.99 14.64
CA ARG A 154 14.02 14.56 13.24
C ARG A 154 12.57 14.37 12.83
N ILE A 155 12.07 15.25 11.97
CA ILE A 155 10.66 15.33 11.64
C ILE A 155 10.48 15.11 10.15
N THR A 156 9.58 14.21 9.79
CA THR A 156 9.12 14.06 8.41
C THR A 156 7.74 14.68 8.30
N THR A 157 7.63 15.74 7.50
CA THR A 157 6.41 16.52 7.43
C THR A 157 5.93 16.63 5.99
N THR A 158 4.62 16.61 5.81
CA THR A 158 3.97 16.84 4.52
C THR A 158 3.28 18.19 4.60
N ALA A 159 3.87 19.20 3.93
CA ALA A 159 3.39 20.57 4.00
C ALA A 159 2.68 20.93 2.71
N ALA A 160 1.51 21.56 2.82
CA ALA A 160 0.76 21.97 1.66
C ALA A 160 1.49 23.08 0.92
N CYS A 161 1.40 23.06 -0.42
CA CYS A 161 2.04 24.07 -1.26
C CYS A 161 1.15 24.29 -2.47
N MET A 162 0.40 25.40 -2.47
CA MET A 162 -0.42 25.75 -3.62
C MET A 162 0.49 26.06 -4.81
N MET A 163 0.13 25.52 -5.97
CA MET A 163 0.95 25.62 -7.16
C MET A 163 0.17 26.30 -8.29
N ASP A 164 0.86 27.18 -9.02
CA ASP A 164 0.29 27.85 -10.19
C ASP A 164 0.73 27.04 -11.41
N LEU A 165 -0.22 26.32 -12.01
CA LEU A 165 0.06 25.44 -13.13
C LEU A 165 -0.31 26.06 -14.48
N ARG A 166 -0.42 27.39 -14.53
CA ARG A 166 -0.72 28.04 -15.79
C ARG A 166 0.40 27.86 -16.80
N ARG A 167 1.65 27.91 -16.33
CA ARG A 167 2.81 27.74 -17.19
C ARG A 167 3.35 26.31 -17.15
N TYR A 168 2.60 25.38 -16.56
CA TYR A 168 3.02 23.99 -16.49
C TYR A 168 3.20 23.42 -17.90
N PRO A 169 4.24 22.62 -18.16
CA PRO A 169 5.28 22.19 -17.20
C PRO A 169 6.49 23.11 -17.12
N LEU A 170 6.42 24.29 -17.74
CA LEU A 170 7.50 25.26 -17.69
C LEU A 170 7.33 26.25 -16.54
N ASP A 171 6.68 25.84 -15.47
CA ASP A 171 6.33 26.72 -14.36
C ASP A 171 7.44 26.74 -13.31
N GLU A 172 7.36 27.74 -12.43
CA GLU A 172 8.26 27.88 -11.30
C GLU A 172 7.42 28.00 -10.04
N GLN A 173 7.75 27.20 -9.03
CA GLN A 173 6.92 27.09 -7.83
C GLN A 173 7.67 27.60 -6.62
N ASN A 174 6.91 28.15 -5.67
CA ASN A 174 7.45 28.69 -4.42
C ASN A 174 6.71 28.00 -3.27
N CYS A 175 7.36 27.00 -2.66
CA CYS A 175 6.79 26.25 -1.55
C CYS A 175 7.41 26.73 -0.25
N THR A 176 6.56 26.97 0.75
CA THR A 176 6.98 27.54 2.02
C THR A 176 6.75 26.55 3.15
N LEU A 177 7.44 26.79 4.26
CA LEU A 177 7.26 26.04 5.50
C LEU A 177 7.07 27.04 6.63
N GLU A 178 5.84 27.14 7.14
CA GLU A 178 5.50 28.12 8.14
C GLU A 178 5.72 27.54 9.53
N ILE A 179 6.49 28.26 10.36
CA ILE A 179 6.81 27.85 11.72
C ILE A 179 6.23 28.89 12.67
N GLU A 180 5.45 28.43 13.64
CA GLU A 180 4.76 29.34 14.53
C GLU A 180 4.54 28.68 15.88
N SER A 181 4.39 29.50 16.91
CA SER A 181 4.00 29.05 18.23
C SER A 181 2.49 28.95 18.32
N TYR A 182 1.99 27.89 18.94
CA TYR A 182 0.54 27.66 18.93
C TYR A 182 -0.16 28.44 20.04
N GLY A 183 0.36 28.38 21.26
CA GLY A 183 -0.32 28.99 22.38
C GLY A 183 0.27 30.30 22.86
N TYR A 184 1.60 30.40 22.85
CA TYR A 184 2.27 31.58 23.37
C TYR A 184 2.32 32.68 22.32
N THR A 185 1.92 33.89 22.71
CA THR A 185 1.94 35.03 21.82
C THR A 185 3.33 35.67 21.82
N THR A 186 3.47 36.79 21.10
CA THR A 186 4.74 37.49 21.06
C THR A 186 5.13 38.07 22.40
N ASP A 187 4.16 38.27 23.30
CA ASP A 187 4.47 38.74 24.65
C ASP A 187 5.12 37.67 25.50
N ASP A 188 5.01 36.40 25.10
CA ASP A 188 5.56 35.30 25.88
C ASP A 188 6.70 34.57 25.21
N ILE A 189 6.79 34.60 23.87
CA ILE A 189 7.82 33.87 23.16
C ILE A 189 8.18 34.64 21.89
N GLU A 190 9.43 34.51 21.47
CA GLU A 190 9.92 35.12 20.24
C GLU A 190 10.75 34.10 19.46
N PHE A 191 10.62 34.15 18.14
CA PHE A 191 11.34 33.25 17.26
C PHE A 191 12.35 34.02 16.42
N TYR A 192 13.53 33.43 16.22
CA TYR A 192 14.54 34.00 15.34
C TYR A 192 15.34 32.86 14.73
N TRP A 193 15.88 33.12 13.54
CA TRP A 193 16.74 32.15 12.87
C TRP A 193 18.13 32.23 13.47
N ARG A 194 18.54 31.17 14.17
CA ARG A 194 19.86 31.16 14.80
C ARG A 194 20.93 31.01 13.73
N GLY A 195 21.79 32.02 13.61
CA GLY A 195 22.81 32.04 12.58
C GLY A 195 22.47 32.87 11.36
N GLY A 196 21.36 33.62 11.39
CA GLY A 196 21.02 34.45 10.25
C GLY A 196 20.62 33.61 9.04
N ASP A 197 21.18 33.97 7.88
CA ASP A 197 20.88 33.26 6.65
C ASP A 197 21.47 31.86 6.60
N LYS A 198 22.35 31.52 7.55
CA LYS A 198 22.94 30.19 7.61
C LYS A 198 22.17 29.26 8.54
N ALA A 199 20.99 29.66 9.01
CA ALA A 199 20.22 28.83 9.93
C ALA A 199 19.79 27.52 9.27
N VAL A 200 19.39 27.58 8.00
CA VAL A 200 18.92 26.41 7.27
C VAL A 200 20.06 25.89 6.40
N THR A 201 20.45 24.64 6.63
CA THR A 201 21.50 23.98 5.86
C THR A 201 20.93 22.73 5.20
N GLY A 202 21.77 22.04 4.43
CA GLY A 202 21.35 20.84 3.75
C GLY A 202 20.52 21.06 2.51
N VAL A 203 20.44 22.29 2.01
CA VAL A 203 19.65 22.56 0.81
C VAL A 203 20.27 21.85 -0.39
N GLU A 204 21.61 21.76 -0.43
CA GLU A 204 22.27 21.05 -1.51
C GLU A 204 21.99 19.56 -1.49
N ARG A 205 21.57 19.01 -0.33
CA ARG A 205 21.23 17.59 -0.27
C ARG A 205 19.95 17.27 -1.01
N ILE A 206 19.12 18.26 -1.32
CA ILE A 206 17.86 18.02 -1.98
C ILE A 206 18.11 17.57 -3.41
N GLU A 207 17.62 16.38 -3.74
CA GLU A 207 17.79 15.80 -5.08
C GLU A 207 16.40 15.45 -5.62
N LEU A 208 15.75 16.43 -6.23
CA LEU A 208 14.44 16.21 -6.84
C LEU A 208 14.60 15.88 -8.31
N PRO A 209 14.14 14.72 -8.77
CA PRO A 209 14.27 14.39 -10.19
C PRO A 209 13.53 15.37 -11.10
N GLN A 210 12.45 15.98 -10.62
CA GLN A 210 11.63 16.86 -11.45
C GLN A 210 11.86 18.34 -11.19
N PHE A 211 12.50 18.70 -10.08
CA PHE A 211 12.68 20.09 -9.72
C PHE A 211 14.12 20.36 -9.32
N SER A 212 14.50 21.64 -9.36
CA SER A 212 15.80 22.11 -8.90
C SER A 212 15.59 23.29 -7.96
N ILE A 213 16.39 23.33 -6.90
CA ILE A 213 16.26 24.36 -5.88
C ILE A 213 16.99 25.61 -6.38
N VAL A 214 16.23 26.57 -6.90
CA VAL A 214 16.84 27.81 -7.40
C VAL A 214 17.33 28.65 -6.24
N GLU A 215 16.53 28.81 -5.20
CA GLU A 215 16.86 29.69 -4.09
C GLU A 215 16.01 29.34 -2.89
N HIS A 216 16.51 29.64 -1.70
CA HIS A 216 15.77 29.52 -0.46
C HIS A 216 15.91 30.79 0.35
N ARG A 217 14.86 31.16 1.07
CA ARG A 217 14.82 32.39 1.83
C ARG A 217 14.32 32.13 3.24
N LEU A 218 14.77 32.96 4.18
CA LEU A 218 14.36 32.92 5.57
C LEU A 218 13.63 34.20 5.91
N VAL A 219 12.42 34.08 6.45
CA VAL A 219 11.57 35.22 6.77
C VAL A 219 11.14 35.12 8.22
N SER A 220 11.30 36.21 8.96
CA SER A 220 10.83 36.33 10.33
C SER A 220 9.84 37.47 10.41
N ARG A 221 8.66 37.20 10.96
CA ARG A 221 7.60 38.20 11.02
C ARG A 221 6.62 37.83 12.12
N ASN A 222 5.65 38.71 12.34
CA ASN A 222 4.61 38.51 13.34
C ASN A 222 3.25 38.44 12.64
N VAL A 223 2.44 37.47 13.04
CA VAL A 223 1.12 37.25 12.45
C VAL A 223 0.09 37.43 13.57
N VAL A 224 -0.95 38.22 13.28
CA VAL A 224 -1.96 38.58 14.27
C VAL A 224 -3.23 37.79 14.02
N PHE A 225 -3.72 37.11 15.04
CA PHE A 225 -5.00 36.42 15.04
C PHE A 225 -5.90 37.05 16.09
N ALA A 226 -7.10 36.48 16.25
CA ALA A 226 -8.01 36.98 17.27
C ALA A 226 -7.46 36.74 18.67
N THR A 227 -6.81 35.59 18.89
CA THR A 227 -6.24 35.30 20.20
C THR A 227 -5.05 36.21 20.50
N GLY A 228 -4.36 36.70 19.49
CA GLY A 228 -3.25 37.61 19.69
C GLY A 228 -2.28 37.55 18.53
N ALA A 229 -1.15 38.23 18.71
CA ALA A 229 -0.09 38.24 17.71
C ALA A 229 0.92 37.13 18.02
N TYR A 230 1.34 36.41 16.99
CA TYR A 230 2.22 35.27 17.19
C TYR A 230 3.46 35.38 16.33
N PRO A 231 4.61 34.92 16.82
CA PRO A 231 5.83 34.97 16.00
C PRO A 231 5.79 33.92 14.91
N ARG A 232 6.28 34.31 13.72
CA ARG A 232 6.24 33.44 12.55
C ARG A 232 7.63 33.36 11.94
N LEU A 233 8.06 32.13 11.67
CA LEU A 233 9.26 31.87 10.89
C LEU A 233 8.84 31.14 9.62
N SER A 234 9.33 31.61 8.47
N SER A 234 9.33 31.61 8.47
CA SER A 234 8.94 31.06 7.19
CA SER A 234 8.94 31.05 7.19
C SER A 234 10.20 30.63 6.43
C SER A 234 10.18 30.64 6.42
N LEU A 235 10.18 29.40 5.91
CA LEU A 235 11.25 28.88 5.07
C LEU A 235 10.65 28.55 3.72
N SER A 236 11.14 29.20 2.67
CA SER A 236 10.56 29.08 1.34
C SER A 236 11.61 28.63 0.35
N PHE A 237 11.22 27.75 -0.58
CA PHE A 237 12.07 27.29 -1.66
C PHE A 237 11.42 27.66 -2.99
N ARG A 238 12.23 28.11 -3.93
CA ARG A 238 11.77 28.34 -5.30
C ARG A 238 12.20 27.16 -6.16
N LEU A 239 11.23 26.44 -6.70
N LEU A 239 11.23 26.44 -6.70
CA LEU A 239 11.48 25.22 -7.46
CA LEU A 239 11.47 25.22 -7.46
C LEU A 239 11.25 25.47 -8.94
C LEU A 239 11.25 25.49 -8.94
N LYS A 240 12.22 25.07 -9.76
CA LYS A 240 12.13 25.17 -11.21
C LYS A 240 11.97 23.77 -11.78
N ARG A 241 10.89 23.54 -12.52
CA ARG A 241 10.61 22.21 -13.05
C ARG A 241 11.54 21.90 -14.20
N ASN A 242 11.94 20.63 -14.30
CA ASN A 242 12.81 20.15 -15.37
C ASN A 242 11.96 19.75 -16.57
N ILE A 243 12.30 20.31 -17.74
CA ILE A 243 11.53 20.05 -18.96
C ILE A 243 11.96 18.79 -19.68
N GLY A 244 13.04 18.13 -19.23
CA GLY A 244 13.54 16.97 -19.95
C GLY A 244 12.55 15.83 -20.02
N TYR A 245 11.87 15.55 -18.90
CA TYR A 245 10.90 14.46 -18.89
C TYR A 245 9.71 14.74 -19.80
N PHE A 246 9.20 15.98 -19.77
CA PHE A 246 7.99 16.30 -20.51
C PHE A 246 8.24 16.40 -22.01
N ILE A 247 9.45 16.74 -22.42
CA ILE A 247 9.77 16.77 -23.84
C ILE A 247 9.64 15.38 -24.44
N LEU A 248 10.19 14.38 -23.75
CA LEU A 248 10.13 13.01 -24.26
C LEU A 248 8.73 12.42 -24.07
N GLN A 249 8.11 12.68 -22.93
CA GLN A 249 6.84 12.01 -22.62
C GLN A 249 5.68 12.58 -23.43
N THR A 250 5.60 13.90 -23.57
CA THR A 250 4.42 14.52 -24.15
C THR A 250 4.71 15.27 -25.45
N TYR A 251 5.70 16.17 -25.45
CA TYR A 251 5.92 17.02 -26.61
C TYR A 251 6.36 16.21 -27.82
N MET A 252 7.30 15.29 -27.64
CA MET A 252 7.78 14.49 -28.77
C MET A 252 6.67 13.63 -29.38
N PRO A 253 5.88 12.85 -28.62
CA PRO A 253 4.81 12.09 -29.26
C PRO A 253 3.81 12.97 -30.00
N SER A 254 3.51 14.15 -29.47
CA SER A 254 2.57 15.06 -30.14
C SER A 254 3.12 15.53 -31.48
N ILE A 255 4.41 15.85 -31.53
CA ILE A 255 5.02 16.27 -32.79
C ILE A 255 5.02 15.11 -33.79
N LEU A 256 5.35 13.90 -33.33
CA LEU A 256 5.42 12.76 -34.23
C LEU A 256 4.05 12.44 -34.84
N ILE A 257 2.99 12.55 -34.05
CA ILE A 257 1.64 12.34 -34.57
C ILE A 257 1.30 13.41 -35.61
N THR A 258 1.67 14.67 -35.34
CA THR A 258 1.43 15.73 -36.31
C THR A 258 2.19 15.49 -37.60
N ILE A 259 3.45 15.04 -37.50
CA ILE A 259 4.21 14.68 -38.68
C ILE A 259 3.59 13.49 -39.38
N LEU A 260 3.03 12.55 -38.60
CA LEU A 260 2.39 11.37 -39.18
C LEU A 260 1.20 11.76 -40.04
N SER A 261 0.45 12.78 -39.62
CA SER A 261 -0.70 13.22 -40.41
C SER A 261 -0.28 13.82 -41.74
N TRP A 262 0.94 14.39 -41.81
CA TRP A 262 1.42 14.98 -43.05
C TRP A 262 1.70 13.96 -44.13
N VAL A 263 1.82 12.68 -43.76
CA VAL A 263 2.09 11.63 -44.75
C VAL A 263 0.92 11.49 -45.71
N SER A 264 -0.30 11.79 -45.26
CA SER A 264 -1.47 11.64 -46.13
C SER A 264 -1.40 12.56 -47.34
N PHE A 265 -0.67 13.67 -47.24
CA PHE A 265 -0.57 14.59 -48.36
C PHE A 265 0.13 13.95 -49.55
N TRP A 266 1.14 13.13 -49.29
CA TRP A 266 1.89 12.47 -50.35
CA TRP A 266 1.89 12.47 -50.35
C TRP A 266 1.23 11.18 -50.84
N ILE A 267 0.10 10.80 -50.25
CA ILE A 267 -0.66 9.62 -50.70
CA ILE A 267 -0.65 9.62 -50.70
C ILE A 267 -1.69 10.07 -51.71
N ASN A 268 -1.84 9.30 -52.79
CA ASN A 268 -2.75 9.68 -53.86
C ASN A 268 -4.19 9.77 -53.34
N TYR A 269 -4.95 10.68 -53.94
CA TYR A 269 -6.31 10.94 -53.49
C TYR A 269 -7.23 9.75 -53.70
N ASP A 270 -6.95 8.91 -54.70
CA ASP A 270 -7.80 7.76 -54.96
C ASP A 270 -7.76 6.74 -53.83
N ALA A 271 -6.69 6.74 -53.02
CA ALA A 271 -6.58 5.84 -51.88
C ALA A 271 -7.41 6.40 -50.73
N SER A 272 -8.73 6.28 -50.88
CA SER A 272 -9.64 6.84 -49.88
C SER A 272 -9.49 6.16 -48.54
N ALA A 273 -9.38 4.82 -48.52
CA ALA A 273 -9.26 4.10 -47.26
C ALA A 273 -7.98 4.47 -46.53
N ALA A 274 -6.87 4.60 -47.25
CA ALA A 274 -5.58 4.85 -46.60
C ALA A 274 -5.53 6.25 -45.99
N ARG A 275 -5.92 7.27 -46.75
CA ARG A 275 -5.80 8.64 -46.25
C ARG A 275 -6.79 8.92 -45.12
N VAL A 276 -8.01 8.38 -45.24
CA VAL A 276 -9.00 8.57 -44.16
C VAL A 276 -8.52 7.88 -42.89
N ALA A 277 -7.99 6.66 -43.01
CA ALA A 277 -7.49 5.95 -41.85
C ALA A 277 -6.35 6.72 -41.18
N LEU A 278 -5.47 7.32 -41.98
CA LEU A 278 -4.39 8.12 -41.42
CA LEU A 278 -4.39 8.11 -41.41
C LEU A 278 -4.92 9.30 -40.62
N GLY A 279 -5.95 9.98 -41.15
CA GLY A 279 -6.52 11.11 -40.44
C GLY A 279 -7.20 10.71 -39.15
N ILE A 280 -7.93 9.59 -39.17
CA ILE A 280 -8.66 9.15 -37.98
C ILE A 280 -7.68 8.78 -36.87
N THR A 281 -6.68 7.97 -37.19
CA THR A 281 -5.77 7.46 -36.17
C THR A 281 -4.99 8.58 -35.50
N THR A 282 -4.52 9.56 -36.28
CA THR A 282 -3.81 10.69 -35.69
C THR A 282 -4.70 11.49 -34.77
N VAL A 283 -5.96 11.72 -35.18
CA VAL A 283 -6.89 12.46 -34.33
C VAL A 283 -7.20 11.69 -33.05
N LEU A 284 -7.46 10.38 -33.17
CA LEU A 284 -7.76 9.58 -32.00
C LEU A 284 -6.56 9.48 -31.07
N THR A 285 -5.36 9.31 -31.63
CA THR A 285 -4.16 9.24 -30.81
C THR A 285 -3.92 10.55 -30.07
N MET A 286 -4.18 11.68 -30.73
CA MET A 286 -4.02 12.98 -30.07
C MET A 286 -4.95 13.12 -28.88
N THR A 287 -6.19 12.64 -29.03
CA THR A 287 -7.13 12.70 -27.91
C THR A 287 -6.66 11.86 -26.74
N THR A 288 -6.14 10.66 -27.02
CA THR A 288 -5.67 9.79 -25.95
C THR A 288 -4.51 10.41 -25.19
N ILE A 289 -3.59 11.07 -25.91
CA ILE A 289 -2.49 11.75 -25.24
C ILE A 289 -3.02 12.88 -24.36
N ASN A 290 -3.97 13.65 -24.87
CA ASN A 290 -4.53 14.76 -24.11
C ASN A 290 -5.25 14.27 -22.86
N THR A 291 -6.03 13.20 -22.99
CA THR A 291 -6.74 12.66 -21.83
C THR A 291 -5.78 12.11 -20.79
N HIS A 292 -4.72 11.42 -21.24
CA HIS A 292 -3.76 10.83 -20.32
C HIS A 292 -3.05 11.91 -19.50
N LEU A 293 -2.67 13.02 -20.14
CA LEU A 293 -1.97 14.08 -19.44
C LEU A 293 -2.84 14.69 -18.34
N ARG A 294 -4.11 14.96 -18.65
CA ARG A 294 -4.99 15.64 -17.69
C ARG A 294 -5.35 14.76 -16.51
N GLU A 295 -5.16 13.44 -16.61
CA GLU A 295 -5.44 12.55 -15.50
C GLU A 295 -4.32 12.52 -14.46
N THR A 296 -3.14 13.02 -14.80
CA THR A 296 -2.00 13.05 -13.89
C THR A 296 -1.87 14.38 -13.16
N LEU A 297 -2.83 15.26 -13.31
CA LEU A 297 -2.79 16.61 -12.76
C LEU A 297 -4.11 16.91 -12.06
N PRO A 298 -4.10 17.84 -11.09
CA PRO A 298 -5.35 18.20 -10.42
C PRO A 298 -6.33 18.85 -11.38
N LYS A 299 -7.63 18.67 -11.08
CA LYS A 299 -8.69 19.16 -11.95
C LYS A 299 -8.83 20.67 -11.82
N ILE A 300 -7.87 21.41 -12.37
CA ILE A 300 -7.89 22.87 -12.32
C ILE A 300 -8.74 23.39 -13.48
N PRO A 301 -9.41 24.53 -13.31
CA PRO A 301 -10.29 25.03 -14.39
C PRO A 301 -9.55 25.75 -15.50
N TYR A 302 -8.41 26.36 -15.17
CA TYR A 302 -7.68 27.14 -16.16
C TYR A 302 -6.86 26.24 -17.08
N VAL A 303 -6.45 26.82 -18.21
CA VAL A 303 -5.73 26.09 -19.24
C VAL A 303 -4.23 26.20 -18.99
N LYS A 304 -3.56 25.06 -18.98
CA LYS A 304 -2.12 25.02 -18.78
C LYS A 304 -1.39 25.29 -20.10
N ALA A 305 -0.07 25.52 -19.99
CA ALA A 305 0.73 25.71 -21.19
C ALA A 305 0.78 24.44 -22.03
N ILE A 306 0.89 23.28 -21.38
CA ILE A 306 0.91 22.02 -22.12
C ILE A 306 -0.43 21.76 -22.79
N ASP A 307 -1.53 22.16 -22.16
CA ASP A 307 -2.85 22.01 -22.78
C ASP A 307 -2.96 22.82 -24.06
N MET A 308 -2.39 24.04 -24.06
CA MET A 308 -2.42 24.87 -25.26
C MET A 308 -1.67 24.20 -26.40
N TYR A 309 -0.53 23.58 -26.10
CA TYR A 309 0.23 22.89 -27.14
C TYR A 309 -0.54 21.70 -27.68
N LEU A 310 -1.18 20.93 -26.81
CA LEU A 310 -1.96 19.78 -27.26
C LEU A 310 -3.17 20.22 -28.09
N MET A 311 -3.83 21.30 -27.67
CA MET A 311 -4.95 21.83 -28.45
C MET A 311 -4.49 22.28 -29.83
N GLY A 312 -3.33 22.95 -29.89
CA GLY A 312 -2.80 23.35 -31.18
C GLY A 312 -2.47 22.17 -32.07
N CYS A 313 -1.85 21.13 -31.49
CA CYS A 313 -1.54 19.93 -32.26
C CYS A 313 -2.80 19.24 -32.76
N PHE A 314 -3.86 19.23 -31.94
CA PHE A 314 -5.11 18.62 -32.37
C PHE A 314 -5.72 19.37 -33.54
N VAL A 315 -5.55 20.70 -33.59
CA VAL A 315 -6.09 21.47 -34.70
C VAL A 315 -5.42 21.06 -36.01
N PHE A 316 -4.09 20.90 -35.99
CA PHE A 316 -3.37 20.57 -37.22
C PHE A 316 -3.79 19.22 -37.77
N VAL A 317 -3.89 18.21 -36.90
CA VAL A 317 -4.28 16.89 -37.37
C VAL A 317 -5.75 16.88 -37.81
N PHE A 318 -6.60 17.62 -37.11
CA PHE A 318 -7.99 17.71 -37.51
C PHE A 318 -8.14 18.43 -38.84
N LEU A 319 -7.38 19.51 -39.05
CA LEU A 319 -7.40 20.20 -40.33
C LEU A 319 -6.86 19.32 -41.46
N ALA A 320 -5.88 18.47 -41.15
CA ALA A 320 -5.34 17.58 -42.17
C ALA A 320 -6.39 16.61 -42.67
N LEU A 321 -7.19 16.05 -41.76
CA LEU A 321 -8.29 15.18 -42.17
C LEU A 321 -9.36 15.95 -42.91
N LEU A 322 -9.66 17.18 -42.45
CA LEU A 322 -10.60 18.03 -43.18
C LEU A 322 -10.04 18.41 -44.55
N GLU A 323 -8.71 18.50 -44.67
CA GLU A 323 -8.11 18.84 -45.95
C GLU A 323 -8.41 17.78 -47.00
N TYR A 324 -8.30 16.50 -46.62
CA TYR A 324 -8.60 15.44 -47.57
C TYR A 324 -10.08 15.38 -47.91
N ALA A 325 -10.94 15.68 -46.93
CA ALA A 325 -12.38 15.72 -47.20
C ALA A 325 -12.70 16.77 -48.25
N PHE A 326 -12.04 17.93 -48.17
CA PHE A 326 -12.19 18.94 -49.21
C PHE A 326 -11.66 18.43 -50.55
N VAL A 327 -10.52 17.74 -50.53
CA VAL A 327 -9.96 17.19 -51.77
C VAL A 327 -10.89 16.12 -52.34
N ASN A 328 -11.41 15.25 -51.49
CA ASN A 328 -12.33 14.21 -51.96
C ASN A 328 -13.61 14.82 -52.51
N TYR A 329 -14.11 15.88 -51.86
CA TYR A 329 -15.36 16.48 -52.29
C TYR A 329 -15.22 17.14 -53.66
N ILE A 330 -14.14 17.90 -53.87
CA ILE A 330 -13.97 18.59 -55.15
C ILE A 330 -13.70 17.60 -56.26
N PHE A 331 -12.95 16.53 -55.98
CA PHE A 331 -12.65 15.55 -57.01
C PHE A 331 -13.90 14.82 -57.48
N PHE A 332 -14.80 14.48 -56.57
CA PHE A 332 -16.04 13.81 -56.92
C PHE A 332 -17.21 14.79 -56.90
N ALA A 447 -3.03 19.76 -56.89
CA ALA A 447 -2.63 21.13 -56.58
C ALA A 447 -2.91 21.47 -55.12
N ILE A 448 -4.10 21.07 -54.65
CA ILE A 448 -4.47 21.33 -53.26
C ILE A 448 -3.54 20.58 -52.31
N ASP A 449 -3.21 19.33 -52.65
CA ASP A 449 -2.30 18.56 -51.81
C ASP A 449 -0.92 19.21 -51.74
N ARG A 450 -0.42 19.68 -52.88
CA ARG A 450 0.89 20.33 -52.89
C ARG A 450 0.89 21.58 -52.02
N TRP A 451 -0.19 22.37 -52.09
CA TRP A 451 -0.32 23.54 -51.24
C TRP A 451 -0.37 23.16 -49.77
N SER A 452 -0.98 22.02 -49.46
CA SER A 452 -1.03 21.55 -48.08
C SER A 452 0.34 21.06 -47.60
N ARG A 453 1.16 20.54 -48.51
CA ARG A 453 2.48 20.05 -48.14
C ARG A 453 3.41 21.15 -47.67
N ILE A 454 3.17 22.39 -48.07
CA ILE A 454 4.03 23.51 -47.69
C ILE A 454 3.44 24.37 -46.59
N VAL A 455 2.12 24.38 -46.43
CA VAL A 455 1.49 25.24 -45.42
C VAL A 455 1.55 24.57 -44.05
N PHE A 456 1.13 23.30 -43.96
CA PHE A 456 1.06 22.64 -42.66
C PHE A 456 2.41 22.55 -41.95
N PRO A 457 3.49 22.05 -42.58
CA PRO A 457 4.78 22.08 -41.88
C PRO A 457 5.25 23.48 -41.53
N PHE A 458 4.98 24.45 -42.39
CA PHE A 458 5.40 25.82 -42.11
C PHE A 458 4.59 26.43 -40.97
N THR A 459 3.28 26.25 -41.01
CA THR A 459 2.43 26.78 -39.93
C THR A 459 2.73 26.11 -38.60
N PHE A 460 2.95 24.79 -38.61
CA PHE A 460 3.28 24.09 -37.38
C PHE A 460 4.62 24.55 -36.82
N SER A 461 5.61 24.77 -37.68
CA SER A 461 6.88 25.31 -37.23
C SER A 461 6.71 26.71 -36.66
N LEU A 462 5.89 27.54 -37.31
CA LEU A 462 5.60 28.86 -36.78
C LEU A 462 4.89 28.77 -35.44
N PHE A 463 3.93 27.84 -35.31
CA PHE A 463 3.23 27.66 -34.06
C PHE A 463 4.18 27.23 -32.94
N ASN A 464 5.10 26.31 -33.25
CA ASN A 464 6.08 25.88 -32.25
C ASN A 464 6.99 27.04 -31.84
N LEU A 465 7.41 27.86 -32.80
CA LEU A 465 8.30 28.97 -32.48
C LEU A 465 7.62 29.97 -31.56
N VAL A 466 6.36 30.31 -31.85
CA VAL A 466 5.62 31.24 -30.99
C VAL A 466 5.40 30.64 -29.62
N TYR A 467 5.04 29.36 -29.56
CA TYR A 467 4.73 28.72 -28.28
C TYR A 467 5.94 28.70 -27.36
N TRP A 468 7.11 28.31 -27.89
CA TRP A 468 8.29 28.18 -27.04
C TRP A 468 8.83 29.54 -26.62
N LEU A 469 8.78 30.53 -27.51
CA LEU A 469 9.24 31.86 -27.14
C LEU A 469 8.37 32.47 -26.05
N TYR A 470 7.06 32.25 -26.11
CA TYR A 470 6.16 32.82 -25.13
C TYR A 470 6.40 32.25 -23.73
N TYR A 471 6.66 30.95 -23.64
CA TYR A 471 6.79 30.27 -22.36
C TYR A 471 8.24 30.08 -21.91
N VAL A 472 9.19 30.70 -22.60
CA VAL A 472 10.57 30.66 -22.16
C VAL A 472 11.12 32.07 -21.98
N GLY B 32 15.20 -22.76 43.75
CA GLY B 32 14.19 -21.78 44.09
C GLY B 32 14.78 -20.43 44.45
N ASN B 33 15.77 -19.99 43.68
CA ASN B 33 16.44 -18.72 43.91
C ASN B 33 15.82 -17.57 43.14
N MET B 34 14.53 -17.67 42.79
CA MET B 34 13.86 -16.57 42.10
C MET B 34 13.81 -15.33 42.98
N SER B 35 13.57 -15.51 44.28
CA SER B 35 13.60 -14.37 45.20
C SER B 35 14.99 -13.75 45.25
N PHE B 36 16.04 -14.58 45.27
CA PHE B 36 17.41 -14.05 45.25
C PHE B 36 17.69 -13.28 43.97
N VAL B 37 17.23 -13.80 42.83
CA VAL B 37 17.39 -13.08 41.57
C VAL B 37 16.57 -11.80 41.59
N LYS B 38 15.35 -11.86 42.13
CA LYS B 38 14.52 -10.66 42.22
C LYS B 38 15.18 -9.60 43.10
N GLU B 39 15.77 -10.02 44.22
CA GLU B 39 16.51 -9.07 45.07
C GLU B 39 17.70 -8.50 44.34
N THR B 40 18.41 -9.34 43.57
CA THR B 40 19.58 -8.87 42.82
C THR B 40 19.17 -7.83 41.78
N VAL B 41 18.09 -8.09 41.03
CA VAL B 41 17.66 -7.17 39.99
C VAL B 41 17.14 -5.87 40.59
N ASP B 42 16.37 -5.97 41.69
CA ASP B 42 15.87 -4.77 42.36
C ASP B 42 17.02 -3.92 42.87
N LYS B 43 18.09 -4.55 43.36
CA LYS B 43 19.26 -3.80 43.79
C LYS B 43 19.90 -3.06 42.63
N LEU B 44 19.95 -3.69 41.46
CA LEU B 44 20.55 -3.06 40.29
C LEU B 44 19.76 -1.81 39.87
N LEU B 45 18.44 -1.89 39.90
CA LEU B 45 17.59 -0.79 39.46
C LEU B 45 17.31 0.22 40.55
N LYS B 46 17.79 -0.01 41.77
CA LYS B 46 17.60 0.95 42.86
C LYS B 46 18.64 2.06 42.71
N GLY B 47 18.16 3.28 42.48
CA GLY B 47 19.04 4.40 42.23
C GLY B 47 19.54 4.51 40.80
N TYR B 48 19.12 3.61 39.91
CA TYR B 48 19.54 3.67 38.53
C TYR B 48 18.89 4.87 37.84
N ASP B 49 19.71 5.65 37.12
CA ASP B 49 19.25 6.84 36.43
C ASP B 49 19.33 6.58 34.93
N ILE B 50 18.17 6.46 34.29
CA ILE B 50 18.12 6.24 32.85
C ILE B 50 18.56 7.47 32.08
N ARG B 51 18.51 8.66 32.70
CA ARG B 51 18.88 9.88 32.00
C ARG B 51 20.37 9.99 31.75
N LEU B 52 21.19 9.21 32.45
CA LEU B 52 22.64 9.28 32.34
C LEU B 52 23.16 8.03 31.64
N ARG B 53 24.02 8.25 30.65
CA ARG B 53 24.66 7.15 29.95
C ARG B 53 25.70 6.49 30.87
N PRO B 54 26.06 5.23 30.59
CA PRO B 54 27.14 4.60 31.36
C PRO B 54 28.43 5.39 31.25
N ASP B 55 29.15 5.46 32.37
CA ASP B 55 30.38 6.24 32.46
C ASP B 55 30.15 7.69 32.03
N PHE B 56 29.08 8.28 32.54
CA PHE B 56 28.74 9.66 32.20
C PHE B 56 29.84 10.60 32.67
N GLY B 57 30.26 11.51 31.79
CA GLY B 57 31.34 12.41 32.08
C GLY B 57 32.72 11.82 31.94
N GLY B 58 32.84 10.57 31.51
CA GLY B 58 34.12 9.93 31.36
C GLY B 58 34.37 9.46 29.94
N PRO B 59 35.01 8.29 29.80
CA PRO B 59 35.28 7.77 28.46
C PRO B 59 33.99 7.43 27.75
N PRO B 60 33.96 7.54 26.42
CA PRO B 60 32.75 7.17 25.68
C PRO B 60 32.47 5.67 25.78
N VAL B 61 31.19 5.34 25.74
CA VAL B 61 30.75 3.95 25.81
C VAL B 61 30.77 3.36 24.41
N CYS B 62 31.45 2.22 24.25
CA CYS B 62 31.55 1.54 22.97
C CYS B 62 30.33 0.63 22.79
N VAL B 63 29.63 0.80 21.67
CA VAL B 63 28.44 0.03 21.36
C VAL B 63 28.73 -0.83 20.14
N GLY B 64 28.67 -2.15 20.32
CA GLY B 64 28.84 -3.08 19.22
C GLY B 64 27.50 -3.45 18.61
N MET B 65 27.46 -3.46 17.28
CA MET B 65 26.22 -3.66 16.55
C MET B 65 26.36 -4.79 15.54
N ASN B 66 25.39 -5.70 15.54
N ASN B 66 25.39 -5.70 15.52
CA ASN B 66 25.26 -6.75 14.55
CA ASN B 66 25.30 -6.73 14.50
C ASN B 66 23.87 -6.68 13.95
C ASN B 66 23.88 -6.77 13.97
N ILE B 67 23.76 -7.07 12.68
CA ILE B 67 22.47 -7.07 11.99
C ILE B 67 22.25 -8.46 11.38
N ASP B 68 21.10 -9.05 11.68
CA ASP B 68 20.67 -10.29 11.07
C ASP B 68 19.52 -9.95 10.13
N ILE B 69 19.81 -9.93 8.83
CA ILE B 69 18.82 -9.55 7.83
CA ILE B 69 18.81 -9.55 7.83
C ILE B 69 17.79 -10.66 7.69
N ALA B 70 16.51 -10.30 7.81
CA ALA B 70 15.43 -11.25 7.61
C ALA B 70 15.02 -11.33 6.15
N SER B 71 14.75 -10.19 5.53
CA SER B 71 14.37 -10.13 4.12
C SER B 71 14.40 -8.69 3.66
N ILE B 72 14.42 -8.51 2.34
CA ILE B 72 14.22 -7.22 1.70
C ILE B 72 12.92 -7.34 0.92
N ASP B 73 11.84 -6.81 1.47
CA ASP B 73 10.51 -7.05 0.91
C ASP B 73 10.36 -6.41 -0.46
N MET B 74 10.68 -5.12 -0.57
CA MET B 74 10.43 -4.37 -1.79
C MET B 74 11.62 -3.48 -2.12
N VAL B 75 11.84 -3.28 -3.42
CA VAL B 75 12.77 -2.27 -3.92
C VAL B 75 11.99 -1.44 -4.92
N SER B 76 11.79 -0.16 -4.62
CA SER B 76 10.91 0.71 -5.41
C SER B 76 11.76 1.74 -6.14
N GLU B 77 11.67 1.74 -7.47
CA GLU B 77 12.34 2.77 -8.25
C GLU B 77 11.58 4.08 -8.23
N VAL B 78 10.25 4.02 -8.21
CA VAL B 78 9.44 5.23 -8.22
CA VAL B 78 9.45 5.24 -8.23
C VAL B 78 9.68 6.05 -6.95
N ASN B 79 9.70 5.38 -5.80
CA ASN B 79 9.92 6.05 -4.52
C ASN B 79 11.39 6.10 -4.14
N MET B 80 12.26 5.40 -4.87
CA MET B 80 13.70 5.37 -4.60
C MET B 80 13.97 4.97 -3.14
N ASP B 81 13.41 3.82 -2.76
CA ASP B 81 13.59 3.31 -1.41
C ASP B 81 13.41 1.80 -1.43
N TYR B 82 13.85 1.16 -0.34
CA TYR B 82 13.70 -0.28 -0.17
C TYR B 82 13.21 -0.56 1.25
N THR B 83 12.50 -1.68 1.39
CA THR B 83 11.98 -2.10 2.68
C THR B 83 12.84 -3.22 3.23
N LEU B 84 13.33 -3.05 4.46
CA LEU B 84 14.26 -3.99 5.07
C LEU B 84 13.72 -4.45 6.42
N THR B 85 13.71 -5.75 6.65
CA THR B 85 13.37 -6.35 7.93
C THR B 85 14.61 -7.04 8.48
N MET B 86 14.94 -6.76 9.73
CA MET B 86 16.21 -7.23 10.28
C MET B 86 16.11 -7.35 11.79
N TYR B 87 17.05 -8.09 12.36
CA TYR B 87 17.24 -8.16 13.80
C TYR B 87 18.42 -7.26 14.16
N PHE B 88 18.14 -6.18 14.89
CA PHE B 88 19.14 -5.18 15.22
C PHE B 88 19.61 -5.40 16.65
N GLN B 89 20.84 -5.87 16.82
CA GLN B 89 21.41 -6.15 18.13
C GLN B 89 22.44 -5.09 18.49
N GLN B 90 22.40 -4.65 19.74
CA GLN B 90 23.35 -3.67 20.27
C GLN B 90 24.03 -4.25 21.50
N TYR B 91 25.35 -4.12 21.55
CA TYR B 91 26.15 -4.64 22.65
C TYR B 91 26.90 -3.50 23.31
N TRP B 92 26.76 -3.38 24.62
CA TRP B 92 27.52 -2.40 25.39
C TRP B 92 27.59 -2.87 26.84
N ARG B 93 28.56 -2.32 27.56
CA ARG B 93 28.79 -2.67 28.95
C ARG B 93 28.36 -1.52 29.84
N ASP B 94 27.55 -1.83 30.85
CA ASP B 94 27.11 -0.86 31.85
C ASP B 94 27.45 -1.43 33.22
N LYS B 95 28.47 -0.85 33.87
CA LYS B 95 28.91 -1.36 35.16
C LYS B 95 27.86 -1.19 36.25
N ARG B 96 26.88 -0.30 36.06
CA ARG B 96 25.81 -0.17 37.02
C ARG B 96 24.92 -1.40 37.09
N LEU B 97 24.91 -2.23 36.04
CA LEU B 97 24.09 -3.43 35.99
C LEU B 97 24.88 -4.69 36.29
N ALA B 98 26.14 -4.56 36.70
CA ALA B 98 26.94 -5.74 37.03
C ALA B 98 26.42 -6.40 38.30
N TYR B 99 26.35 -7.72 38.27
CA TYR B 99 25.87 -8.50 39.41
C TYR B 99 26.81 -9.66 39.66
N SER B 100 26.85 -10.11 40.92
CA SER B 100 27.73 -11.18 41.34
C SER B 100 26.93 -12.24 42.08
N GLY B 101 27.47 -13.46 42.10
CA GLY B 101 26.83 -14.58 42.75
C GLY B 101 25.89 -15.38 41.88
N ILE B 102 25.60 -14.92 40.67
CA ILE B 102 24.73 -15.61 39.73
C ILE B 102 25.54 -15.92 38.47
N PRO B 103 26.03 -17.16 38.34
CA PRO B 103 26.81 -17.55 37.16
C PRO B 103 25.96 -17.85 35.93
N LEU B 104 25.00 -16.96 35.63
CA LEU B 104 24.09 -17.13 34.52
C LEU B 104 23.86 -15.80 33.84
N ASN B 105 23.43 -15.87 32.59
CA ASN B 105 23.04 -14.68 31.82
C ASN B 105 21.55 -14.44 32.01
N LEU B 106 21.20 -13.33 32.64
CA LEU B 106 19.80 -13.04 32.98
C LEU B 106 19.07 -12.56 31.73
N THR B 107 18.21 -13.42 31.19
CA THR B 107 17.33 -13.05 30.08
C THR B 107 16.03 -12.52 30.68
N LEU B 108 15.88 -11.20 30.70
CA LEU B 108 14.74 -10.57 31.35
C LEU B 108 13.63 -10.30 30.34
N ASP B 109 12.47 -9.93 30.87
CA ASP B 109 11.35 -9.54 30.03
C ASP B 109 11.68 -8.28 29.24
N ASN B 110 11.11 -8.17 28.04
CA ASN B 110 11.38 -7.02 27.19
C ASN B 110 10.91 -5.71 27.80
N ARG B 111 9.97 -5.76 28.74
CA ARG B 111 9.49 -4.54 29.38
C ARG B 111 10.49 -3.93 30.34
N VAL B 112 11.56 -4.66 30.70
CA VAL B 112 12.59 -4.09 31.56
C VAL B 112 13.46 -3.07 30.85
N ALA B 113 13.41 -3.03 29.51
CA ALA B 113 14.20 -2.06 28.77
C ALA B 113 13.77 -0.63 29.02
N ASP B 114 12.54 -0.41 29.51
CA ASP B 114 12.10 0.94 29.82
C ASP B 114 12.77 1.51 31.05
N GLN B 115 13.31 0.66 31.93
CA GLN B 115 14.01 1.11 33.12
C GLN B 115 15.53 1.08 32.94
N LEU B 116 16.01 0.86 31.72
CA LEU B 116 17.43 0.80 31.43
C LEU B 116 17.80 1.82 30.38
N TRP B 117 19.03 2.33 30.47
CA TRP B 117 19.55 3.21 29.44
C TRP B 117 19.86 2.42 28.17
N VAL B 118 19.42 2.93 27.04
CA VAL B 118 19.71 2.30 25.75
C VAL B 118 20.28 3.36 24.81
N PRO B 119 21.13 3.00 23.87
CA PRO B 119 21.67 3.99 22.93
C PRO B 119 20.56 4.60 22.08
N ASP B 120 20.73 5.88 21.76
CA ASP B 120 19.76 6.58 20.92
C ASP B 120 20.06 6.32 19.44
N THR B 121 20.13 5.04 19.07
CA THR B 121 20.47 4.69 17.70
C THR B 121 19.29 4.93 16.78
N TYR B 122 19.55 5.61 15.67
CA TYR B 122 18.53 5.86 14.66
C TYR B 122 19.16 5.68 13.28
N PHE B 123 18.30 5.48 12.29
CA PHE B 123 18.73 5.29 10.90
C PHE B 123 18.56 6.61 10.16
N LEU B 124 19.65 7.14 9.61
CA LEU B 124 19.63 8.48 9.05
C LEU B 124 18.82 8.54 7.76
N ASN B 125 18.90 7.50 6.93
CA ASN B 125 18.27 7.52 5.61
C ASN B 125 16.93 6.81 5.58
N ASP B 126 16.38 6.42 6.73
CA ASP B 126 15.10 5.73 6.74
C ASP B 126 13.97 6.72 6.50
N LYS B 127 12.88 6.21 5.92
CA LYS B 127 11.69 7.01 5.66
C LYS B 127 10.52 6.67 6.57
N LYS B 128 10.38 5.40 6.96
CA LYS B 128 9.33 4.98 7.88
C LYS B 128 9.73 3.65 8.46
N SER B 129 9.84 3.57 9.79
CA SER B 129 10.27 2.36 10.46
CA SER B 129 10.27 2.38 10.47
C SER B 129 9.40 2.13 11.69
N PHE B 130 9.34 0.87 12.11
CA PHE B 130 8.56 0.49 13.28
C PHE B 130 9.14 -0.80 13.86
N VAL B 131 8.79 -1.07 15.11
CA VAL B 131 9.18 -2.28 15.81
C VAL B 131 7.96 -3.15 15.98
N HIS B 132 8.07 -4.42 15.58
CA HIS B 132 6.94 -5.34 15.66
C HIS B 132 6.53 -5.55 17.11
N GLY B 133 5.22 -5.65 17.35
CA GLY B 133 4.70 -5.75 18.70
C GLY B 133 3.69 -6.85 18.91
N VAL B 134 3.81 -7.94 18.17
CA VAL B 134 2.91 -9.10 18.30
C VAL B 134 3.77 -10.34 18.51
N THR B 135 3.46 -11.12 19.55
CA THR B 135 2.38 -10.84 20.47
C THR B 135 2.79 -9.83 21.55
N VAL B 136 4.09 -9.63 21.66
CA VAL B 136 4.66 -8.57 22.48
C VAL B 136 5.66 -7.83 21.61
N LYS B 137 6.21 -6.74 22.15
CA LYS B 137 7.21 -5.97 21.42
CA LYS B 137 7.21 -5.97 21.42
C LYS B 137 8.42 -6.86 21.12
N ASN B 138 8.85 -6.85 19.87
CA ASN B 138 9.97 -7.69 19.43
C ASN B 138 11.26 -7.08 19.96
N ARG B 139 11.51 -7.34 21.24
CA ARG B 139 12.61 -6.73 21.96
C ARG B 139 13.21 -7.75 22.91
N MET B 140 14.54 -7.73 23.05
CA MET B 140 15.25 -8.68 23.88
C MET B 140 16.25 -7.96 24.77
N ILE B 141 16.25 -8.28 26.05
CA ILE B 141 17.23 -7.78 27.01
C ILE B 141 17.91 -8.98 27.65
N ARG B 142 19.24 -9.02 27.60
CA ARG B 142 20.01 -10.11 28.17
C ARG B 142 21.20 -9.53 28.91
N LEU B 143 21.15 -9.55 30.24
CA LEU B 143 22.24 -9.01 31.04
C LEU B 143 23.33 -10.06 31.22
N HIS B 144 24.51 -9.59 31.63
CA HIS B 144 25.67 -10.43 31.86
C HIS B 144 26.29 -10.08 33.20
N PRO B 145 27.00 -11.03 33.83
CA PRO B 145 27.57 -10.75 35.16
C PRO B 145 28.52 -9.57 35.19
N ASP B 146 29.25 -9.32 34.10
CA ASP B 146 30.21 -8.22 34.06
C ASP B 146 29.56 -6.89 33.73
N GLY B 147 28.24 -6.84 33.53
CA GLY B 147 27.54 -5.63 33.17
C GLY B 147 27.24 -5.47 31.71
N THR B 148 27.65 -6.42 30.86
CA THR B 148 27.35 -6.35 29.45
C THR B 148 25.85 -6.49 29.20
N VAL B 149 25.32 -5.67 28.32
CA VAL B 149 23.89 -5.66 27.99
C VAL B 149 23.73 -5.97 26.52
N LEU B 150 22.88 -6.96 26.22
CA LEU B 150 22.51 -7.30 24.85
C LEU B 150 21.10 -6.79 24.61
N TYR B 151 20.94 -5.96 23.58
CA TYR B 151 19.67 -5.33 23.26
C TYR B 151 19.35 -5.63 21.80
N GLY B 152 18.29 -6.40 21.57
CA GLY B 152 17.90 -6.79 20.23
C GLY B 152 16.52 -6.28 19.88
N LEU B 153 16.36 -5.88 18.61
CA LEU B 153 15.08 -5.39 18.11
C LEU B 153 14.84 -5.93 16.71
N ARG B 154 13.61 -6.33 16.44
CA ARG B 154 13.19 -6.73 15.10
C ARG B 154 12.52 -5.51 14.46
N ILE B 155 13.18 -4.92 13.47
CA ILE B 155 12.78 -3.64 12.90
C ILE B 155 12.51 -3.83 11.41
N THR B 156 11.36 -3.34 10.96
CA THR B 156 11.05 -3.22 9.55
C THR B 156 11.19 -1.76 9.16
N THR B 157 12.13 -1.46 8.28
CA THR B 157 12.48 -0.09 7.95
C THR B 157 12.40 0.12 6.44
N THR B 158 11.94 1.30 6.04
CA THR B 158 11.94 1.74 4.66
C THR B 158 12.99 2.83 4.51
N ALA B 159 14.11 2.50 3.89
CA ALA B 159 15.26 3.39 3.79
C ALA B 159 15.36 3.92 2.37
N ALA B 160 15.55 5.23 2.24
CA ALA B 160 15.70 5.85 0.93
C ALA B 160 16.97 5.39 0.25
N CYS B 161 16.90 5.23 -1.07
CA CYS B 161 18.06 4.81 -1.86
C CYS B 161 17.97 5.49 -3.22
N MET B 162 18.76 6.54 -3.42
CA MET B 162 18.82 7.18 -4.72
C MET B 162 19.40 6.23 -5.76
N MET B 163 18.76 6.18 -6.92
CA MET B 163 19.11 5.22 -7.96
C MET B 163 19.48 5.96 -9.24
N ASP B 164 20.53 5.48 -9.90
CA ASP B 164 20.96 5.99 -11.20
C ASP B 164 20.34 5.12 -12.27
N LEU B 165 19.33 5.65 -12.97
CA LEU B 165 18.58 4.90 -13.96
C LEU B 165 19.03 5.20 -15.38
N ARG B 166 20.25 5.71 -15.55
CA ARG B 166 20.76 5.98 -16.90
C ARG B 166 20.95 4.69 -17.69
N ARG B 167 21.41 3.63 -17.01
CA ARG B 167 21.61 2.34 -17.64
C ARG B 167 20.45 1.38 -17.41
N TYR B 168 19.34 1.88 -16.90
CA TYR B 168 18.16 1.06 -16.66
C TYR B 168 17.67 0.46 -17.97
N PRO B 169 17.26 -0.83 -17.98
CA PRO B 169 17.20 -1.74 -16.85
C PRO B 169 18.47 -2.57 -16.62
N LEU B 170 19.54 -2.22 -17.33
CA LEU B 170 20.83 -2.90 -17.16
C LEU B 170 21.71 -2.22 -16.13
N ASP B 171 21.12 -1.55 -15.16
CA ASP B 171 21.85 -0.74 -14.19
C ASP B 171 22.24 -1.57 -12.97
N GLU B 172 23.17 -1.01 -12.19
CA GLU B 172 23.62 -1.59 -10.94
C GLU B 172 23.46 -0.54 -9.85
N GLN B 173 22.82 -0.91 -8.74
CA GLN B 173 22.46 0.03 -7.70
C GLN B 173 23.20 -0.27 -6.41
N ASN B 174 23.47 0.78 -5.64
CA ASN B 174 24.17 0.70 -4.36
C ASN B 174 23.29 1.36 -3.32
N CYS B 175 22.58 0.55 -2.54
CA CYS B 175 21.69 1.04 -1.49
C CYS B 175 22.36 0.86 -0.14
N THR B 176 22.32 1.91 0.68
CA THR B 176 23.00 1.94 1.96
C THR B 176 22.01 2.04 3.11
N LEU B 177 22.46 1.68 4.29
CA LEU B 177 21.71 1.83 5.53
C LEU B 177 22.60 2.54 6.54
N GLU B 178 22.29 3.81 6.82
CA GLU B 178 23.12 4.63 7.68
C GLU B 178 22.66 4.49 9.13
N ILE B 179 23.60 4.16 10.02
CA ILE B 179 23.33 3.98 11.44
C ILE B 179 24.13 5.03 12.21
N GLU B 180 23.45 5.79 13.06
CA GLU B 180 24.10 6.89 13.75
C GLU B 180 23.41 7.13 15.08
N SER B 181 24.16 7.71 16.02
CA SER B 181 23.60 8.17 17.28
C SER B 181 23.02 9.56 17.11
N TYR B 182 21.86 9.80 17.71
CA TYR B 182 21.16 11.06 17.48
C TYR B 182 21.67 12.17 18.39
N GLY B 183 21.80 11.90 19.69
CA GLY B 183 22.16 12.93 20.63
C GLY B 183 23.59 12.90 21.11
N TYR B 184 24.13 11.69 21.31
CA TYR B 184 25.48 11.55 21.87
C TYR B 184 26.51 11.65 20.77
N THR B 185 27.53 12.49 20.99
CA THR B 185 28.61 12.68 20.04
C THR B 185 29.67 11.59 20.23
N THR B 186 30.76 11.69 19.47
CA THR B 186 31.85 10.73 19.59
C THR B 186 32.53 10.80 20.95
N ASP B 187 32.41 11.93 21.65
CA ASP B 187 32.98 12.04 22.99
C ASP B 187 32.18 11.26 24.01
N ASP B 188 30.95 10.86 23.70
CA ASP B 188 30.09 10.15 24.63
C ASP B 188 29.77 8.73 24.21
N ILE B 189 29.83 8.41 22.92
CA ILE B 189 29.46 7.09 22.43
C ILE B 189 30.29 6.77 21.20
N GLU B 190 30.58 5.48 21.01
CA GLU B 190 31.31 5.01 19.84
C GLU B 190 30.62 3.77 19.29
N PHE B 191 30.60 3.65 17.96
CA PHE B 191 29.98 2.53 17.28
C PHE B 191 31.03 1.69 16.58
N TYR B 192 30.86 0.37 16.63
CA TYR B 192 31.72 -0.54 15.89
C TYR B 192 30.91 -1.77 15.51
N TRP B 193 31.32 -2.40 14.40
CA TRP B 193 30.68 -3.64 13.97
C TRP B 193 31.23 -4.79 14.79
N ARG B 194 30.38 -5.39 15.61
CA ARG B 194 30.79 -6.50 16.46
C ARG B 194 30.99 -7.75 15.61
N GLY B 195 32.23 -8.24 15.57
CA GLY B 195 32.57 -9.36 14.72
C GLY B 195 33.24 -9.00 13.41
N GLY B 196 33.57 -7.73 13.19
CA GLY B 196 34.25 -7.36 11.96
C GLY B 196 33.32 -7.48 10.77
N ASP B 197 33.81 -8.10 9.70
CA ASP B 197 33.03 -8.26 8.47
C ASP B 197 31.91 -9.28 8.63
N LYS B 198 31.87 -10.03 9.72
CA LYS B 198 30.82 -11.00 9.99
C LYS B 198 29.70 -10.41 10.85
N ALA B 199 29.69 -9.10 11.06
CA ALA B 199 28.66 -8.48 11.90
C ALA B 199 27.28 -8.63 11.27
N VAL B 200 27.19 -8.48 9.95
CA VAL B 200 25.92 -8.56 9.24
C VAL B 200 25.80 -9.93 8.61
N THR B 201 24.76 -10.66 8.98
CA THR B 201 24.47 -11.99 8.46
C THR B 201 23.09 -11.98 7.80
N GLY B 202 22.72 -13.12 7.24
CA GLY B 202 21.44 -13.25 6.58
C GLY B 202 21.36 -12.64 5.21
N VAL B 203 22.49 -12.24 4.61
CA VAL B 203 22.47 -11.66 3.27
C VAL B 203 21.99 -12.69 2.25
N GLU B 204 22.35 -13.96 2.45
CA GLU B 204 21.89 -15.01 1.55
C GLU B 204 20.38 -15.22 1.63
N ARG B 205 19.74 -14.79 2.73
CA ARG B 205 18.30 -14.93 2.84
C ARG B 205 17.55 -13.97 1.91
N ILE B 206 18.22 -12.94 1.40
CA ILE B 206 17.56 -11.96 0.56
C ILE B 206 17.20 -12.61 -0.78
N GLU B 207 15.92 -12.61 -1.11
CA GLU B 207 15.41 -13.19 -2.36
C GLU B 207 14.62 -12.11 -3.09
N LEU B 208 15.32 -11.31 -3.88
CA LEU B 208 14.69 -10.27 -4.68
C LEU B 208 14.41 -10.80 -6.07
N PRO B 209 13.16 -10.82 -6.52
CA PRO B 209 12.88 -11.31 -7.89
C PRO B 209 13.54 -10.49 -8.97
N GLN B 210 13.78 -9.19 -8.73
CA GLN B 210 14.32 -8.31 -9.73
C GLN B 210 15.80 -7.99 -9.55
N PHE B 211 16.36 -8.27 -8.38
CA PHE B 211 17.74 -7.92 -8.07
C PHE B 211 18.47 -9.10 -7.47
N SER B 212 19.79 -9.03 -7.52
CA SER B 212 20.67 -10.00 -6.89
C SER B 212 21.73 -9.27 -6.09
N ILE B 213 22.05 -9.80 -4.90
CA ILE B 213 22.99 -9.15 -3.99
C ILE B 213 24.40 -9.52 -4.45
N VAL B 214 25.06 -8.60 -5.17
CA VAL B 214 26.41 -8.86 -5.64
C VAL B 214 27.39 -8.84 -4.47
N GLU B 215 27.28 -7.84 -3.60
CA GLU B 215 28.24 -7.66 -2.52
C GLU B 215 27.62 -6.76 -1.45
N HIS B 216 28.10 -6.93 -0.22
CA HIS B 216 27.75 -6.04 0.88
C HIS B 216 29.01 -5.61 1.61
N ARG B 217 29.00 -4.39 2.12
CA ARG B 217 30.16 -3.81 2.78
C ARG B 217 29.77 -3.18 4.10
N LEU B 218 30.72 -3.15 5.03
CA LEU B 218 30.54 -2.53 6.33
C LEU B 218 31.52 -1.37 6.46
N VAL B 219 31.01 -0.19 6.78
CA VAL B 219 31.82 1.02 6.87
C VAL B 219 31.59 1.66 8.23
N SER B 220 32.69 2.00 8.91
CA SER B 220 32.65 2.73 10.18
C SER B 220 33.40 4.03 10.01
N ARG B 221 32.76 5.14 10.36
CA ARG B 221 33.36 6.45 10.17
C ARG B 221 32.70 7.45 11.12
N ASN B 222 33.21 8.67 11.10
CA ASN B 222 32.69 9.77 11.92
C ASN B 222 32.17 10.87 11.01
N VAL B 223 30.98 11.38 11.31
CA VAL B 223 30.34 12.44 10.54
C VAL B 223 30.18 13.66 11.44
N VAL B 224 30.58 14.83 10.93
CA VAL B 224 30.60 16.05 11.71
C VAL B 224 29.43 16.93 11.29
N PHE B 225 28.63 17.35 12.27
CA PHE B 225 27.56 18.32 12.09
C PHE B 225 27.87 19.56 12.93
N ALA B 226 26.93 20.51 12.92
CA ALA B 226 27.12 21.71 13.73
C ALA B 226 27.09 21.37 15.22
N THR B 227 26.21 20.45 15.63
CA THR B 227 26.16 20.05 17.03
C THR B 227 27.40 19.30 17.47
N GLY B 228 28.08 18.64 16.55
CA GLY B 228 29.31 17.93 16.88
C GLY B 228 29.56 16.81 15.90
N ALA B 229 30.57 16.00 16.23
CA ALA B 229 30.93 14.83 15.44
C ALA B 229 30.22 13.60 15.99
N TYR B 230 29.66 12.79 15.10
CA TYR B 230 28.88 11.65 15.52
C TYR B 230 29.38 10.36 14.87
N PRO B 231 29.34 9.24 15.58
CA PRO B 231 29.78 7.98 15.00
C PRO B 231 28.77 7.47 13.98
N ARG B 232 29.27 6.93 12.87
CA ARG B 232 28.44 6.47 11.77
C ARG B 232 28.80 5.04 11.42
N LEU B 233 27.79 4.19 11.31
CA LEU B 233 27.93 2.85 10.76
C LEU B 233 27.09 2.77 9.50
N SER B 234 27.69 2.27 8.41
N SER B 234 27.68 2.26 8.41
CA SER B 234 27.02 2.19 7.12
CA SER B 234 27.02 2.20 7.12
C SER B 234 27.02 0.76 6.64
C SER B 234 27.03 0.75 6.62
N LEU B 235 25.86 0.29 6.20
CA LEU B 235 25.71 -1.04 5.59
C LEU B 235 25.17 -0.84 4.19
N SER B 236 25.94 -1.27 3.19
CA SER B 236 25.63 -1.01 1.79
C SER B 236 25.55 -2.32 1.03
N PHE B 237 24.58 -2.41 0.12
CA PHE B 237 24.41 -3.54 -0.77
C PHE B 237 24.53 -3.06 -2.21
N ARG B 238 25.21 -3.85 -3.04
CA ARG B 238 25.27 -3.60 -4.47
C ARG B 238 24.29 -4.54 -5.16
N LEU B 239 23.28 -3.97 -5.81
N LEU B 239 23.28 -3.97 -5.81
CA LEU B 239 22.21 -4.73 -6.42
CA LEU B 239 22.20 -4.72 -6.43
C LEU B 239 22.36 -4.72 -7.94
C LEU B 239 22.38 -4.71 -7.94
N LYS B 240 22.28 -5.89 -8.56
CA LYS B 240 22.33 -6.04 -10.00
C LYS B 240 20.94 -6.45 -10.49
N ARG B 241 20.37 -5.65 -11.38
CA ARG B 241 19.02 -5.92 -11.85
C ARG B 241 19.02 -7.11 -12.81
N ASN B 242 17.95 -7.90 -12.74
CA ASN B 242 17.78 -9.05 -13.62
C ASN B 242 17.12 -8.62 -14.93
N ILE B 243 17.73 -8.97 -16.05
CA ILE B 243 17.23 -8.56 -17.36
C ILE B 243 16.16 -9.50 -17.90
N GLY B 244 15.90 -10.63 -17.23
CA GLY B 244 14.97 -11.60 -17.77
C GLY B 244 13.57 -11.06 -17.93
N TYR B 245 13.09 -10.32 -16.93
CA TYR B 245 11.74 -9.77 -17.01
C TYR B 245 11.61 -8.74 -18.13
N PHE B 246 12.60 -7.86 -18.27
CA PHE B 246 12.49 -6.77 -19.23
C PHE B 246 12.66 -7.24 -20.67
N ILE B 247 13.39 -8.34 -20.88
CA ILE B 247 13.50 -8.89 -22.23
C ILE B 247 12.14 -9.32 -22.74
N LEU B 248 11.38 -10.03 -21.90
CA LEU B 248 10.07 -10.51 -22.31
C LEU B 248 9.05 -9.37 -22.33
N GLN B 249 9.10 -8.49 -21.33
CA GLN B 249 8.05 -7.47 -21.18
C GLN B 249 8.20 -6.36 -22.22
N THR B 250 9.41 -5.89 -22.46
CA THR B 250 9.62 -4.70 -23.29
C THR B 250 10.39 -4.96 -24.56
N TYR B 251 11.57 -5.59 -24.45
CA TYR B 251 12.44 -5.74 -25.63
C TYR B 251 11.81 -6.63 -26.68
N MET B 252 11.25 -7.77 -26.28
CA MET B 252 10.63 -8.67 -27.25
C MET B 252 9.45 -8.05 -27.99
N PRO B 253 8.47 -7.42 -27.32
CA PRO B 253 7.39 -6.78 -28.09
C PRO B 253 7.88 -5.71 -29.04
N SER B 254 8.91 -4.95 -28.65
N SER B 254 8.91 -4.95 -28.65
CA SER B 254 9.44 -3.91 -29.53
CA SER B 254 9.44 -3.91 -29.53
C SER B 254 10.05 -4.51 -30.78
C SER B 254 10.05 -4.51 -30.78
N ILE B 255 10.79 -5.61 -30.64
CA ILE B 255 11.36 -6.28 -31.81
C ILE B 255 10.28 -6.83 -32.70
N LEU B 256 9.24 -7.45 -32.11
CA LEU B 256 8.17 -8.04 -32.90
C LEU B 256 7.42 -6.99 -33.71
N ILE B 257 7.18 -5.82 -33.12
CA ILE B 257 6.53 -4.74 -33.85
C ILE B 257 7.42 -4.28 -35.01
N THR B 258 8.72 -4.17 -34.76
CA THR B 258 9.65 -3.77 -35.83
C THR B 258 9.65 -4.79 -36.96
N ILE B 259 9.65 -6.09 -36.61
CA ILE B 259 9.55 -7.13 -37.63
C ILE B 259 8.20 -7.06 -38.32
N LEU B 260 7.15 -6.70 -37.59
CA LEU B 260 5.82 -6.60 -38.18
C LEU B 260 5.79 -5.52 -39.26
N SER B 261 6.49 -4.41 -39.06
CA SER B 261 6.52 -3.35 -40.06
C SER B 261 7.23 -3.80 -41.33
N TRP B 262 8.15 -4.76 -41.23
CA TRP B 262 8.87 -5.23 -42.40
C TRP B 262 7.97 -6.03 -43.35
N VAL B 263 6.81 -6.49 -42.87
CA VAL B 263 5.91 -7.25 -43.72
C VAL B 263 5.38 -6.40 -44.86
N SER B 264 5.27 -5.08 -44.65
CA SER B 264 4.72 -4.20 -45.68
C SER B 264 5.60 -4.19 -46.93
N PHE B 265 6.89 -4.50 -46.78
CA PHE B 265 7.79 -4.49 -47.94
C PHE B 265 7.40 -5.58 -48.94
N TRP B 266 6.97 -6.74 -48.45
CA TRP B 266 6.57 -7.82 -49.34
CA TRP B 266 6.57 -7.83 -49.33
C TRP B 266 5.15 -7.67 -49.88
N ILE B 267 4.40 -6.70 -49.39
CA ILE B 267 3.05 -6.44 -49.89
CA ILE B 267 3.06 -6.44 -49.90
C ILE B 267 3.14 -5.53 -51.11
N ASN B 268 2.33 -5.83 -52.14
CA ASN B 268 2.38 -5.07 -53.37
C ASN B 268 2.00 -3.61 -53.11
N TYR B 269 2.60 -2.72 -53.90
CA TYR B 269 2.40 -1.29 -53.70
C TYR B 269 0.97 -0.85 -54.00
N ASP B 270 0.26 -1.56 -54.86
CA ASP B 270 -1.11 -1.19 -55.18
C ASP B 270 -2.05 -1.36 -53.99
N ALA B 271 -1.69 -2.21 -53.02
CA ALA B 271 -2.49 -2.38 -51.81
C ALA B 271 -2.22 -1.23 -50.86
N SER B 272 -2.78 -0.06 -51.22
CA SER B 272 -2.54 1.16 -50.44
C SER B 272 -3.12 1.04 -49.04
N ALA B 273 -4.33 0.50 -48.92
CA ALA B 273 -4.97 0.39 -47.60
C ALA B 273 -4.20 -0.54 -46.69
N ALA B 274 -3.71 -1.66 -47.23
CA ALA B 274 -3.04 -2.66 -46.39
C ALA B 274 -1.70 -2.15 -45.86
N ARG B 275 -0.87 -1.59 -46.75
CA ARG B 275 0.47 -1.17 -46.35
C ARG B 275 0.41 0.04 -45.42
N VAL B 276 -0.49 0.99 -45.70
CA VAL B 276 -0.64 2.16 -44.83
C VAL B 276 -1.13 1.73 -43.45
N ALA B 277 -2.09 0.82 -43.40
CA ALA B 277 -2.59 0.34 -42.11
C ALA B 277 -1.49 -0.35 -41.32
N LEU B 278 -0.63 -1.12 -42.00
CA LEU B 278 0.49 -1.76 -41.31
CA LEU B 278 0.48 -1.77 -41.30
C LEU B 278 1.44 -0.74 -40.70
N GLY B 279 1.73 0.33 -41.44
CA GLY B 279 2.62 1.35 -40.92
C GLY B 279 2.02 2.10 -39.74
N ILE B 280 0.74 2.42 -39.81
CA ILE B 280 0.09 3.17 -38.73
C ILE B 280 0.07 2.34 -37.45
N THR B 281 -0.37 1.09 -37.54
CA THR B 281 -0.54 0.28 -36.34
C THR B 281 0.78 0.04 -35.63
N THR B 282 1.85 -0.22 -36.39
CA THR B 282 3.16 -0.42 -35.77
C THR B 282 3.63 0.85 -35.07
N VAL B 283 3.43 2.01 -35.69
CA VAL B 283 3.83 3.27 -35.07
C VAL B 283 3.02 3.53 -33.81
N LEU B 284 1.70 3.34 -33.90
CA LEU B 284 0.84 3.57 -32.73
C LEU B 284 1.16 2.60 -31.61
N THR B 285 1.39 1.33 -31.94
CA THR B 285 1.73 0.34 -30.92
C THR B 285 3.05 0.68 -30.24
N MET B 286 4.02 1.17 -31.03
CA MET B 286 5.31 1.55 -30.44
C MET B 286 5.14 2.68 -29.44
N THR B 287 4.29 3.66 -29.76
CA THR B 287 4.04 4.75 -28.83
C THR B 287 3.41 4.26 -27.53
N THR B 288 2.44 3.33 -27.64
CA THR B 288 1.79 2.82 -26.45
C THR B 288 2.77 2.09 -25.54
N ILE B 289 3.69 1.31 -26.14
CA ILE B 289 4.71 0.62 -25.35
C ILE B 289 5.61 1.63 -24.66
N ASN B 290 6.01 2.68 -25.37
CA ASN B 290 6.89 3.69 -24.79
C ASN B 290 6.20 4.44 -23.65
N THR B 291 4.93 4.80 -23.84
CA THR B 291 4.20 5.49 -22.78
C THR B 291 4.00 4.61 -21.56
N HIS B 292 3.69 3.32 -21.77
CA HIS B 292 3.47 2.41 -20.65
C HIS B 292 4.72 2.25 -19.81
N LEU B 293 5.89 2.14 -20.46
CA LEU B 293 7.14 1.96 -19.71
C LEU B 293 7.43 3.17 -18.83
N ARG B 294 7.26 4.38 -19.36
CA ARG B 294 7.62 5.58 -18.62
C ARG B 294 6.68 5.86 -17.45
N GLU B 295 5.50 5.24 -17.43
CA GLU B 295 4.57 5.42 -16.33
C GLU B 295 4.93 4.56 -15.12
N THR B 296 5.80 3.56 -15.29
CA THR B 296 6.20 2.67 -14.20
C THR B 296 7.50 3.11 -13.54
N LEU B 297 8.03 4.27 -13.92
CA LEU B 297 9.32 4.76 -13.46
C LEU B 297 9.18 6.21 -13.03
N PRO B 298 10.06 6.68 -12.14
CA PRO B 298 9.99 8.08 -11.71
C PRO B 298 10.27 9.03 -12.87
N LYS B 299 9.67 10.22 -12.78
CA LYS B 299 9.78 11.21 -13.85
C LYS B 299 11.16 11.86 -13.85
N ILE B 300 12.17 11.11 -14.28
CA ILE B 300 13.55 11.60 -14.34
C ILE B 300 13.74 12.35 -15.65
N PRO B 301 14.61 13.36 -15.69
CA PRO B 301 14.77 14.14 -16.93
C PRO B 301 15.69 13.48 -17.95
N TYR B 302 16.64 12.68 -17.47
CA TYR B 302 17.61 12.08 -18.38
C TYR B 302 17.03 10.86 -19.09
N VAL B 303 17.70 10.45 -20.16
CA VAL B 303 17.23 9.36 -21.00
C VAL B 303 17.83 8.06 -20.50
N LYS B 304 16.98 7.06 -20.30
CA LYS B 304 17.42 5.74 -19.85
C LYS B 304 17.90 4.91 -21.05
N ALA B 305 18.55 3.78 -20.73
CA ALA B 305 18.98 2.88 -21.79
C ALA B 305 17.79 2.28 -22.52
N ILE B 306 16.74 1.91 -21.78
CA ILE B 306 15.55 1.35 -22.42
C ILE B 306 14.85 2.39 -23.29
N ASP B 307 14.88 3.66 -22.88
CA ASP B 307 14.29 4.72 -23.69
C ASP B 307 15.02 4.85 -25.03
N MET B 308 16.34 4.73 -25.02
CA MET B 308 17.11 4.79 -26.27
C MET B 308 16.70 3.66 -27.22
N TYR B 309 16.51 2.46 -26.68
CA TYR B 309 16.10 1.34 -27.52
C TYR B 309 14.71 1.57 -28.11
N LEU B 310 13.77 2.08 -27.30
CA LEU B 310 12.43 2.36 -27.80
C LEU B 310 12.45 3.46 -28.84
N MET B 311 13.26 4.51 -28.63
CA MET B 311 13.37 5.57 -29.63
C MET B 311 13.95 5.04 -30.93
N GLY B 312 14.95 4.17 -30.84
CA GLY B 312 15.49 3.56 -32.05
C GLY B 312 14.48 2.71 -32.78
N CYS B 313 13.70 1.91 -32.03
CA CYS B 313 12.67 1.08 -32.65
C CYS B 313 11.60 1.94 -33.30
N PHE B 314 11.24 3.07 -32.68
CA PHE B 314 10.25 3.96 -33.28
C PHE B 314 10.75 4.56 -34.59
N VAL B 315 12.05 4.82 -34.69
CA VAL B 315 12.60 5.37 -35.94
C VAL B 315 12.42 4.37 -37.08
N PHE B 316 12.70 3.09 -36.82
CA PHE B 316 12.62 2.08 -37.88
C PHE B 316 11.20 1.93 -38.40
N VAL B 317 10.22 1.86 -37.49
CA VAL B 317 8.84 1.70 -37.93
C VAL B 317 8.34 2.98 -38.61
N PHE B 318 8.78 4.15 -38.12
CA PHE B 318 8.39 5.41 -38.76
C PHE B 318 9.00 5.53 -40.14
N LEU B 319 10.27 5.12 -40.29
CA LEU B 319 10.90 5.13 -41.61
C LEU B 319 10.25 4.14 -42.55
N ALA B 320 9.78 3.01 -42.03
CA ALA B 320 9.10 2.03 -42.88
C ALA B 320 7.82 2.61 -43.48
N LEU B 321 7.04 3.34 -42.68
CA LEU B 321 5.85 4.00 -43.21
C LEU B 321 6.23 5.11 -44.17
N LEU B 322 7.28 5.87 -43.86
CA LEU B 322 7.77 6.87 -44.79
C LEU B 322 8.31 6.24 -46.07
N GLU B 323 8.83 5.01 -45.98
CA GLU B 323 9.34 4.32 -47.16
C GLU B 323 8.21 4.06 -48.16
N TYR B 324 7.06 3.62 -47.68
CA TYR B 324 5.94 3.37 -48.59
C TYR B 324 5.40 4.67 -49.17
N ALA B 325 5.40 5.74 -48.37
CA ALA B 325 4.97 7.04 -48.88
C ALA B 325 5.85 7.49 -50.05
N PHE B 326 7.16 7.27 -49.94
CA PHE B 326 8.05 7.54 -51.06
C PHE B 326 7.73 6.64 -52.25
N VAL B 327 7.45 5.36 -51.98
CA VAL B 327 7.10 4.43 -53.07
C VAL B 327 5.79 4.84 -53.72
N ASN B 328 4.79 5.21 -52.91
CA ASN B 328 3.51 5.63 -53.45
C ASN B 328 3.66 6.92 -54.25
N TYR B 329 4.49 7.85 -53.77
CA TYR B 329 4.66 9.13 -54.45
C TYR B 329 5.31 8.96 -55.83
N ILE B 330 6.37 8.16 -55.90
CA ILE B 330 7.08 7.99 -57.17
C ILE B 330 6.22 7.20 -58.16
N PHE B 331 5.45 6.24 -57.68
CA PHE B 331 4.61 5.44 -58.57
C PHE B 331 3.51 6.27 -59.19
N PHE B 332 2.91 7.17 -58.42
CA PHE B 332 1.86 8.04 -58.93
C PHE B 332 2.40 9.45 -59.19
N ALA B 447 11.77 -2.11 -57.11
CA ALA B 447 13.20 -1.99 -56.83
C ALA B 447 13.43 -1.35 -55.46
N ILE B 448 12.68 -0.28 -55.18
CA ILE B 448 12.81 0.40 -53.89
C ILE B 448 12.42 -0.53 -52.75
N ASP B 449 11.35 -1.30 -52.94
CA ASP B 449 10.93 -2.25 -51.90
C ASP B 449 11.99 -3.30 -51.65
N ARG B 450 12.60 -3.83 -52.71
CA ARG B 450 13.64 -4.83 -52.55
C ARG B 450 14.83 -4.27 -51.78
N TRP B 451 15.23 -3.04 -52.09
CA TRP B 451 16.30 -2.39 -51.34
CA TRP B 451 16.30 -2.40 -51.33
C TRP B 451 15.93 -2.23 -49.88
N SER B 452 14.66 -1.92 -49.60
CA SER B 452 14.21 -1.78 -48.23
C SER B 452 14.20 -3.11 -47.49
N ARG B 453 13.97 -4.21 -48.21
CA ARG B 453 13.94 -5.53 -47.58
C ARG B 453 15.30 -5.95 -47.04
N ILE B 454 16.39 -5.39 -47.57
CA ILE B 454 17.72 -5.77 -47.12
C ILE B 454 18.36 -4.74 -46.20
N VAL B 455 17.94 -3.48 -46.27
CA VAL B 455 18.54 -2.44 -45.45
C VAL B 455 17.95 -2.45 -44.04
N PHE B 456 16.62 -2.46 -43.93
CA PHE B 456 15.98 -2.36 -42.63
C PHE B 456 16.34 -3.52 -41.70
N PRO B 457 16.23 -4.79 -42.09
CA PRO B 457 16.68 -5.86 -41.18
C PRO B 457 18.16 -5.79 -40.85
N PHE B 458 18.99 -5.37 -41.82
CA PHE B 458 20.43 -5.27 -41.57
C PHE B 458 20.74 -4.12 -40.63
N THR B 459 20.13 -2.96 -40.86
CA THR B 459 20.37 -1.80 -40.00
C THR B 459 19.85 -2.06 -38.59
N PHE B 460 18.67 -2.69 -38.47
CA PHE B 460 18.13 -2.99 -37.15
C PHE B 460 19.01 -3.98 -36.40
N SER B 461 19.54 -4.98 -37.11
CA SER B 461 20.48 -5.91 -36.49
C SER B 461 21.75 -5.19 -36.05
N LEU B 462 22.25 -4.28 -36.88
CA LEU B 462 23.41 -3.49 -36.50
C LEU B 462 23.10 -2.60 -35.30
N PHE B 463 21.91 -2.01 -35.28
CA PHE B 463 21.52 -1.18 -34.15
C PHE B 463 21.44 -1.99 -32.86
N ASN B 464 20.87 -3.20 -32.94
CA ASN B 464 20.81 -4.07 -31.77
C ASN B 464 22.19 -4.46 -31.29
N LEU B 465 23.10 -4.78 -32.22
CA LEU B 465 24.45 -5.17 -31.83
C LEU B 465 25.17 -4.05 -31.11
N VAL B 466 25.08 -2.82 -31.62
CA VAL B 466 25.72 -1.68 -30.98
C VAL B 466 25.09 -1.41 -29.61
N TYR B 467 23.76 -1.48 -29.53
CA TYR B 467 23.07 -1.16 -28.29
C TYR B 467 23.47 -2.13 -27.17
N TRP B 468 23.47 -3.43 -27.47
CA TRP B 468 23.75 -4.42 -26.43
C TRP B 468 25.21 -4.40 -26.01
N LEU B 469 26.13 -4.19 -26.97
CA LEU B 469 27.54 -4.13 -26.62
C LEU B 469 27.84 -2.93 -25.73
N TYR B 470 27.19 -1.79 -26.01
CA TYR B 470 27.46 -0.58 -25.23
C TYR B 470 27.00 -0.74 -23.78
N TYR B 471 25.86 -1.39 -23.55
CA TYR B 471 25.28 -1.48 -22.22
C TYR B 471 25.58 -2.80 -21.53
N VAL B 472 26.47 -3.62 -22.08
CA VAL B 472 26.89 -4.85 -21.41
C VAL B 472 28.41 -4.85 -21.24
N GLY C 32 -21.30 -14.08 47.91
CA GLY C 32 -20.69 -12.76 48.01
C GLY C 32 -19.22 -12.81 48.36
N ASN C 33 -18.50 -13.75 47.74
CA ASN C 33 -17.08 -13.94 47.99
C ASN C 33 -16.20 -13.14 47.04
N MET C 34 -16.71 -12.04 46.49
CA MET C 34 -15.89 -11.20 45.62
C MET C 34 -14.72 -10.60 46.38
N SER C 35 -14.94 -10.20 47.63
CA SER C 35 -13.84 -9.70 48.46
C SER C 35 -12.81 -10.80 48.70
N PHE C 36 -13.26 -12.03 48.96
CA PHE C 36 -12.32 -13.13 49.13
C PHE C 36 -11.52 -13.39 47.87
N VAL C 37 -12.18 -13.35 46.71
CA VAL C 37 -11.47 -13.50 45.44
C VAL C 37 -10.51 -12.33 45.23
N LYS C 38 -10.95 -11.11 45.56
CA LYS C 38 -10.08 -9.95 45.42
C LYS C 38 -8.85 -10.08 46.32
N GLU C 39 -9.03 -10.55 47.56
CA GLU C 39 -7.90 -10.78 48.44
C GLU C 39 -6.98 -11.86 47.88
N THR C 40 -7.56 -12.92 47.31
CA THR C 40 -6.75 -13.99 46.74
C THR C 40 -5.92 -13.49 45.57
N VAL C 41 -6.52 -12.69 44.68
CA VAL C 41 -5.80 -12.20 43.51
C VAL C 41 -4.73 -11.19 43.93
N ASP C 42 -5.06 -10.32 44.89
CA ASP C 42 -4.06 -9.36 45.36
C ASP C 42 -2.88 -10.06 45.99
N LYS C 43 -3.13 -11.17 46.71
CA LYS C 43 -2.04 -11.94 47.28
C LYS C 43 -1.15 -12.53 46.19
N LEU C 44 -1.76 -12.99 45.08
CA LEU C 44 -0.97 -13.56 44.00
C LEU C 44 -0.06 -12.52 43.36
N LEU C 45 -0.55 -11.30 43.17
CA LEU C 45 0.21 -10.25 42.52
C LEU C 45 1.11 -9.47 43.47
N LYS C 46 1.04 -9.75 44.77
CA LYS C 46 1.92 -9.10 45.74
C LYS C 46 3.29 -9.74 45.69
N GLY C 47 4.30 -8.96 45.29
CA GLY C 47 5.64 -9.48 45.11
C GLY C 47 5.89 -10.17 43.78
N TYR C 48 4.88 -10.23 42.91
CA TYR C 48 5.05 -10.85 41.60
C TYR C 48 5.97 -10.01 40.74
N ASP C 49 6.96 -10.65 40.12
CA ASP C 49 7.94 -9.99 39.27
C ASP C 49 7.70 -10.41 37.82
N ILE C 50 7.20 -9.48 37.01
CA ILE C 50 6.95 -9.78 35.60
C ILE C 50 8.25 -9.95 34.83
N ARG C 51 9.36 -9.41 35.34
CA ARG C 51 10.63 -9.50 34.64
C ARG C 51 11.21 -10.90 34.63
N LEU C 52 10.73 -11.78 35.52
CA LEU C 52 11.26 -13.13 35.65
C LEU C 52 10.24 -14.14 35.14
N ARG C 53 10.70 -15.06 34.29
CA ARG C 53 9.86 -16.12 33.80
C ARG C 53 9.57 -17.12 34.92
N PRO C 54 8.49 -17.90 34.79
CA PRO C 54 8.25 -18.96 35.79
C PRO C 54 9.41 -19.94 35.84
N ASP C 55 9.73 -20.38 37.05
CA ASP C 55 10.86 -21.28 37.30
C ASP C 55 12.16 -20.69 36.72
N PHE C 56 12.38 -19.41 37.01
CA PHE C 56 13.57 -18.73 36.52
C PHE C 56 14.82 -19.38 37.10
N GLY C 57 15.79 -19.65 36.24
CA GLY C 57 17.01 -20.32 36.64
C GLY C 57 16.88 -21.81 36.78
N GLY C 58 15.73 -22.39 36.47
CA GLY C 58 15.53 -23.81 36.58
C GLY C 58 15.14 -24.45 35.27
N PRO C 59 14.24 -25.44 35.33
CA PRO C 59 13.81 -26.10 34.09
C PRO C 59 13.07 -25.14 33.19
N PRO C 60 13.14 -25.32 31.88
CA PRO C 60 12.39 -24.45 30.96
C PRO C 60 10.89 -24.63 31.13
N VAL C 61 10.16 -23.55 30.90
CA VAL C 61 8.71 -23.56 31.00
C VAL C 61 8.13 -24.01 29.67
N CYS C 62 7.27 -25.03 29.71
CA CYS C 62 6.64 -25.56 28.51
C CYS C 62 5.39 -24.75 28.19
N VAL C 63 5.31 -24.26 26.96
CA VAL C 63 4.19 -23.44 26.50
C VAL C 63 3.45 -24.20 25.42
N GLY C 64 2.18 -24.51 25.68
CA GLY C 64 1.34 -25.18 24.70
C GLY C 64 0.55 -24.15 23.89
N MET C 65 0.51 -24.36 22.58
CA MET C 65 -0.09 -23.40 21.67
C MET C 65 -1.13 -24.07 20.79
N ASN C 66 -2.30 -23.44 20.69
N ASN C 66 -2.29 -23.45 20.67
CA ASN C 66 -3.36 -23.83 19.78
CA ASN C 66 -3.32 -23.87 19.73
C ASN C 66 -3.73 -22.62 18.93
C ASN C 66 -3.84 -22.66 18.97
N ILE C 67 -4.16 -22.87 17.70
CA ILE C 67 -4.58 -21.80 16.80
C ILE C 67 -5.97 -22.14 16.27
N ASP C 68 -6.89 -21.19 16.41
CA ASP C 68 -8.21 -21.29 15.81
C ASP C 68 -8.27 -20.28 14.67
N ILE C 69 -8.18 -20.80 13.44
CA ILE C 69 -8.16 -19.94 12.27
CA ILE C 69 -8.16 -19.93 12.28
C ILE C 69 -9.53 -19.34 12.04
N ALA C 70 -9.60 -18.01 11.92
CA ALA C 70 -10.84 -17.34 11.60
C ALA C 70 -11.07 -17.26 10.10
N SER C 71 -10.09 -16.75 9.36
CA SER C 71 -10.18 -16.65 7.92
C SER C 71 -8.80 -16.30 7.36
N ILE C 72 -8.64 -16.52 6.05
CA ILE C 72 -7.49 -16.05 5.29
C ILE C 72 -8.03 -15.02 4.32
N ASP C 73 -7.87 -13.74 4.64
CA ASP C 73 -8.53 -12.68 3.88
C ASP C 73 -7.99 -12.59 2.46
N MET C 74 -6.67 -12.51 2.32
CA MET C 74 -6.06 -12.27 1.01
C MET C 74 -4.84 -13.16 0.84
N VAL C 75 -4.59 -13.53 -0.42
CA VAL C 75 -3.35 -14.19 -0.83
C VAL C 75 -2.82 -13.39 -2.01
N SER C 76 -1.68 -12.75 -1.84
CA SER C 76 -1.14 -11.81 -2.82
C SER C 76 0.10 -12.40 -3.47
N GLU C 77 0.05 -12.56 -4.79
CA GLU C 77 1.22 -13.02 -5.53
C GLU C 77 2.23 -11.89 -5.73
N VAL C 78 1.75 -10.67 -5.93
CA VAL C 78 2.64 -9.53 -6.17
CA VAL C 78 2.66 -9.55 -6.17
C VAL C 78 3.50 -9.27 -4.93
N ASN C 79 2.88 -9.29 -3.75
CA ASN C 79 3.61 -9.05 -2.51
C ASN C 79 4.14 -10.34 -1.88
N MET C 80 3.75 -11.50 -2.41
CA MET C 80 4.18 -12.80 -1.89
C MET C 80 3.90 -12.92 -0.39
N ASP C 81 2.65 -12.68 -0.02
CA ASP C 81 2.23 -12.76 1.38
C ASP C 81 0.74 -13.06 1.44
N TYR C 82 0.29 -13.46 2.62
CA TYR C 82 -1.11 -13.75 2.87
C TYR C 82 -1.51 -13.12 4.19
N THR C 83 -2.80 -12.77 4.31
CA THR C 83 -3.34 -12.18 5.51
C THR C 83 -4.12 -13.24 6.28
N LEU C 84 -3.79 -13.41 7.55
CA LEU C 84 -4.38 -14.46 8.38
C LEU C 84 -4.95 -13.84 9.65
N THR C 85 -6.20 -14.20 9.97
CA THR C 85 -6.85 -13.84 11.21
C THR C 85 -7.11 -15.11 12.01
N MET C 86 -6.72 -15.11 13.28
CA MET C 86 -6.76 -16.33 14.07
C MET C 86 -6.87 -15.99 15.54
N TYR C 87 -7.26 -17.00 16.32
CA TYR C 87 -7.25 -16.93 17.78
C TYR C 87 -6.02 -17.69 18.26
N PHE C 88 -5.07 -16.96 18.85
CA PHE C 88 -3.80 -17.52 19.27
C PHE C 88 -3.84 -17.75 20.77
N GLN C 89 -3.89 -19.02 21.18
CA GLN C 89 -3.95 -19.40 22.59
C GLN C 89 -2.62 -19.97 23.04
N GLN C 90 -2.19 -19.56 24.23
CA GLN C 90 -0.96 -20.04 24.84
C GLN C 90 -1.26 -20.62 26.20
N TYR C 91 -0.72 -21.80 26.47
N TYR C 91 -0.63 -21.75 26.52
CA TYR C 91 -0.94 -22.52 27.72
CA TYR C 91 -0.94 -22.54 27.70
C TYR C 91 0.39 -22.74 28.42
C TYR C 91 0.35 -22.84 28.45
N TRP C 92 0.46 -22.33 29.68
CA TRP C 92 1.65 -22.59 30.49
C TRP C 92 1.26 -22.53 31.95
N ARG C 93 2.10 -23.14 32.79
CA ARG C 93 1.86 -23.21 34.22
C ARG C 93 2.82 -22.29 34.95
N ASP C 94 2.28 -21.44 35.82
CA ASP C 94 3.07 -20.54 36.66
C ASP C 94 2.66 -20.79 38.10
N LYS C 95 3.54 -21.43 38.87
CA LYS C 95 3.23 -21.78 40.26
C LYS C 95 3.06 -20.54 41.13
N ARG C 96 3.59 -19.39 40.71
CA ARG C 96 3.39 -18.16 41.47
C ARG C 96 1.94 -17.71 41.47
N LEU C 97 1.14 -18.15 40.50
CA LEU C 97 -0.26 -17.77 40.39
C LEU C 97 -1.20 -18.84 40.93
N ALA C 98 -0.67 -19.90 41.53
CA ALA C 98 -1.52 -20.95 42.08
C ALA C 98 -2.30 -20.44 43.28
N TYR C 99 -3.58 -20.79 43.33
CA TYR C 99 -4.45 -20.37 44.43
C TYR C 99 -5.25 -21.58 44.92
N SER C 100 -5.64 -21.52 46.19
CA SER C 100 -6.37 -22.59 46.83
C SER C 100 -7.62 -22.03 47.51
N GLY C 101 -8.60 -22.92 47.70
CA GLY C 101 -9.86 -22.55 48.31
C GLY C 101 -10.93 -22.07 47.35
N ILE C 102 -10.60 -21.89 46.09
CA ILE C 102 -11.56 -21.47 45.06
C ILE C 102 -11.61 -22.55 43.99
N PRO C 103 -12.62 -23.41 44.02
CA PRO C 103 -12.76 -24.48 43.02
C PRO C 103 -13.34 -24.00 41.69
N LEU C 104 -12.80 -22.89 41.18
CA LEU C 104 -13.28 -22.30 39.94
C LEU C 104 -12.08 -21.80 39.13
N ASN C 105 -12.31 -21.64 37.84
CA ASN C 105 -11.32 -21.05 36.95
C ASN C 105 -11.57 -19.56 36.85
N LEU C 106 -10.61 -18.76 37.33
CA LEU C 106 -10.77 -17.31 37.40
C LEU C 106 -10.59 -16.71 36.01
N THR C 107 -11.67 -16.27 35.40
CA THR C 107 -11.61 -15.54 34.14
C THR C 107 -11.52 -14.06 34.47
N LEU C 108 -10.33 -13.50 34.37
CA LEU C 108 -10.08 -12.13 34.76
C LEU C 108 -10.18 -11.19 33.57
N ASP C 109 -10.19 -9.90 33.86
CA ASP C 109 -10.21 -8.88 32.82
C ASP C 109 -8.91 -8.94 32.01
N ASN C 110 -9.01 -8.59 30.73
CA ASN C 110 -7.84 -8.65 29.85
C ASN C 110 -6.74 -7.70 30.28
N ARG C 111 -7.08 -6.66 31.05
CA ARG C 111 -6.07 -5.71 31.50
C ARG C 111 -5.16 -6.28 32.58
N VAL C 112 -5.49 -7.44 33.16
CA VAL C 112 -4.62 -8.06 34.15
C VAL C 112 -3.39 -8.69 33.51
N ALA C 113 -3.38 -8.87 32.20
CA ALA C 113 -2.23 -9.45 31.52
C ALA C 113 -1.00 -8.56 31.60
N ASP C 114 -1.18 -7.26 31.85
CA ASP C 114 -0.04 -6.36 31.98
C ASP C 114 0.74 -6.58 33.27
N GLN C 115 0.11 -7.18 34.28
CA GLN C 115 0.78 -7.49 35.54
C GLN C 115 1.24 -8.94 35.62
N LEU C 116 1.17 -9.69 34.52
CA LEU C 116 1.56 -11.09 34.49
C LEU C 116 2.63 -11.30 33.43
N TRP C 117 3.50 -12.27 33.70
CA TRP C 117 4.50 -12.67 32.71
C TRP C 117 3.81 -13.43 31.58
N VAL C 118 4.14 -13.08 30.35
CA VAL C 118 3.63 -13.79 29.18
C VAL C 118 4.80 -14.16 28.28
N PRO C 119 4.70 -15.25 27.52
CA PRO C 119 5.80 -15.60 26.61
C PRO C 119 6.02 -14.54 25.55
N ASP C 120 7.29 -14.36 25.17
CA ASP C 120 7.63 -13.40 24.13
C ASP C 120 7.45 -14.01 22.75
N THR C 121 6.26 -14.55 22.49
CA THR C 121 6.01 -15.23 21.23
C THR C 121 5.86 -14.22 20.09
N TYR C 122 6.56 -14.46 19.00
CA TYR C 122 6.46 -13.62 17.82
C TYR C 122 6.46 -14.52 16.59
N PHE C 123 5.99 -13.97 15.48
CA PHE C 123 5.94 -14.67 14.20
C PHE C 123 7.12 -14.23 13.34
N LEU C 124 7.95 -15.19 12.96
CA LEU C 124 9.21 -14.86 12.30
C LEU C 124 8.99 -14.32 10.89
N ASN C 125 8.02 -14.86 10.17
CA ASN C 125 7.82 -14.53 8.76
C ASN C 125 6.71 -13.49 8.55
N ASP C 126 6.20 -12.90 9.62
CA ASP C 126 5.13 -11.91 9.46
C ASP C 126 5.70 -10.59 8.96
N LYS C 127 4.86 -9.85 8.24
CA LYS C 127 5.24 -8.54 7.73
C LYS C 127 4.56 -7.38 8.46
N LYS C 128 3.31 -7.57 8.90
CA LYS C 128 2.60 -6.55 9.65
C LYS C 128 1.47 -7.25 10.40
N SER C 129 1.45 -7.12 11.73
CA SER C 129 0.44 -7.77 12.54
CA SER C 129 0.46 -7.78 12.56
C SER C 129 -0.02 -6.81 13.63
N PHE C 130 -1.24 -7.06 14.12
CA PHE C 130 -1.83 -6.25 15.16
C PHE C 130 -2.85 -7.08 15.93
N VAL C 131 -3.20 -6.60 17.11
CA VAL C 131 -4.21 -7.22 17.95
C VAL C 131 -5.43 -6.32 17.98
N HIS C 132 -6.60 -6.89 17.69
CA HIS C 132 -7.83 -6.11 17.65
C HIS C 132 -8.15 -5.53 19.02
N GLY C 133 -8.65 -4.29 19.03
CA GLY C 133 -8.89 -3.60 20.28
C GLY C 133 -10.26 -2.94 20.39
N VAL C 134 -11.27 -3.53 19.77
CA VAL C 134 -12.63 -3.03 19.83
C VAL C 134 -13.54 -4.18 20.26
N THR C 135 -14.36 -3.95 21.30
CA THR C 135 -14.43 -2.67 22.00
C THR C 135 -13.33 -2.54 23.04
N VAL C 136 -12.72 -3.68 23.38
CA VAL C 136 -11.52 -3.73 24.19
C VAL C 136 -10.51 -4.60 23.45
N LYS C 137 -9.30 -4.67 24.00
CA LYS C 137 -8.27 -5.50 23.40
CA LYS C 137 -8.27 -5.50 23.40
C LYS C 137 -8.72 -6.95 23.37
N ASN C 138 -8.61 -7.59 22.22
CA ASN C 138 -9.05 -8.96 22.03
C ASN C 138 -8.05 -9.89 22.73
N ARG C 139 -8.19 -9.97 24.05
CA ARG C 139 -7.25 -10.67 24.90
C ARG C 139 -8.02 -11.38 26.01
N MET C 140 -7.57 -12.57 26.37
CA MET C 140 -8.24 -13.39 27.38
C MET C 140 -7.21 -13.92 28.36
N ILE C 141 -7.50 -13.79 29.65
CA ILE C 141 -6.71 -14.38 30.72
C ILE C 141 -7.61 -15.26 31.56
N ARG C 142 -7.22 -16.52 31.73
CA ARG C 142 -8.01 -17.48 32.51
C ARG C 142 -7.06 -18.27 33.40
N LEU C 143 -7.08 -17.98 34.69
CA LEU C 143 -6.22 -18.69 35.64
C LEU C 143 -6.86 -20.00 36.06
N HIS C 144 -6.03 -20.87 36.63
CA HIS C 144 -6.46 -22.18 37.11
C HIS C 144 -5.91 -22.40 38.52
N PRO C 145 -6.57 -23.23 39.31
CA PRO C 145 -6.10 -23.44 40.70
C PRO C 145 -4.67 -23.96 40.80
N ASP C 146 -4.22 -24.76 39.84
CA ASP C 146 -2.88 -25.32 39.89
C ASP C 146 -1.82 -24.36 39.35
N GLY C 147 -2.21 -23.15 38.93
CA GLY C 147 -1.28 -22.19 38.38
C GLY C 147 -1.25 -22.12 36.87
N THR C 148 -2.04 -22.95 36.18
CA THR C 148 -2.08 -22.92 34.73
C THR C 148 -2.71 -21.62 34.24
N VAL C 149 -2.10 -21.02 33.22
CA VAL C 149 -2.55 -19.75 32.66
C VAL C 149 -2.92 -19.96 31.21
N LEU C 150 -4.14 -19.53 30.86
N LEU C 150 -4.13 -19.53 30.85
CA LEU C 150 -4.60 -19.53 29.47
CA LEU C 150 -4.59 -19.55 29.46
C LEU C 150 -4.54 -18.10 28.96
C LEU C 150 -4.59 -18.12 28.93
N TYR C 151 -3.84 -17.90 27.85
CA TYR C 151 -3.66 -16.58 27.27
C TYR C 151 -4.07 -16.64 25.80
N GLY C 152 -5.13 -15.93 25.46
CA GLY C 152 -5.66 -15.94 24.10
C GLY C 152 -5.62 -14.55 23.48
N LEU C 153 -5.31 -14.51 22.18
CA LEU C 153 -5.24 -13.26 21.44
C LEU C 153 -5.86 -13.47 20.06
N ARG C 154 -6.64 -12.49 19.62
CA ARG C 154 -7.16 -12.47 18.25
C ARG C 154 -6.23 -11.58 17.42
N ILE C 155 -5.48 -12.20 16.52
CA ILE C 155 -4.41 -11.53 15.80
C ILE C 155 -4.70 -11.61 14.31
N THR C 156 -4.61 -10.46 13.64
CA THR C 156 -4.61 -10.40 12.18
C THR C 156 -3.19 -10.14 11.72
N THR C 157 -2.61 -11.10 10.99
CA THR C 157 -1.20 -11.05 10.62
C THR C 157 -1.05 -11.19 9.12
N THR C 158 -0.08 -10.47 8.56
CA THR C 158 0.30 -10.59 7.16
C THR C 158 1.68 -11.26 7.13
N ALA C 159 1.71 -12.52 6.73
CA ALA C 159 2.92 -13.33 6.76
C ALA C 159 3.43 -13.52 5.34
N ALA C 160 4.74 -13.32 5.16
CA ALA C 160 5.35 -13.50 3.85
C ALA C 160 5.31 -14.96 3.43
N CYS C 161 5.12 -15.19 2.13
CA CYS C 161 5.08 -16.55 1.58
C CYS C 161 5.67 -16.49 0.18
N MET C 162 6.91 -16.94 0.04
CA MET C 162 7.53 -17.03 -1.27
C MET C 162 6.79 -18.06 -2.12
N MET C 163 6.52 -17.70 -3.37
CA MET C 163 5.72 -18.52 -4.27
C MET C 163 6.51 -18.86 -5.51
N ASP C 164 6.37 -20.12 -5.95
CA ASP C 164 6.99 -20.59 -7.19
C ASP C 164 5.94 -20.49 -8.29
N LEU C 165 6.11 -19.50 -9.18
CA LEU C 165 5.15 -19.22 -10.23
C LEU C 165 5.55 -19.81 -11.58
N ARG C 166 6.44 -20.81 -11.57
CA ARG C 166 6.83 -21.46 -12.83
C ARG C 166 5.65 -22.18 -13.47
N ARG C 167 4.80 -22.82 -12.66
CA ARG C 167 3.63 -23.52 -13.16
C ARG C 167 2.37 -22.70 -13.06
N TYR C 168 2.50 -21.40 -12.78
CA TYR C 168 1.34 -20.52 -12.67
C TYR C 168 0.59 -20.49 -14.01
N PRO C 169 -0.76 -20.51 -14.00
CA PRO C 169 -1.63 -20.52 -12.82
C PRO C 169 -2.00 -21.92 -12.34
N LEU C 170 -1.34 -22.95 -12.86
CA LEU C 170 -1.57 -24.33 -12.44
C LEU C 170 -0.63 -24.75 -11.32
N ASP C 171 -0.17 -23.82 -10.51
CA ASP C 171 0.85 -24.07 -9.50
C ASP C 171 0.21 -24.47 -8.17
N GLU C 172 1.04 -25.02 -7.29
CA GLU C 172 0.65 -25.38 -5.94
C GLU C 172 1.60 -24.71 -4.96
N GLN C 173 1.07 -24.03 -3.97
CA GLN C 173 1.86 -23.19 -3.07
C GLN C 173 1.83 -23.75 -1.66
N ASN C 174 2.93 -23.54 -0.93
CA ASN C 174 3.08 -23.98 0.45
C ASN C 174 3.45 -22.76 1.28
N CYS C 175 2.47 -22.20 1.99
CA CYS C 175 2.67 -21.03 2.83
C CYS C 175 2.73 -21.45 4.28
N THR C 176 3.72 -20.95 5.01
CA THR C 176 3.98 -21.34 6.38
C THR C 176 3.79 -20.17 7.33
N LEU C 177 3.60 -20.49 8.61
CA LEU C 177 3.53 -19.51 9.68
C LEU C 177 4.50 -19.94 10.76
N GLU C 178 5.60 -19.21 10.90
CA GLU C 178 6.66 -19.57 11.84
C GLU C 178 6.39 -18.91 13.20
N ILE C 179 6.40 -19.72 14.24
CA ILE C 179 6.16 -19.27 15.60
C ILE C 179 7.42 -19.55 16.42
N GLU C 180 7.94 -18.52 17.08
CA GLU C 180 9.19 -18.65 17.80
C GLU C 180 9.22 -17.69 18.98
N SER C 181 10.03 -18.03 19.98
CA SER C 181 10.31 -17.14 21.10
C SER C 181 11.44 -16.20 20.72
N TYR C 182 11.30 -14.93 21.10
CA TYR C 182 12.27 -13.94 20.67
C TYR C 182 13.49 -13.90 21.57
N GLY C 183 13.29 -13.87 22.89
CA GLY C 183 14.41 -13.70 23.79
C GLY C 183 14.83 -14.96 24.52
N TYR C 184 13.87 -15.80 24.90
CA TYR C 184 14.17 -17.00 25.68
C TYR C 184 14.59 -18.14 24.75
N THR C 185 15.71 -18.78 25.09
CA THR C 185 16.21 -19.90 24.33
C THR C 185 15.53 -21.19 24.78
N THR C 186 15.95 -22.32 24.20
CA THR C 186 15.39 -23.62 24.58
C THR C 186 15.70 -23.98 26.02
N ASP C 187 16.75 -23.38 26.60
CA ASP C 187 17.05 -23.64 28.01
C ASP C 187 16.06 -22.95 28.94
N ASP C 188 15.29 -21.98 28.45
CA ASP C 188 14.35 -21.23 29.27
C ASP C 188 12.90 -21.46 28.91
N ILE C 189 12.59 -21.84 27.67
CA ILE C 189 11.22 -22.00 27.23
C ILE C 189 11.17 -23.10 26.18
N GLU C 190 10.05 -23.80 26.13
CA GLU C 190 9.80 -24.85 25.14
C GLU C 190 8.40 -24.68 24.58
N PHE C 191 8.26 -24.95 23.28
CA PHE C 191 6.99 -24.84 22.58
C PHE C 191 6.52 -26.22 22.13
N TYR C 192 5.21 -26.46 22.25
CA TYR C 192 4.62 -27.68 21.73
C TYR C 192 3.19 -27.38 21.30
N TRP C 193 2.70 -28.16 20.34
CA TRP C 193 1.32 -28.03 19.88
C TRP C 193 0.41 -28.74 20.87
N ARG C 194 -0.41 -27.98 21.58
CA ARG C 194 -1.32 -28.57 22.57
C ARG C 194 -2.45 -29.29 21.85
N GLY C 195 -2.52 -30.61 22.05
CA GLY C 195 -3.49 -31.44 21.36
C GLY C 195 -2.96 -32.18 20.16
N GLY C 196 -1.64 -32.14 19.91
CA GLY C 196 -1.10 -32.87 18.79
C GLY C 196 -1.52 -32.26 17.46
N ASP C 197 -1.97 -33.12 16.54
CA ASP C 197 -2.39 -32.66 15.23
C ASP C 197 -3.71 -31.90 15.26
N LYS C 198 -4.42 -31.91 16.39
CA LYS C 198 -5.66 -31.17 16.53
C LYS C 198 -5.46 -29.79 17.14
N ALA C 199 -4.21 -29.34 17.26
CA ALA C 199 -3.95 -28.03 17.86
C ALA C 199 -4.53 -26.91 17.01
N VAL C 200 -4.44 -27.02 15.70
CA VAL C 200 -4.92 -25.99 14.79
C VAL C 200 -6.27 -26.42 14.25
N THR C 201 -7.29 -25.60 14.49
CA THR C 201 -8.65 -25.84 14.02
C THR C 201 -9.09 -24.68 13.14
N GLY C 202 -10.30 -24.79 12.60
CA GLY C 202 -10.84 -23.75 11.75
C GLY C 202 -10.30 -23.74 10.34
N VAL C 203 -9.58 -24.79 9.93
CA VAL C 203 -9.05 -24.83 8.57
C VAL C 203 -10.18 -24.89 7.56
N GLU C 204 -11.28 -25.58 7.89
CA GLU C 204 -12.44 -25.64 7.02
C GLU C 204 -13.12 -24.28 6.86
N ARG C 205 -12.90 -23.36 7.79
CA ARG C 205 -13.50 -22.03 7.66
C ARG C 205 -12.84 -21.21 6.55
N ILE C 206 -11.65 -21.61 6.10
CA ILE C 206 -10.95 -20.85 5.08
C ILE C 206 -11.70 -20.97 3.75
N GLU C 207 -12.10 -19.82 3.21
CA GLU C 207 -12.84 -19.76 1.94
C GLU C 207 -12.07 -18.82 1.01
N LEU C 208 -11.10 -19.37 0.30
CA LEU C 208 -10.33 -18.60 -0.67
C LEU C 208 -10.95 -18.77 -2.06
N PRO C 209 -11.37 -17.68 -2.71
CA PRO C 209 -11.94 -17.83 -4.06
C PRO C 209 -10.97 -18.39 -5.07
N GLN C 210 -9.66 -18.16 -4.88
CA GLN C 210 -8.67 -18.57 -5.86
C GLN C 210 -7.89 -19.82 -5.44
N PHE C 211 -7.95 -20.22 -4.17
CA PHE C 211 -7.17 -21.34 -3.67
C PHE C 211 -8.06 -22.28 -2.86
N SER C 212 -7.58 -23.51 -2.69
CA SER C 212 -8.21 -24.50 -1.85
C SER C 212 -7.15 -25.11 -0.94
N ILE C 213 -7.54 -25.36 0.32
CA ILE C 213 -6.62 -25.87 1.33
C ILE C 213 -6.52 -27.38 1.15
N VAL C 214 -5.45 -27.84 0.49
CA VAL C 214 -5.27 -29.27 0.27
C VAL C 214 -4.92 -29.97 1.59
N GLU C 215 -4.00 -29.39 2.35
CA GLU C 215 -3.51 -30.02 3.56
C GLU C 215 -2.84 -28.98 4.43
N HIS C 216 -2.82 -29.25 5.74
CA HIS C 216 -2.07 -28.44 6.70
C HIS C 216 -1.27 -29.35 7.60
N ARG C 217 -0.10 -28.87 8.01
CA ARG C 217 0.84 -29.65 8.81
C ARG C 217 1.33 -28.85 10.00
N LEU C 218 1.66 -29.55 11.07
CA LEU C 218 2.22 -28.96 12.28
C LEU C 218 3.63 -29.49 12.48
N VAL C 219 4.59 -28.58 12.63
CA VAL C 219 6.00 -28.94 12.76
C VAL C 219 6.54 -28.28 14.03
N SER C 220 7.24 -29.07 14.85
CA SER C 220 7.92 -28.58 16.03
C SER C 220 9.40 -28.91 15.90
N ARG C 221 10.26 -27.90 16.06
CA ARG C 221 11.69 -28.08 15.88
C ARG C 221 12.43 -26.98 16.63
N ASN C 222 13.76 -27.08 16.61
CA ASN C 222 14.63 -26.11 17.24
C ASN C 222 15.51 -25.45 16.18
N VAL C 223 15.62 -24.13 16.25
CA VAL C 223 16.40 -23.34 15.30
C VAL C 223 17.51 -22.65 16.07
N VAL C 224 18.74 -22.75 15.55
CA VAL C 224 19.92 -22.25 16.23
C VAL C 224 20.38 -20.95 15.56
N PHE C 225 20.54 -19.90 16.36
CA PHE C 225 21.10 -18.64 15.93
C PHE C 225 22.39 -18.38 16.72
N ALA C 226 23.00 -17.21 16.48
CA ALA C 226 24.20 -16.85 17.23
C ALA C 226 23.89 -16.67 18.70
N THR C 227 22.75 -16.06 19.03
CA THR C 227 22.38 -15.87 20.43
C THR C 227 22.06 -17.19 21.12
N GLY C 228 21.63 -18.21 20.38
CA GLY C 228 21.37 -19.50 20.96
C GLY C 228 20.37 -20.27 20.13
N ALA C 229 19.93 -21.40 20.67
CA ALA C 229 18.93 -22.24 20.04
C ALA C 229 17.55 -21.86 20.55
N TYR C 230 16.58 -21.76 19.63
CA TYR C 230 15.25 -21.30 20.00
C TYR C 230 14.19 -22.30 19.55
N PRO C 231 13.13 -22.47 20.33
CA PRO C 231 12.05 -23.38 19.90
C PRO C 231 11.24 -22.79 18.77
N ARG C 232 10.88 -23.63 17.81
CA ARG C 232 10.15 -23.19 16.62
C ARG C 232 8.91 -24.04 16.43
N LEU C 233 7.77 -23.39 16.22
CA LEU C 233 6.55 -24.04 15.80
C LEU C 233 6.18 -23.50 14.42
N SER C 234 5.89 -24.42 13.50
N SER C 234 5.88 -24.42 13.50
CA SER C 234 5.58 -24.07 12.12
CA SER C 234 5.58 -24.07 12.12
C SER C 234 4.20 -24.59 11.76
C SER C 234 4.21 -24.60 11.75
N LEU C 235 3.39 -23.74 11.15
CA LEU C 235 2.09 -24.12 10.63
C LEU C 235 2.09 -23.81 9.14
N SER C 236 1.89 -24.85 8.32
CA SER C 236 2.02 -24.73 6.88
C SER C 236 0.75 -25.21 6.20
N PHE C 237 0.35 -24.49 5.15
CA PHE C 237 -0.79 -24.86 4.33
C PHE C 237 -0.33 -25.09 2.90
N ARG C 238 -0.87 -26.12 2.26
CA ARG C 238 -0.63 -26.35 0.84
C ARG C 238 -1.84 -25.86 0.07
N LEU C 239 -1.64 -24.87 -0.78
CA LEU C 239 -2.70 -24.21 -1.53
C LEU C 239 -2.66 -24.65 -2.98
N LYS C 240 -3.82 -25.03 -3.51
CA LYS C 240 -3.96 -25.39 -4.91
C LYS C 240 -4.80 -24.32 -5.60
N ARG C 241 -4.24 -23.69 -6.63
CA ARG C 241 -4.93 -22.61 -7.30
C ARG C 241 -6.07 -23.14 -8.16
N ASN C 242 -7.16 -22.38 -8.23
CA ASN C 242 -8.32 -22.76 -9.03
C ASN C 242 -8.15 -22.23 -10.45
N ILE C 243 -8.29 -23.12 -11.42
CA ILE C 243 -8.09 -22.77 -12.82
C ILE C 243 -9.33 -22.17 -13.48
N GLY C 244 -10.47 -22.16 -12.78
CA GLY C 244 -11.70 -21.69 -13.39
C GLY C 244 -11.63 -20.24 -13.83
N TYR C 245 -11.07 -19.38 -12.98
CA TYR C 245 -10.98 -17.95 -13.33
C TYR C 245 -10.06 -17.72 -14.53
N PHE C 246 -8.91 -18.41 -14.56
CA PHE C 246 -7.93 -18.14 -15.60
C PHE C 246 -8.34 -18.71 -16.95
N ILE C 247 -9.15 -19.77 -16.97
CA ILE C 247 -9.66 -20.30 -18.23
C ILE C 247 -10.51 -19.25 -18.93
N LEU C 248 -11.41 -18.61 -18.18
CA LEU C 248 -12.29 -17.60 -18.77
C LEU C 248 -11.53 -16.31 -19.05
N GLN C 249 -10.67 -15.90 -18.12
CA GLN C 249 -10.04 -14.58 -18.23
C GLN C 249 -8.95 -14.55 -19.30
N THR C 250 -8.12 -15.59 -19.36
CA THR C 250 -6.95 -15.56 -20.23
C THR C 250 -6.97 -16.60 -21.33
N TYR C 251 -7.18 -17.87 -20.98
CA TYR C 251 -7.05 -18.94 -21.97
C TYR C 251 -8.12 -18.82 -23.06
N MET C 252 -9.37 -18.59 -22.67
CA MET C 252 -10.44 -18.48 -23.66
C MET C 252 -10.23 -17.31 -24.63
N PRO C 253 -9.95 -16.08 -24.18
CA PRO C 253 -9.69 -15.01 -25.17
C PRO C 253 -8.54 -15.31 -26.10
N SER C 254 -7.48 -15.96 -25.60
CA SER C 254 -6.34 -16.30 -26.45
C SER C 254 -6.73 -17.29 -27.54
N ILE C 255 -7.55 -18.29 -27.19
CA ILE C 255 -8.01 -19.25 -28.19
C ILE C 255 -8.89 -18.57 -29.22
N LEU C 256 -9.79 -17.69 -28.76
CA LEU C 256 -10.72 -17.02 -29.68
C LEU C 256 -9.97 -16.14 -30.68
N ILE C 257 -8.92 -15.45 -30.22
CA ILE C 257 -8.12 -14.63 -31.13
C ILE C 257 -7.41 -15.53 -32.15
N THR C 258 -6.88 -16.67 -31.70
CA THR C 258 -6.23 -17.60 -32.61
C THR C 258 -7.22 -18.14 -33.65
N ILE C 259 -8.44 -18.47 -33.21
CA ILE C 259 -9.47 -18.88 -34.15
C ILE C 259 -9.85 -17.74 -35.07
N LEU C 260 -9.83 -16.50 -34.55
CA LEU C 260 -10.16 -15.34 -35.37
C LEU C 260 -9.18 -15.17 -36.52
N SER C 261 -7.89 -15.46 -36.27
CA SER C 261 -6.89 -15.33 -37.33
C SER C 261 -7.11 -16.37 -38.44
N TRP C 262 -7.72 -17.51 -38.10
CA TRP C 262 -7.96 -18.54 -39.11
C TRP C 262 -9.01 -18.13 -40.12
N VAL C 263 -9.81 -17.10 -39.82
CA VAL C 263 -10.84 -16.65 -40.76
C VAL C 263 -10.21 -16.10 -42.03
N SER C 264 -9.00 -15.55 -41.94
CA SER C 264 -8.35 -14.96 -43.11
C SER C 264 -8.08 -16.00 -44.18
N PHE C 265 -7.96 -17.27 -43.80
CA PHE C 265 -7.69 -18.32 -44.78
C PHE C 265 -8.84 -18.48 -45.75
N TRP C 266 -10.08 -18.35 -45.26
CA TRP C 266 -11.26 -18.47 -46.12
CA TRP C 266 -11.26 -18.47 -46.12
C TRP C 266 -11.53 -17.22 -46.94
N ILE C 267 -10.89 -16.10 -46.62
CA ILE C 267 -11.06 -14.86 -47.36
C ILE C 267 -10.21 -14.92 -48.62
N ASN C 268 -10.75 -14.43 -49.73
CA ASN C 268 -10.03 -14.45 -50.99
C ASN C 268 -8.77 -13.60 -50.92
N TYR C 269 -7.74 -14.02 -51.65
CA TYR C 269 -6.45 -13.36 -51.59
C TYR C 269 -6.49 -11.95 -52.14
N ASP C 270 -7.41 -11.66 -53.08
CA ASP C 270 -7.50 -10.32 -53.64
C ASP C 270 -7.94 -9.28 -52.62
N ALA C 271 -8.61 -9.71 -51.55
CA ALA C 271 -9.02 -8.79 -50.48
C ALA C 271 -7.81 -8.50 -49.58
N SER C 272 -6.90 -7.70 -50.11
CA SER C 272 -5.67 -7.39 -49.40
C SER C 272 -5.93 -6.63 -48.11
N ALA C 273 -6.83 -5.65 -48.16
CA ALA C 273 -7.12 -4.85 -46.97
C ALA C 273 -7.74 -5.69 -45.87
N ALA C 274 -8.66 -6.59 -46.23
CA ALA C 274 -9.38 -7.37 -45.23
C ALA C 274 -8.46 -8.36 -44.52
N ARG C 275 -7.68 -9.12 -45.29
CA ARG C 275 -6.85 -10.16 -44.70
C ARG C 275 -5.70 -9.57 -43.89
N VAL C 276 -5.10 -8.48 -44.38
CA VAL C 276 -4.03 -7.83 -43.63
C VAL C 276 -4.56 -7.25 -42.33
N ALA C 277 -5.73 -6.62 -42.37
CA ALA C 277 -6.33 -6.07 -41.16
C ALA C 277 -6.62 -7.17 -40.14
N LEU C 278 -7.08 -8.33 -40.61
CA LEU C 278 -7.33 -9.46 -39.71
CA LEU C 278 -7.33 -9.44 -39.70
C LEU C 278 -6.05 -9.90 -39.02
N GLY C 279 -4.95 -9.98 -39.77
CA GLY C 279 -3.69 -10.39 -39.18
C GLY C 279 -3.15 -9.39 -38.18
N ILE C 280 -3.27 -8.10 -38.49
CA ILE C 280 -2.75 -7.07 -37.59
C ILE C 280 -3.51 -7.07 -36.28
N THR C 281 -4.84 -7.07 -36.34
CA THR C 281 -5.66 -6.94 -35.14
C THR C 281 -5.45 -8.11 -34.20
N THR C 282 -5.36 -9.33 -34.75
CA THR C 282 -5.13 -10.50 -33.90
C THR C 282 -3.76 -10.43 -33.22
N VAL C 283 -2.74 -9.98 -33.95
CA VAL C 283 -1.41 -9.86 -33.37
C VAL C 283 -1.40 -8.78 -32.29
N LEU C 284 -2.00 -7.63 -32.58
CA LEU C 284 -2.04 -6.54 -31.59
C LEU C 284 -2.85 -6.93 -30.37
N THR C 285 -3.98 -7.61 -30.57
CA THR C 285 -4.79 -8.04 -29.44
C THR C 285 -4.04 -9.04 -28.57
N MET C 286 -3.28 -9.94 -29.20
CA MET C 286 -2.50 -10.91 -28.44
C MET C 286 -1.46 -10.23 -27.57
N THR C 287 -0.81 -9.18 -28.09
CA THR C 287 0.16 -8.44 -27.30
C THR C 287 -0.49 -7.77 -26.10
N THR C 288 -1.67 -7.18 -26.30
CA THR C 288 -2.36 -6.50 -25.20
C THR C 288 -2.72 -7.48 -24.09
N ILE C 289 -3.18 -8.69 -24.46
CA ILE C 289 -3.50 -9.70 -23.47
C ILE C 289 -2.23 -10.11 -22.71
N ASN C 290 -1.12 -10.29 -23.43
CA ASN C 290 0.13 -10.68 -22.77
C ASN C 290 0.63 -9.60 -21.82
N THR C 291 0.55 -8.33 -22.25
CA THR C 291 1.00 -7.24 -21.38
C THR C 291 0.11 -7.11 -20.15
N HIS C 292 -1.20 -7.26 -20.33
CA HIS C 292 -2.12 -7.13 -19.20
C HIS C 292 -1.87 -8.20 -18.14
N LEU C 293 -1.61 -9.44 -18.57
CA LEU C 293 -1.36 -10.52 -17.61
C LEU C 293 -0.12 -10.26 -16.78
N ARG C 294 0.97 -9.82 -17.42
CA ARG C 294 2.23 -9.65 -16.72
C ARG C 294 2.22 -8.47 -15.75
N GLU C 295 1.24 -7.56 -15.89
CA GLU C 295 1.13 -6.43 -14.97
C GLU C 295 0.45 -6.81 -13.67
N THR C 296 -0.22 -7.96 -13.61
CA THR C 296 -0.91 -8.41 -12.40
C THR C 296 -0.07 -9.37 -11.58
N LEU C 297 1.18 -9.57 -11.93
CA LEU C 297 2.08 -10.53 -11.30
C LEU C 297 3.41 -9.87 -11.00
N PRO C 298 4.15 -10.38 -10.02
CA PRO C 298 5.47 -9.81 -9.71
C PRO C 298 6.43 -9.98 -10.87
N LYS C 299 7.37 -9.04 -10.97
CA LYS C 299 8.32 -9.04 -12.07
C LYS C 299 9.38 -10.12 -11.89
N ILE C 300 8.98 -11.38 -12.07
CA ILE C 300 9.89 -12.51 -11.94
C ILE C 300 10.64 -12.70 -13.25
N PRO C 301 11.88 -13.20 -13.22
CA PRO C 301 12.65 -13.33 -14.47
C PRO C 301 12.31 -14.59 -15.26
N TYR C 302 11.85 -15.63 -14.58
CA TYR C 302 11.58 -16.90 -15.25
C TYR C 302 10.23 -16.85 -15.96
N VAL C 303 10.04 -17.80 -16.87
CA VAL C 303 8.84 -17.87 -17.70
C VAL C 303 7.81 -18.74 -17.01
N LYS C 304 6.59 -18.22 -16.88
CA LYS C 304 5.49 -18.96 -16.28
C LYS C 304 4.84 -19.88 -17.31
N ALA C 305 3.99 -20.78 -16.81
CA ALA C 305 3.24 -21.66 -17.71
C ALA C 305 2.28 -20.87 -18.58
N ILE C 306 1.62 -19.87 -18.02
CA ILE C 306 0.70 -19.05 -18.79
C ILE C 306 1.45 -18.24 -19.85
N ASP C 307 2.67 -17.79 -19.54
CA ASP C 307 3.46 -17.06 -20.51
C ASP C 307 3.80 -17.94 -21.72
N MET C 308 4.11 -19.22 -21.47
CA MET C 308 4.39 -20.14 -22.57
C MET C 308 3.19 -20.29 -23.49
N TYR C 309 1.99 -20.39 -22.91
CA TYR C 309 0.79 -20.51 -23.73
C TYR C 309 0.56 -19.24 -24.56
N LEU C 310 0.75 -18.07 -23.96
CA LEU C 310 0.58 -16.82 -24.69
C LEU C 310 1.62 -16.68 -25.79
N MET C 311 2.87 -17.08 -25.53
CA MET C 311 3.89 -17.03 -26.56
C MET C 311 3.55 -17.97 -27.71
N GLY C 312 3.05 -19.16 -27.39
CA GLY C 312 2.64 -20.08 -28.44
C GLY C 312 1.48 -19.54 -29.26
N CYS C 313 0.50 -18.92 -28.60
CA CYS C 313 -0.61 -18.33 -29.33
C CYS C 313 -0.16 -17.18 -30.21
N PHE C 314 0.81 -16.39 -29.74
CA PHE C 314 1.33 -15.29 -30.56
C PHE C 314 2.02 -15.81 -31.81
N VAL C 315 2.69 -16.97 -31.71
CA VAL C 315 3.37 -17.53 -32.88
C VAL C 315 2.35 -17.89 -33.96
N PHE C 316 1.23 -18.50 -33.56
CA PHE C 316 0.24 -18.94 -34.54
C PHE C 316 -0.37 -17.75 -35.29
N VAL C 317 -0.74 -16.69 -34.56
CA VAL C 317 -1.33 -15.53 -35.21
C VAL C 317 -0.29 -14.80 -36.06
N PHE C 318 0.96 -14.75 -35.58
CA PHE C 318 2.02 -14.11 -36.37
C PHE C 318 2.31 -14.91 -37.63
N LEU C 319 2.33 -16.24 -37.54
CA LEU C 319 2.52 -17.07 -38.72
C LEU C 319 1.36 -16.94 -39.69
N ALA C 320 0.14 -16.76 -39.18
CA ALA C 320 -1.01 -16.58 -40.06
C ALA C 320 -0.88 -15.32 -40.91
N LEU C 321 -0.42 -14.22 -40.30
CA LEU C 321 -0.19 -13.01 -41.08
C LEU C 321 0.98 -13.19 -42.04
N LEU C 322 2.03 -13.89 -41.61
CA LEU C 322 3.13 -14.20 -42.51
C LEU C 322 2.68 -15.12 -43.63
N GLU C 323 1.68 -15.98 -43.35
CA GLU C 323 1.17 -16.87 -44.39
C GLU C 323 0.56 -16.10 -45.53
N TYR C 324 -0.22 -15.07 -45.23
CA TYR C 324 -0.83 -14.27 -46.30
C TYR C 324 0.22 -13.47 -47.05
N ALA C 325 1.25 -13.00 -46.35
CA ALA C 325 2.33 -12.29 -47.02
C ALA C 325 3.02 -13.18 -48.04
N PHE C 326 3.24 -14.44 -47.70
CA PHE C 326 3.75 -15.40 -48.66
C PHE C 326 2.78 -15.60 -49.83
N VAL C 327 1.49 -15.69 -49.53
CA VAL C 327 0.48 -15.86 -50.57
C VAL C 327 0.44 -14.62 -51.47
N ASN C 328 0.48 -13.43 -50.87
CA ASN C 328 0.47 -12.20 -51.66
C ASN C 328 1.72 -12.08 -52.51
N TYR C 329 2.87 -12.48 -51.97
CA TYR C 329 4.13 -12.36 -52.70
C TYR C 329 4.15 -13.28 -53.92
N ILE C 330 3.74 -14.53 -53.76
CA ILE C 330 3.79 -15.47 -54.88
C ILE C 330 2.76 -15.10 -55.93
N PHE C 331 1.59 -14.59 -55.52
CA PHE C 331 0.56 -14.23 -56.48
C PHE C 331 1.00 -13.05 -57.34
N PHE C 332 1.67 -12.07 -56.75
CA PHE C 332 2.14 -10.92 -57.49
C PHE C 332 3.65 -11.02 -57.76
N ALA C 447 -4.29 -22.98 -53.29
CA ALA C 447 -3.71 -24.23 -52.78
C ALA C 447 -3.02 -23.98 -51.45
N ILE C 448 -2.25 -22.90 -51.36
CA ILE C 448 -1.53 -22.58 -50.13
C ILE C 448 -2.52 -22.29 -49.01
N ASP C 449 -3.60 -21.56 -49.31
CA ASP C 449 -4.60 -21.27 -48.30
C ASP C 449 -5.27 -22.55 -47.80
N ARG C 450 -5.59 -23.48 -48.71
CA ARG C 450 -6.21 -24.73 -48.29
C ARG C 450 -5.28 -25.52 -47.38
N TRP C 451 -3.98 -25.56 -47.70
CA TRP C 451 -3.02 -26.23 -46.83
CA TRP C 451 -3.05 -26.25 -46.83
C TRP C 451 -2.91 -25.56 -45.48
N SER C 452 -3.08 -24.22 -45.44
CA SER C 452 -3.07 -23.52 -44.17
C SER C 452 -4.33 -23.79 -43.35
N ARG C 453 -5.45 -24.05 -44.02
CA ARG C 453 -6.70 -24.32 -43.31
C ARG C 453 -6.66 -25.61 -42.52
N ILE C 454 -5.79 -26.55 -42.89
CA ILE C 454 -5.72 -27.84 -42.20
C ILE C 454 -4.52 -27.94 -41.26
N VAL C 455 -3.47 -27.16 -41.49
CA VAL C 455 -2.27 -27.25 -40.65
C VAL C 455 -2.45 -26.44 -39.37
N PHE C 456 -2.88 -25.19 -39.50
CA PHE C 456 -2.98 -24.32 -38.32
C PHE C 456 -3.94 -24.85 -37.26
N PRO C 457 -5.20 -25.21 -37.57
CA PRO C 457 -6.05 -25.80 -36.53
C PRO C 457 -5.50 -27.10 -35.96
N PHE C 458 -4.86 -27.92 -36.80
CA PHE C 458 -4.30 -29.17 -36.32
C PHE C 458 -3.09 -28.93 -35.42
N THR C 459 -2.18 -28.05 -35.84
CA THR C 459 -1.01 -27.75 -35.03
C THR C 459 -1.40 -27.09 -33.72
N PHE C 460 -2.36 -26.17 -33.76
CA PHE C 460 -2.81 -25.51 -32.53
C PHE C 460 -3.44 -26.52 -31.57
N SER C 461 -4.24 -27.44 -32.10
CA SER C 461 -4.82 -28.49 -31.27
C SER C 461 -3.72 -29.37 -30.67
N LEU C 462 -2.72 -29.71 -31.48
CA LEU C 462 -1.58 -30.48 -30.95
C LEU C 462 -0.83 -29.70 -29.89
N PHE C 463 -0.64 -28.39 -30.12
CA PHE C 463 0.03 -27.56 -29.13
C PHE C 463 -0.75 -27.50 -27.83
N ASN C 464 -2.07 -27.36 -27.92
CA ASN C 464 -2.90 -27.35 -26.70
C ASN C 464 -2.81 -28.69 -25.97
N LEU C 465 -2.84 -29.80 -26.71
CA LEU C 465 -2.78 -31.11 -26.07
C LEU C 465 -1.47 -31.30 -25.32
N VAL C 466 -0.35 -30.92 -25.94
CA VAL C 466 0.95 -31.05 -25.27
C VAL C 466 1.02 -30.13 -24.06
N TYR C 467 0.53 -28.90 -24.19
CA TYR C 467 0.63 -27.93 -23.11
C TYR C 467 -0.15 -28.39 -21.88
N TRP C 468 -1.38 -28.86 -22.08
CA TRP C 468 -2.21 -29.22 -20.93
C TRP C 468 -1.72 -30.51 -20.28
N LEU C 469 -1.25 -31.47 -21.08
CA LEU C 469 -0.73 -32.71 -20.50
C LEU C 469 0.52 -32.45 -19.67
N TYR C 470 1.38 -31.55 -20.12
CA TYR C 470 2.62 -31.27 -19.41
C TYR C 470 2.35 -30.63 -18.05
N TYR C 471 1.38 -29.73 -17.98
CA TYR C 471 1.11 -28.97 -16.76
C TYR C 471 -0.03 -29.53 -15.93
N VAL C 472 -0.52 -30.72 -16.26
CA VAL C 472 -1.54 -31.37 -15.44
C VAL C 472 -1.06 -32.76 -15.02
N GLY D 32 -24.93 23.34 45.17
CA GLY D 32 -23.49 23.19 45.29
C GLY D 32 -23.07 21.87 45.90
N ASN D 33 -23.73 20.79 45.47
CA ASN D 33 -23.45 19.45 45.97
C ASN D 33 -22.42 18.71 45.13
N MET D 34 -21.54 19.43 44.43
CA MET D 34 -20.49 18.77 43.66
C MET D 34 -19.54 18.00 44.57
N SER D 35 -19.22 18.57 45.73
CA SER D 35 -18.41 17.85 46.70
C SER D 35 -19.10 16.59 47.18
N PHE D 36 -20.41 16.67 47.44
CA PHE D 36 -21.16 15.49 47.86
C PHE D 36 -21.15 14.42 46.76
N VAL D 37 -21.33 14.84 45.51
CA VAL D 37 -21.26 13.90 44.40
C VAL D 37 -19.85 13.33 44.27
N LYS D 38 -18.83 14.18 44.44
CA LYS D 38 -17.45 13.71 44.38
C LYS D 38 -17.18 12.68 45.48
N GLU D 39 -17.66 12.94 46.70
CA GLU D 39 -17.52 11.97 47.77
C GLU D 39 -18.26 10.68 47.45
N THR D 40 -19.44 10.78 46.86
CA THR D 40 -20.20 9.59 46.50
C THR D 40 -19.47 8.75 45.47
N VAL D 41 -18.93 9.40 44.44
CA VAL D 41 -18.24 8.67 43.38
C VAL D 41 -16.93 8.07 43.90
N ASP D 42 -16.20 8.81 44.73
CA ASP D 42 -14.97 8.28 45.30
C ASP D 42 -15.25 7.07 46.18
N LYS D 43 -16.37 7.08 46.90
CA LYS D 43 -16.76 5.93 47.70
C LYS D 43 -17.03 4.72 46.82
N LEU D 44 -17.68 4.94 45.67
CA LEU D 44 -17.98 3.83 44.76
C LEU D 44 -16.70 3.19 44.23
N LEU D 45 -15.71 4.00 43.89
CA LEU D 45 -14.47 3.50 43.30
C LEU D 45 -13.44 3.07 44.34
N LYS D 46 -13.72 3.28 45.62
CA LYS D 46 -12.81 2.86 46.67
C LYS D 46 -12.97 1.36 46.91
N GLY D 47 -11.92 0.60 46.64
CA GLY D 47 -11.98 -0.85 46.72
C GLY D 47 -12.57 -1.53 45.50
N TYR D 48 -12.95 -0.78 44.48
CA TYR D 48 -13.50 -1.38 43.27
C TYR D 48 -12.41 -2.12 42.51
N ASP D 49 -12.71 -3.36 42.12
CA ASP D 49 -11.78 -4.21 41.41
C ASP D 49 -12.27 -4.40 39.98
N ILE D 50 -11.56 -3.78 39.03
CA ILE D 50 -11.93 -3.91 37.62
C ILE D 50 -11.67 -5.31 37.10
N ARG D 51 -10.81 -6.09 37.75
CA ARG D 51 -10.49 -7.43 37.28
C ARG D 51 -11.65 -8.41 37.48
N LEU D 52 -12.61 -8.07 38.32
CA LEU D 52 -13.72 -8.97 38.63
C LEU D 52 -15.01 -8.43 38.02
N ARG D 53 -15.74 -9.29 37.33
CA ARG D 53 -17.03 -8.93 36.77
C ARG D 53 -18.05 -8.77 37.89
N PRO D 54 -19.14 -8.04 37.64
CA PRO D 54 -20.21 -7.96 38.64
C PRO D 54 -20.77 -9.33 38.96
N ASP D 55 -21.08 -9.55 40.24
CA ASP D 55 -21.56 -10.84 40.73
C ASP D 55 -20.59 -11.96 40.35
N PHE D 56 -19.31 -11.72 40.57
CA PHE D 56 -18.30 -12.71 40.25
C PHE D 56 -18.50 -13.97 41.09
N GLY D 57 -18.44 -15.12 40.41
CA GLY D 57 -18.69 -16.39 41.07
C GLY D 57 -20.15 -16.72 41.29
N GLY D 58 -21.06 -15.87 40.82
CA GLY D 58 -22.48 -16.11 40.99
C GLY D 58 -23.21 -16.19 39.67
N PRO D 59 -24.44 -15.65 39.64
CA PRO D 59 -25.21 -15.68 38.41
C PRO D 59 -24.55 -14.86 37.33
N PRO D 60 -24.71 -15.22 36.06
CA PRO D 60 -24.13 -14.42 34.98
C PRO D 60 -24.78 -13.05 34.90
N VAL D 61 -23.99 -12.07 34.47
CA VAL D 61 -24.47 -10.70 34.31
C VAL D 61 -25.09 -10.55 32.93
N CYS D 62 -26.33 -10.06 32.90
CA CYS D 62 -27.04 -9.86 31.65
C CYS D 62 -26.67 -8.50 31.07
N VAL D 63 -26.25 -8.49 29.81
CA VAL D 63 -25.84 -7.28 29.12
C VAL D 63 -26.80 -7.02 27.98
N GLY D 64 -27.51 -5.89 28.04
CA GLY D 64 -28.40 -5.50 26.98
C GLY D 64 -27.70 -4.59 25.98
N MET D 65 -27.92 -4.85 24.70
CA MET D 65 -27.20 -4.17 23.63
C MET D 65 -28.18 -3.58 22.63
N ASN D 66 -27.95 -2.31 22.26
CA ASN D 66 -28.71 -1.66 21.21
C ASN D 66 -27.75 -0.92 20.29
N ILE D 67 -28.04 -0.94 18.99
CA ILE D 67 -27.18 -0.37 17.97
C ILE D 67 -27.94 0.71 17.23
N ASP D 68 -27.34 1.90 17.15
CA ASP D 68 -27.86 3.00 16.35
C ASP D 68 -26.93 3.15 15.15
N ILE D 69 -27.39 2.70 13.99
CA ILE D 69 -26.55 2.69 12.80
C ILE D 69 -26.46 4.10 12.24
N ALA D 70 -25.23 4.58 12.05
CA ALA D 70 -25.00 5.91 11.50
C ALA D 70 -25.00 5.88 9.97
N SER D 71 -24.21 4.97 9.38
CA SER D 71 -24.15 4.83 7.93
C SER D 71 -23.40 3.55 7.60
N ILE D 72 -23.56 3.10 6.37
CA ILE D 72 -22.75 2.04 5.79
C ILE D 72 -21.96 2.68 4.66
N ASP D 73 -20.69 2.99 4.91
CA ASP D 73 -19.91 3.79 3.98
C ASP D 73 -19.65 3.06 2.68
N MET D 74 -19.16 1.82 2.75
CA MET D 74 -18.76 1.09 1.56
C MET D 74 -19.21 -0.36 1.65
N VAL D 75 -19.49 -0.93 0.49
CA VAL D 75 -19.71 -2.37 0.34
C VAL D 75 -18.80 -2.82 -0.78
N SER D 76 -17.83 -3.67 -0.46
CA SER D 76 -16.77 -4.05 -1.39
C SER D 76 -16.94 -5.51 -1.78
N GLU D 77 -17.13 -5.75 -3.07
CA GLU D 77 -17.19 -7.13 -3.57
C GLU D 77 -15.80 -7.75 -3.67
N VAL D 78 -14.80 -6.96 -4.04
CA VAL D 78 -13.44 -7.48 -4.18
CA VAL D 78 -13.45 -7.50 -4.19
C VAL D 78 -12.91 -7.96 -2.85
N ASN D 79 -13.11 -7.18 -1.79
CA ASN D 79 -12.64 -7.56 -0.46
C ASN D 79 -13.69 -8.33 0.33
N MET D 80 -14.92 -8.44 -0.17
CA MET D 80 -16.00 -9.15 0.50
C MET D 80 -16.19 -8.65 1.93
N ASP D 81 -16.37 -7.34 2.07
CA ASP D 81 -16.56 -6.72 3.37
C ASP D 81 -17.32 -5.42 3.20
N TYR D 82 -17.84 -4.91 4.32
CA TYR D 82 -18.54 -3.64 4.33
C TYR D 82 -18.08 -2.82 5.52
N THR D 83 -18.16 -1.50 5.39
CA THR D 83 -17.76 -0.58 6.45
C THR D 83 -19.01 -0.05 7.14
N LEU D 84 -19.05 -0.17 8.46
CA LEU D 84 -20.22 0.19 9.24
C LEU D 84 -19.82 1.16 10.35
N THR D 85 -20.55 2.26 10.46
CA THR D 85 -20.40 3.21 11.56
C THR D 85 -21.69 3.20 12.38
N MET D 86 -21.55 3.07 13.70
CA MET D 86 -22.70 2.87 14.54
C MET D 86 -22.41 3.34 15.95
N TYR D 87 -23.48 3.54 16.72
CA TYR D 87 -23.40 3.82 18.15
C TYR D 87 -23.71 2.52 18.89
N PHE D 88 -22.72 1.98 19.57
CA PHE D 88 -22.85 0.69 20.25
C PHE D 88 -23.06 0.93 21.74
N GLN D 89 -24.27 0.66 22.21
CA GLN D 89 -24.65 0.86 23.60
C GLN D 89 -24.75 -0.48 24.32
N GLN D 90 -24.21 -0.54 25.54
CA GLN D 90 -24.28 -1.72 26.37
C GLN D 90 -24.92 -1.37 27.70
N TYR D 91 -25.77 -2.26 28.20
CA TYR D 91 -26.62 -1.99 29.36
C TYR D 91 -26.49 -3.15 30.34
N TRP D 92 -25.94 -2.88 31.53
CA TRP D 92 -25.81 -3.91 32.54
C TRP D 92 -25.87 -3.26 33.91
N ARG D 93 -26.17 -4.07 34.93
CA ARG D 93 -26.30 -3.62 36.29
C ARG D 93 -25.10 -4.09 37.11
N ASP D 94 -24.47 -3.16 37.82
CA ASP D 94 -23.36 -3.46 38.71
C ASP D 94 -23.71 -2.90 40.08
N LYS D 95 -24.03 -3.79 41.03
CA LYS D 95 -24.44 -3.33 42.36
C LYS D 95 -23.32 -2.64 43.11
N ARG D 96 -22.07 -2.85 42.71
CA ARG D 96 -20.96 -2.15 43.35
C ARG D 96 -20.99 -0.64 43.06
N LEU D 97 -21.67 -0.22 42.01
CA LEU D 97 -21.76 1.18 41.64
C LEU D 97 -23.08 1.82 42.06
N ALA D 98 -23.91 1.11 42.82
CA ALA D 98 -25.17 1.67 43.28
C ALA D 98 -24.92 2.78 44.30
N TYR D 99 -25.66 3.88 44.16
CA TYR D 99 -25.53 5.02 45.05
C TYR D 99 -26.93 5.48 45.49
N SER D 100 -26.99 6.09 46.66
CA SER D 100 -28.23 6.56 47.24
C SER D 100 -28.10 8.01 47.65
N GLY D 101 -29.25 8.70 47.73
CA GLY D 101 -29.30 10.09 48.10
C GLY D 101 -29.20 11.06 46.94
N ILE D 102 -28.93 10.58 45.73
CA ILE D 102 -28.84 11.42 44.54
C ILE D 102 -29.88 10.93 43.55
N PRO D 103 -31.04 11.61 43.46
CA PRO D 103 -32.10 11.21 42.53
C PRO D 103 -31.84 11.67 41.09
N LEU D 104 -30.63 11.41 40.61
CA LEU D 104 -30.22 11.82 39.27
C LEU D 104 -29.37 10.72 38.65
N ASN D 105 -29.30 10.74 37.32
CA ASN D 105 -28.45 9.83 36.57
C ASN D 105 -27.10 10.52 36.33
N LEU D 106 -26.04 9.97 36.91
CA LEU D 106 -24.72 10.58 36.86
C LEU D 106 -24.10 10.34 35.50
N THR D 107 -24.04 11.38 34.68
CA THR D 107 -23.34 11.32 33.39
C THR D 107 -21.90 11.76 33.64
N LEU D 108 -20.99 10.79 33.71
CA LEU D 108 -19.61 11.07 34.05
C LEU D 108 -18.77 11.25 32.79
N ASP D 109 -17.53 11.72 32.99
CA ASP D 109 -16.59 11.86 31.89
C ASP D 109 -16.24 10.48 31.33
N ASN D 110 -15.96 10.45 30.03
CA ASN D 110 -15.65 9.18 29.36
C ASN D 110 -14.38 8.53 29.91
N ARG D 111 -13.50 9.31 30.54
CA ARG D 111 -12.27 8.75 31.10
C ARG D 111 -12.52 7.91 32.35
N VAL D 112 -13.71 7.98 32.94
CA VAL D 112 -14.01 7.14 34.10
C VAL D 112 -14.22 5.68 33.73
N ALA D 113 -14.41 5.38 32.44
CA ALA D 113 -14.58 4.00 32.02
C ALA D 113 -13.35 3.15 32.25
N ASP D 114 -12.18 3.77 32.38
CA ASP D 114 -10.96 3.01 32.64
C ASP D 114 -10.92 2.45 34.05
N GLN D 115 -11.67 3.03 34.99
CA GLN D 115 -11.73 2.54 36.36
C GLN D 115 -12.96 1.67 36.61
N LEU D 116 -13.70 1.31 35.56
CA LEU D 116 -14.90 0.50 35.69
C LEU D 116 -14.77 -0.76 34.85
N TRP D 117 -15.41 -1.82 35.33
CA TRP D 117 -15.49 -3.06 34.55
C TRP D 117 -16.43 -2.87 33.38
N VAL D 118 -16.00 -3.30 32.20
CA VAL D 118 -16.84 -3.24 31.00
C VAL D 118 -16.83 -4.61 30.35
N PRO D 119 -17.89 -5.01 29.66
CA PRO D 119 -17.89 -6.31 28.98
C PRO D 119 -16.82 -6.37 27.91
N ASP D 120 -16.25 -7.57 27.73
CA ASP D 120 -15.24 -7.77 26.70
C ASP D 120 -15.89 -8.06 25.36
N THR D 121 -16.78 -7.17 24.93
CA THR D 121 -17.52 -7.37 23.70
C THR D 121 -16.63 -7.12 22.49
N TYR D 122 -16.63 -8.06 21.55
CA TYR D 122 -15.88 -7.91 20.31
C TYR D 122 -16.74 -8.43 19.16
N PHE D 123 -16.37 -8.01 17.96
CA PHE D 123 -17.08 -8.42 16.74
C PHE D 123 -16.29 -9.53 16.07
N LEU D 124 -16.94 -10.68 15.89
CA LEU D 124 -16.22 -11.88 15.44
C LEU D 124 -15.79 -11.76 13.99
N ASN D 125 -16.63 -11.16 13.14
CA ASN D 125 -16.38 -11.13 11.70
C ASN D 125 -15.76 -9.82 11.24
N ASP D 126 -15.35 -8.95 12.15
CA ASP D 126 -14.76 -7.67 11.76
C ASP D 126 -13.33 -7.88 11.28
N LYS D 127 -12.90 -7.00 10.38
CA LYS D 127 -11.54 -7.04 9.85
C LYS D 127 -10.66 -5.91 10.37
N LYS D 128 -11.24 -4.73 10.61
CA LYS D 128 -10.50 -3.59 11.16
C LYS D 128 -11.50 -2.62 11.74
N SER D 129 -11.37 -2.33 13.03
CA SER D 129 -12.30 -1.44 13.71
CA SER D 129 -12.31 -1.45 13.73
C SER D 129 -11.54 -0.50 14.63
N PHE D 130 -12.17 0.64 14.92
CA PHE D 130 -11.57 1.63 15.80
C PHE D 130 -12.67 2.46 16.42
N VAL D 131 -12.33 3.17 17.50
CA VAL D 131 -13.23 4.06 18.19
C VAL D 131 -12.76 5.49 17.95
N HIS D 132 -13.68 6.35 17.50
CA HIS D 132 -13.33 7.73 17.20
C HIS D 132 -12.87 8.45 18.46
N GLY D 133 -11.87 9.31 18.30
CA GLY D 133 -11.27 9.98 19.44
C GLY D 133 -11.08 11.48 19.27
N VAL D 134 -11.98 12.12 18.52
CA VAL D 134 -11.95 13.57 18.32
C VAL D 134 -13.31 14.13 18.67
N THR D 135 -13.35 15.15 19.52
CA THR D 135 -12.15 15.75 20.12
C THR D 135 -11.68 14.96 21.33
N VAL D 136 -12.55 14.09 21.83
CA VAL D 136 -12.21 13.11 22.85
C VAL D 136 -12.72 11.76 22.35
N LYS D 137 -12.38 10.71 23.10
CA LYS D 137 -12.85 9.38 22.74
CA LYS D 137 -12.85 9.38 22.74
C LYS D 137 -14.38 9.35 22.73
N ASN D 138 -14.95 8.81 21.66
CA ASN D 138 -16.39 8.77 21.49
C ASN D 138 -16.95 7.67 22.41
N ARG D 139 -17.06 8.03 23.69
CA ARG D 139 -17.41 7.09 24.74
C ARG D 139 -18.31 7.78 25.75
N MET D 140 -19.30 7.06 26.25
CA MET D 140 -20.28 7.61 27.19
C MET D 140 -20.45 6.66 28.36
N ILE D 141 -20.41 7.21 29.57
CA ILE D 141 -20.70 6.48 30.80
C ILE D 141 -21.82 7.21 31.52
N ARG D 142 -22.88 6.48 31.85
CA ARG D 142 -24.04 7.06 32.54
C ARG D 142 -24.48 6.09 33.62
N LEU D 143 -24.20 6.43 34.87
CA LEU D 143 -24.58 5.59 35.99
C LEU D 143 -26.03 5.84 36.39
N HIS D 144 -26.59 4.90 37.15
CA HIS D 144 -27.95 4.99 37.64
C HIS D 144 -27.97 4.66 39.12
N PRO D 145 -28.97 5.16 39.86
CA PRO D 145 -29.00 4.92 41.31
C PRO D 145 -29.04 3.45 41.70
N ASP D 146 -29.66 2.59 40.88
CA ASP D 146 -29.76 1.17 41.19
C ASP D 146 -28.52 0.39 40.78
N GLY D 147 -27.51 1.05 40.22
CA GLY D 147 -26.30 0.39 39.77
C GLY D 147 -26.24 0.11 38.29
N THR D 148 -27.28 0.45 37.54
CA THR D 148 -27.27 0.24 36.10
C THR D 148 -26.25 1.14 35.43
N VAL D 149 -25.50 0.57 34.48
CA VAL D 149 -24.44 1.29 33.78
C VAL D 149 -24.77 1.30 32.30
N LEU D 150 -24.75 2.49 31.70
CA LEU D 150 -24.94 2.67 30.27
C LEU D 150 -23.58 3.01 29.64
N TYR D 151 -23.14 2.19 28.70
CA TYR D 151 -21.83 2.32 28.07
C TYR D 151 -22.04 2.41 26.57
N GLY D 152 -21.71 3.57 25.99
CA GLY D 152 -21.90 3.80 24.57
C GLY D 152 -20.58 4.09 23.87
N LEU D 153 -20.45 3.58 22.66
CA LEU D 153 -19.25 3.78 21.85
C LEU D 153 -19.65 4.03 20.40
N ARG D 154 -18.98 4.97 19.77
CA ARG D 154 -19.14 5.22 18.33
C ARG D 154 -18.01 4.48 17.62
N ILE D 155 -18.37 3.42 16.90
CA ILE D 155 -17.40 2.49 16.33
C ILE D 155 -17.57 2.47 14.83
N THR D 156 -16.47 2.62 14.10
CA THR D 156 -16.42 2.37 12.66
C THR D 156 -15.72 1.04 12.44
N THR D 157 -16.45 0.08 11.88
CA THR D 157 -15.96 -1.29 11.76
C THR D 157 -16.06 -1.75 10.32
N THR D 158 -15.06 -2.53 9.89
CA THR D 158 -15.06 -3.19 8.59
C THR D 158 -15.27 -4.67 8.83
N ALA D 159 -16.46 -5.17 8.53
CA ALA D 159 -16.83 -6.55 8.82
C ALA D 159 -16.85 -7.35 7.52
N ALA D 160 -16.25 -8.54 7.55
CA ALA D 160 -16.24 -9.40 6.38
C ALA D 160 -17.64 -9.90 6.06
N CYS D 161 -17.93 -10.03 4.77
CA CYS D 161 -19.23 -10.52 4.32
C CYS D 161 -19.01 -11.31 3.03
N MET D 162 -19.04 -12.64 3.14
CA MET D 162 -18.94 -13.47 1.96
C MET D 162 -20.15 -13.27 1.07
N MET D 163 -19.91 -13.13 -0.23
CA MET D 163 -20.94 -12.80 -1.20
C MET D 163 -21.03 -13.88 -2.27
N ASP D 164 -22.26 -14.23 -2.63
CA ASP D 164 -22.53 -15.17 -3.71
C ASP D 164 -22.78 -14.37 -4.98
N LEU D 165 -21.79 -14.39 -5.89
CA LEU D 165 -21.84 -13.59 -7.11
C LEU D 165 -22.30 -14.40 -8.32
N ARG D 166 -22.96 -15.53 -8.11
CA ARG D 166 -23.45 -16.33 -9.22
C ARG D 166 -24.52 -15.57 -10.01
N ARG D 167 -25.38 -14.84 -9.31
CA ARG D 167 -26.44 -14.06 -9.95
C ARG D 167 -26.05 -12.60 -10.13
N TYR D 168 -24.78 -12.26 -9.91
CA TYR D 168 -24.33 -10.90 -10.08
C TYR D 168 -24.54 -10.43 -11.52
N PRO D 169 -24.99 -9.18 -11.74
CA PRO D 169 -25.27 -8.16 -10.73
C PRO D 169 -26.71 -8.16 -10.22
N LEU D 170 -27.48 -9.20 -10.56
CA LEU D 170 -28.85 -9.33 -10.08
C LEU D 170 -28.96 -10.14 -8.80
N ASP D 171 -27.91 -10.13 -7.99
CA ASP D 171 -27.81 -10.96 -6.80
C ASP D 171 -28.39 -10.25 -5.58
N GLU D 172 -28.63 -11.04 -4.53
CA GLU D 172 -29.08 -10.53 -3.24
C GLU D 172 -28.13 -11.04 -2.17
N GLN D 173 -27.66 -10.14 -1.33
CA GLN D 173 -26.61 -10.46 -0.37
C GLN D 173 -27.13 -10.34 1.05
N ASN D 174 -26.57 -11.17 1.95
CA ASN D 174 -26.92 -11.20 3.35
C ASN D 174 -25.65 -11.01 4.16
N CYS D 175 -25.42 -9.78 4.64
CA CYS D 175 -24.24 -9.45 5.43
C CYS D 175 -24.62 -9.37 6.90
N THR D 176 -23.81 -10.00 7.74
CA THR D 176 -24.09 -10.12 9.16
C THR D 176 -23.03 -9.40 9.98
N LEU D 177 -23.39 -9.09 11.22
CA LEU D 177 -22.47 -8.51 12.20
C LEU D 177 -22.56 -9.36 13.47
N GLU D 178 -21.51 -10.13 13.74
CA GLU D 178 -21.50 -11.05 14.87
C GLU D 178 -20.96 -10.36 16.11
N ILE D 179 -21.72 -10.42 17.20
CA ILE D 179 -21.35 -9.81 18.47
C ILE D 179 -21.20 -10.92 19.50
N GLU D 180 -20.06 -10.96 20.18
CA GLU D 180 -19.78 -12.05 21.10
C GLU D 180 -18.85 -11.55 22.20
N SER D 181 -18.89 -12.23 23.35
CA SER D 181 -17.96 -11.99 24.43
C SER D 181 -16.71 -12.83 24.20
N TYR D 182 -15.54 -12.24 24.46
CA TYR D 182 -14.29 -12.90 24.13
C TYR D 182 -13.86 -13.87 25.22
N GLY D 183 -13.89 -13.43 26.48
CA GLY D 183 -13.37 -14.25 27.56
C GLY D 183 -14.42 -14.91 28.42
N TYR D 184 -15.52 -14.20 28.68
CA TYR D 184 -16.54 -14.72 29.58
C TYR D 184 -17.51 -15.63 28.82
N THR D 185 -17.75 -16.81 29.38
CA THR D 185 -18.66 -17.77 28.80
C THR D 185 -20.10 -17.46 29.21
N THR D 186 -21.03 -18.32 28.79
CA THR D 186 -22.43 -18.13 29.15
C THR D 186 -22.67 -18.27 30.65
N ASP D 187 -21.77 -18.94 31.37
CA ASP D 187 -21.89 -19.05 32.82
C ASP D 187 -21.55 -17.74 33.52
N ASP D 188 -20.88 -16.82 32.83
CA ASP D 188 -20.46 -15.56 33.43
C ASP D 188 -21.15 -14.34 32.84
N ILE D 189 -21.62 -14.41 31.59
CA ILE D 189 -22.22 -13.24 30.94
C ILE D 189 -23.28 -13.74 29.97
N GLU D 190 -24.31 -12.91 29.77
CA GLU D 190 -25.38 -13.20 28.83
C GLU D 190 -25.69 -11.95 28.02
N PHE D 191 -25.99 -12.14 26.74
CA PHE D 191 -26.30 -11.04 25.83
C PHE D 191 -27.76 -11.13 25.40
N TYR D 192 -28.40 -9.97 25.31
CA TYR D 192 -29.76 -9.88 24.78
C TYR D 192 -29.93 -8.54 24.10
N TRP D 193 -30.84 -8.50 23.12
CA TRP D 193 -31.15 -7.26 22.42
C TRP D 193 -32.12 -6.45 23.29
N ARG D 194 -31.65 -5.32 23.80
CA ARG D 194 -32.49 -4.47 24.65
C ARG D 194 -33.55 -3.78 23.80
N GLY D 195 -34.81 -4.08 24.07
CA GLY D 195 -35.91 -3.57 23.29
C GLY D 195 -36.46 -4.53 22.25
N GLY D 196 -36.01 -5.77 22.22
CA GLY D 196 -36.53 -6.73 21.25
C GLY D 196 -36.10 -6.38 19.85
N ASP D 197 -37.06 -6.40 18.92
CA ASP D 197 -36.78 -6.10 17.53
C ASP D 197 -36.48 -4.63 17.28
N LYS D 198 -36.70 -3.76 18.27
CA LYS D 198 -36.40 -2.35 18.15
C LYS D 198 -35.02 -2.00 18.69
N ALA D 199 -34.19 -2.99 18.99
CA ALA D 199 -32.86 -2.72 19.54
C ALA D 199 -31.99 -1.98 18.53
N VAL D 200 -32.07 -2.34 17.26
CA VAL D 200 -31.26 -1.74 16.21
C VAL D 200 -32.12 -0.71 15.49
N THR D 201 -31.66 0.54 15.49
CA THR D 201 -32.32 1.64 14.82
C THR D 201 -31.37 2.26 13.79
N GLY D 202 -31.87 3.26 13.07
CA GLY D 202 -31.07 3.93 12.07
C GLY D 202 -30.89 3.16 10.77
N VAL D 203 -31.66 2.10 10.56
CA VAL D 203 -31.55 1.33 9.31
C VAL D 203 -31.97 2.19 8.13
N GLU D 204 -32.98 3.05 8.33
CA GLU D 204 -33.41 3.95 7.26
C GLU D 204 -32.35 4.98 6.89
N ARG D 205 -31.39 5.24 7.79
CA ARG D 205 -30.32 6.18 7.48
C ARG D 205 -29.34 5.62 6.45
N ILE D 206 -29.35 4.31 6.22
CA ILE D 206 -28.41 3.70 5.29
C ILE D 206 -28.77 4.13 3.88
N GLU D 207 -27.82 4.77 3.19
CA GLU D 207 -28.01 5.24 1.82
C GLU D 207 -26.89 4.64 0.97
N LEU D 208 -27.10 3.43 0.47
CA LEU D 208 -26.13 2.78 -0.40
C LEU D 208 -26.50 3.06 -1.85
N PRO D 209 -25.61 3.67 -2.65
CA PRO D 209 -25.95 3.91 -4.05
C PRO D 209 -26.17 2.63 -4.84
N GLN D 210 -25.53 1.52 -4.45
CA GLN D 210 -25.61 0.28 -5.21
C GLN D 210 -26.55 -0.75 -4.58
N PHE D 211 -26.93 -0.58 -3.33
CA PHE D 211 -27.75 -1.56 -2.62
C PHE D 211 -28.91 -0.89 -1.92
N SER D 212 -29.91 -1.70 -1.59
CA SER D 212 -31.06 -1.27 -0.80
C SER D 212 -31.29 -2.26 0.32
N ILE D 213 -31.63 -1.75 1.50
CA ILE D 213 -31.82 -2.58 2.69
C ILE D 213 -33.22 -3.18 2.62
N VAL D 214 -33.32 -4.44 2.19
CA VAL D 214 -34.62 -5.10 2.10
C VAL D 214 -35.15 -5.40 3.50
N GLU D 215 -34.30 -5.94 4.37
CA GLU D 215 -34.74 -6.36 5.69
C GLU D 215 -33.53 -6.51 6.60
N HIS D 216 -33.75 -6.37 7.90
CA HIS D 216 -32.75 -6.64 8.91
C HIS D 216 -33.35 -7.51 10.00
N ARG D 217 -32.51 -8.38 10.57
CA ARG D 217 -32.95 -9.35 11.57
C ARG D 217 -32.02 -9.33 12.76
N LEU D 218 -32.57 -9.67 13.93
CA LEU D 218 -31.82 -9.77 15.17
C LEU D 218 -31.87 -11.22 15.65
N VAL D 219 -30.70 -11.80 15.90
CA VAL D 219 -30.58 -13.20 16.30
C VAL D 219 -29.77 -13.28 17.58
N SER D 220 -30.30 -14.01 18.56
CA SER D 220 -29.60 -14.29 19.80
C SER D 220 -29.44 -15.79 19.95
N ARG D 221 -28.21 -16.25 20.19
CA ARG D 221 -27.93 -17.66 20.27
C ARG D 221 -26.65 -17.88 21.06
N ASN D 222 -26.31 -19.15 21.27
CA ASN D 222 -25.10 -19.55 21.98
C ASN D 222 -24.21 -20.35 21.05
N VAL D 223 -22.92 -20.03 21.04
CA VAL D 223 -21.93 -20.68 20.19
C VAL D 223 -20.91 -21.37 21.08
N VAL D 224 -20.62 -22.63 20.80
CA VAL D 224 -19.75 -23.46 21.64
C VAL D 224 -18.40 -23.60 20.96
N PHE D 225 -17.34 -23.27 21.70
CA PHE D 225 -15.96 -23.48 21.29
C PHE D 225 -15.31 -24.45 22.27
N ALA D 226 -14.01 -24.70 22.07
CA ALA D 226 -13.28 -25.57 22.98
C ALA D 226 -13.18 -24.96 24.37
N THR D 227 -12.98 -23.64 24.45
CA THR D 227 -12.90 -22.97 25.75
C THR D 227 -14.25 -22.97 26.47
N GLY D 228 -15.35 -23.03 25.73
CA GLY D 228 -16.66 -23.08 26.34
C GLY D 228 -17.71 -22.53 25.40
N ALA D 229 -18.92 -22.38 25.95
CA ALA D 229 -20.04 -21.82 25.20
C ALA D 229 -20.12 -20.32 25.45
N TYR D 230 -20.34 -19.56 24.37
CA TYR D 230 -20.33 -18.11 24.48
C TYR D 230 -21.61 -17.52 23.91
N PRO D 231 -22.12 -16.43 24.51
CA PRO D 231 -23.32 -15.80 23.97
C PRO D 231 -23.03 -15.06 22.68
N ARG D 232 -23.95 -15.17 21.73
CA ARG D 232 -23.78 -14.57 20.41
C ARG D 232 -24.99 -13.71 20.07
N LEU D 233 -24.73 -12.49 19.62
CA LEU D 233 -25.74 -11.62 19.04
C LEU D 233 -25.36 -11.38 17.59
N SER D 234 -26.33 -11.55 16.69
N SER D 234 -26.33 -11.55 16.69
CA SER D 234 -26.11 -11.41 15.26
CA SER D 234 -26.10 -11.41 15.26
C SER D 234 -27.06 -10.37 14.70
C SER D 234 -27.05 -10.37 14.69
N LEU D 235 -26.51 -9.44 13.91
CA LEU D 235 -27.29 -8.44 13.20
C LEU D 235 -27.02 -8.62 11.71
N SER D 236 -28.06 -8.92 10.95
CA SER D 236 -27.92 -9.26 9.54
C SER D 236 -28.78 -8.35 8.70
N PHE D 237 -28.25 -7.95 7.55
CA PHE D 237 -28.97 -7.14 6.56
C PHE D 237 -29.04 -7.91 5.25
N ARG D 238 -30.20 -7.85 4.60
CA ARG D 238 -30.37 -8.40 3.26
C ARG D 238 -30.29 -7.26 2.26
N LEU D 239 -29.28 -7.30 1.39
CA LEU D 239 -29.00 -6.24 0.44
C LEU D 239 -29.43 -6.68 -0.95
N LYS D 240 -30.17 -5.82 -1.65
CA LYS D 240 -30.56 -6.06 -3.02
C LYS D 240 -29.82 -5.07 -3.91
N ARG D 241 -29.06 -5.58 -4.88
CA ARG D 241 -28.26 -4.72 -5.73
C ARG D 241 -29.14 -3.98 -6.73
N ASN D 242 -28.77 -2.74 -7.03
CA ASN D 242 -29.49 -1.92 -8.00
C ASN D 242 -28.96 -2.19 -9.39
N ILE D 243 -29.86 -2.51 -10.32
CA ILE D 243 -29.47 -2.85 -11.69
C ILE D 243 -29.30 -1.61 -12.57
N GLY D 244 -29.65 -0.43 -12.09
CA GLY D 244 -29.61 0.76 -12.94
C GLY D 244 -28.22 1.07 -13.45
N TYR D 245 -27.20 0.97 -12.58
CA TYR D 245 -25.84 1.27 -13.00
C TYR D 245 -25.33 0.26 -14.03
N PHE D 246 -25.61 -1.02 -13.83
CA PHE D 246 -25.06 -2.05 -14.70
C PHE D 246 -25.74 -2.09 -16.06
N ILE D 247 -27.00 -1.67 -16.14
CA ILE D 247 -27.68 -1.59 -17.43
C ILE D 247 -26.96 -0.60 -18.33
N LEU D 248 -26.64 0.58 -17.80
CA LEU D 248 -25.96 1.60 -18.60
C LEU D 248 -24.51 1.25 -18.82
N GLN D 249 -23.83 0.74 -17.79
CA GLN D 249 -22.38 0.55 -17.87
C GLN D 249 -22.02 -0.65 -18.75
N THR D 250 -22.73 -1.76 -18.60
CA THR D 250 -22.33 -3.02 -19.25
C THR D 250 -23.34 -3.51 -20.26
N TYR D 251 -24.61 -3.65 -19.87
CA TYR D 251 -25.59 -4.28 -20.76
C TYR D 251 -25.84 -3.45 -22.01
N MET D 252 -26.00 -2.14 -21.86
CA MET D 252 -26.25 -1.29 -23.03
C MET D 252 -25.08 -1.30 -24.02
N PRO D 253 -23.82 -1.10 -23.62
CA PRO D 253 -22.74 -1.18 -24.61
C PRO D 253 -22.66 -2.53 -25.31
N SER D 254 -22.94 -3.62 -24.59
CA SER D 254 -22.89 -4.95 -25.22
C SER D 254 -23.96 -5.09 -26.28
N ILE D 255 -25.17 -4.58 -26.01
CA ILE D 255 -26.23 -4.63 -27.00
C ILE D 255 -25.88 -3.78 -28.22
N LEU D 256 -25.34 -2.59 -27.99
CA LEU D 256 -25.01 -1.69 -29.08
C LEU D 256 -23.95 -2.30 -30.00
N ILE D 257 -22.95 -2.97 -29.42
CA ILE D 257 -21.94 -3.63 -30.23
C ILE D 257 -22.56 -4.76 -31.04
N THR D 258 -23.47 -5.52 -30.44
CA THR D 258 -24.15 -6.59 -31.16
C THR D 258 -24.99 -6.02 -32.31
N ILE D 259 -25.68 -4.92 -32.08
CA ILE D 259 -26.42 -4.25 -33.15
C ILE D 259 -25.45 -3.71 -34.20
N LEU D 260 -24.28 -3.24 -33.76
CA LEU D 260 -23.30 -2.72 -34.70
C LEU D 260 -22.83 -3.79 -35.67
N SER D 261 -22.69 -5.04 -35.19
CA SER D 261 -22.26 -6.13 -36.06
C SER D 261 -23.31 -6.44 -37.12
N TRP D 262 -24.59 -6.17 -36.82
CA TRP D 262 -25.65 -6.45 -37.78
C TRP D 262 -25.61 -5.53 -38.99
N VAL D 263 -24.88 -4.41 -38.90
CA VAL D 263 -24.80 -3.48 -40.02
C VAL D 263 -24.08 -4.13 -41.21
N SER D 264 -23.17 -5.07 -40.95
CA SER D 264 -22.42 -5.71 -42.02
C SER D 264 -23.33 -6.48 -42.96
N PHE D 265 -24.49 -6.92 -42.48
CA PHE D 265 -25.40 -7.69 -43.32
C PHE D 265 -25.94 -6.83 -44.47
N TRP D 266 -26.21 -5.56 -44.20
CA TRP D 266 -26.71 -4.64 -45.22
CA TRP D 266 -26.71 -4.64 -45.22
C TRP D 266 -25.63 -4.16 -46.16
N ILE D 267 -24.35 -4.35 -45.82
CA ILE D 267 -23.25 -3.92 -46.68
C ILE D 267 -23.03 -4.97 -47.76
N ASN D 268 -22.74 -4.51 -48.98
CA ASN D 268 -22.55 -5.43 -50.09
C ASN D 268 -21.33 -6.32 -49.86
N TYR D 269 -21.41 -7.54 -50.38
CA TYR D 269 -20.36 -8.54 -50.13
C TYR D 269 -19.04 -8.15 -50.79
N ASP D 270 -19.08 -7.37 -51.88
CA ASP D 270 -17.84 -6.98 -52.54
C ASP D 270 -17.00 -6.06 -51.68
N ALA D 271 -17.60 -5.37 -50.71
CA ALA D 271 -16.85 -4.50 -49.80
C ALA D 271 -16.19 -5.37 -48.72
N SER D 272 -15.14 -6.06 -49.15
CA SER D 272 -14.44 -6.99 -48.25
C SER D 272 -13.80 -6.26 -47.08
N ALA D 273 -13.15 -5.13 -47.35
CA ALA D 273 -12.47 -4.40 -46.28
C ALA D 273 -13.46 -3.88 -45.25
N ALA D 274 -14.61 -3.37 -45.70
CA ALA D 274 -15.57 -2.76 -44.78
C ALA D 274 -16.21 -3.80 -43.87
N ARG D 275 -16.69 -4.90 -44.44
CA ARG D 275 -17.40 -5.89 -43.64
C ARG D 275 -16.47 -6.62 -42.69
N VAL D 276 -15.25 -6.94 -43.15
CA VAL D 276 -14.28 -7.59 -42.28
C VAL D 276 -13.90 -6.68 -41.12
N ALA D 277 -13.67 -5.39 -41.41
CA ALA D 277 -13.34 -4.45 -40.36
C ALA D 277 -14.46 -4.33 -39.33
N LEU D 278 -15.71 -4.36 -39.79
CA LEU D 278 -16.83 -4.30 -38.85
C LEU D 278 -16.86 -5.52 -37.94
N GLY D 279 -16.58 -6.71 -38.50
CA GLY D 279 -16.56 -7.90 -37.67
C GLY D 279 -15.43 -7.90 -36.66
N ILE D 280 -14.25 -7.45 -37.06
CA ILE D 280 -13.10 -7.45 -36.17
C ILE D 280 -13.33 -6.49 -35.00
N THR D 281 -13.76 -5.26 -35.30
CA THR D 281 -13.88 -4.24 -34.26
C THR D 281 -14.93 -4.63 -33.22
N THR D 282 -16.05 -5.19 -33.66
CA THR D 282 -17.09 -5.63 -32.71
C THR D 282 -16.57 -6.74 -31.83
N VAL D 283 -15.83 -7.69 -32.40
CA VAL D 283 -15.28 -8.79 -31.60
C VAL D 283 -14.25 -8.27 -30.61
N LEU D 284 -13.34 -7.39 -31.07
CA LEU D 284 -12.33 -6.85 -30.19
C LEU D 284 -12.94 -5.98 -29.09
N THR D 285 -13.94 -5.17 -29.43
CA THR D 285 -14.61 -4.34 -28.43
C THR D 285 -15.31 -5.20 -27.38
N MET D 286 -15.92 -6.31 -27.82
CA MET D 286 -16.59 -7.20 -26.87
C MET D 286 -15.59 -7.79 -25.88
N THR D 287 -14.40 -8.17 -26.35
CA THR D 287 -13.38 -8.70 -25.46
C THR D 287 -12.94 -7.66 -24.44
N THR D 288 -12.77 -6.41 -24.87
CA THR D 288 -12.33 -5.36 -23.95
C THR D 288 -13.37 -5.12 -22.86
N ILE D 289 -14.66 -5.13 -23.23
CA ILE D 289 -15.71 -4.99 -22.24
C ILE D 289 -15.68 -6.14 -21.24
N ASN D 290 -15.51 -7.37 -21.74
CA ASN D 290 -15.48 -8.53 -20.86
C ASN D 290 -14.28 -8.48 -19.91
N THR D 291 -13.11 -8.10 -20.43
CA THR D 291 -11.92 -8.02 -19.58
C THR D 291 -12.08 -6.92 -18.53
N HIS D 292 -12.64 -5.78 -18.92
CA HIS D 292 -12.81 -4.68 -17.98
C HIS D 292 -13.72 -5.05 -16.82
N LEU D 293 -14.81 -5.76 -17.11
CA LEU D 293 -15.75 -6.15 -16.07
C LEU D 293 -15.10 -7.08 -15.05
N ARG D 294 -14.34 -8.07 -15.52
CA ARG D 294 -13.76 -9.06 -14.63
C ARG D 294 -12.65 -8.50 -13.77
N GLU D 295 -12.10 -7.35 -14.12
CA GLU D 295 -11.06 -6.72 -13.31
C GLU D 295 -11.62 -5.96 -12.12
N THR D 296 -12.92 -5.68 -12.09
CA THR D 296 -13.56 -4.96 -11.01
C THR D 296 -14.19 -5.89 -9.97
N LEU D 297 -13.99 -7.19 -10.11
CA LEU D 297 -14.61 -8.20 -9.26
C LEU D 297 -13.55 -9.18 -8.78
N PRO D 298 -13.80 -9.86 -7.65
CA PRO D 298 -12.82 -10.85 -7.17
C PRO D 298 -12.69 -12.01 -8.13
N LYS D 299 -11.50 -12.61 -8.14
CA LYS D 299 -11.20 -13.70 -9.06
C LYS D 299 -11.89 -14.98 -8.62
N ILE D 300 -13.21 -15.04 -8.79
CA ILE D 300 -13.99 -16.22 -8.43
C ILE D 300 -13.94 -17.23 -9.58
N PRO D 301 -14.02 -18.53 -9.30
CA PRO D 301 -13.91 -19.52 -10.38
C PRO D 301 -15.21 -19.73 -11.14
N TYR D 302 -16.34 -19.52 -10.47
CA TYR D 302 -17.63 -19.78 -11.10
C TYR D 302 -18.04 -18.63 -12.03
N VAL D 303 -19.00 -18.93 -12.89
CA VAL D 303 -19.46 -17.98 -13.91
C VAL D 303 -20.61 -17.16 -13.35
N LYS D 304 -20.50 -15.84 -13.47
CA LYS D 304 -21.55 -14.94 -13.01
C LYS D 304 -22.63 -14.81 -14.08
N ALA D 305 -23.75 -14.21 -13.68
CA ALA D 305 -24.84 -13.95 -14.62
C ALA D 305 -24.40 -12.97 -15.70
N ILE D 306 -23.66 -11.93 -15.32
CA ILE D 306 -23.18 -10.95 -16.30
C ILE D 306 -22.18 -11.59 -17.26
N ASP D 307 -21.37 -12.53 -16.77
CA ASP D 307 -20.44 -13.23 -17.65
C ASP D 307 -21.18 -14.04 -18.71
N MET D 308 -22.28 -14.68 -18.33
CA MET D 308 -23.06 -15.43 -19.30
C MET D 308 -23.61 -14.53 -20.40
N TYR D 309 -24.07 -13.34 -20.03
CA TYR D 309 -24.57 -12.40 -21.04
C TYR D 309 -23.47 -11.95 -21.97
N LEU D 310 -22.29 -11.65 -21.43
CA LEU D 310 -21.17 -11.23 -22.27
C LEU D 310 -20.71 -12.36 -23.18
N MET D 311 -20.68 -13.60 -22.67
CA MET D 311 -20.32 -14.73 -23.52
C MET D 311 -21.32 -14.91 -24.64
N GLY D 312 -22.62 -14.76 -24.34
CA GLY D 312 -23.63 -14.85 -25.38
C GLY D 312 -23.48 -13.77 -26.42
N CYS D 313 -23.22 -12.54 -25.98
CA CYS D 313 -23.02 -11.44 -26.93
C CYS D 313 -21.79 -11.68 -27.80
N PHE D 314 -20.72 -12.23 -27.22
CA PHE D 314 -19.53 -12.53 -28.00
C PHE D 314 -19.81 -13.57 -29.08
N VAL D 315 -20.69 -14.54 -28.79
CA VAL D 315 -21.02 -15.55 -29.79
C VAL D 315 -21.69 -14.92 -31.00
N PHE D 316 -22.63 -13.99 -30.76
CA PHE D 316 -23.37 -13.38 -31.87
C PHE D 316 -22.44 -12.58 -32.78
N VAL D 317 -21.55 -11.77 -32.20
CA VAL D 317 -20.64 -10.98 -33.02
C VAL D 317 -19.63 -11.88 -33.72
N PHE D 318 -19.17 -12.94 -33.05
CA PHE D 318 -18.25 -13.86 -33.68
C PHE D 318 -18.91 -14.62 -34.82
N LEU D 319 -20.17 -15.04 -34.63
CA LEU D 319 -20.89 -15.69 -35.71
C LEU D 319 -21.15 -14.75 -36.87
N ALA D 320 -21.37 -13.46 -36.59
CA ALA D 320 -21.58 -12.49 -37.65
C ALA D 320 -20.35 -12.38 -38.55
N LEU D 321 -19.16 -12.35 -37.96
CA LEU D 321 -17.94 -12.33 -38.76
C LEU D 321 -17.75 -13.65 -39.50
N LEU D 322 -18.06 -14.77 -38.84
CA LEU D 322 -18.02 -16.06 -39.52
C LEU D 322 -19.05 -16.13 -40.63
N GLU D 323 -20.17 -15.42 -40.48
CA GLU D 323 -21.20 -15.42 -41.52
C GLU D 323 -20.67 -14.82 -42.81
N TYR D 324 -19.94 -13.70 -42.72
CA TYR D 324 -19.39 -13.08 -43.92
C TYR D 324 -18.30 -13.96 -44.53
N ALA D 325 -17.51 -14.63 -43.70
CA ALA D 325 -16.49 -15.54 -44.22
C ALA D 325 -17.13 -16.65 -45.05
N PHE D 326 -18.26 -17.17 -44.58
CA PHE D 326 -19.01 -18.15 -45.39
C PHE D 326 -19.52 -17.51 -46.67
N VAL D 327 -20.02 -16.28 -46.59
CA VAL D 327 -20.50 -15.59 -47.80
C VAL D 327 -19.35 -15.32 -48.76
N ASN D 328 -18.21 -14.88 -48.24
CA ASN D 328 -17.06 -14.63 -49.10
C ASN D 328 -16.55 -15.92 -49.73
N TYR D 329 -16.56 -17.02 -48.98
CA TYR D 329 -16.05 -18.28 -49.49
C TYR D 329 -16.91 -18.81 -50.62
N ILE D 330 -18.24 -18.79 -50.45
CA ILE D 330 -19.12 -19.33 -51.47
C ILE D 330 -19.11 -18.45 -52.72
N PHE D 331 -19.00 -17.13 -52.54
CA PHE D 331 -19.00 -16.24 -53.69
C PHE D 331 -17.74 -16.43 -54.54
N PHE D 332 -16.60 -16.63 -53.91
CA PHE D 332 -15.35 -16.86 -54.64
C PHE D 332 -14.98 -18.34 -54.63
N ALA D 447 -28.81 -13.87 -50.79
CA ALA D 447 -29.79 -14.70 -50.11
C ALA D 447 -29.33 -15.03 -48.70
N ILE D 448 -28.06 -15.40 -48.56
CA ILE D 448 -27.52 -15.73 -47.25
C ILE D 448 -27.55 -14.52 -46.34
N ASP D 449 -27.21 -13.34 -46.87
CA ASP D 449 -27.25 -12.13 -46.06
C ASP D 449 -28.66 -11.81 -45.60
N ARG D 450 -29.66 -11.98 -46.48
CA ARG D 450 -31.04 -11.71 -46.09
C ARG D 450 -31.49 -12.65 -44.99
N TRP D 451 -31.11 -13.93 -45.08
CA TRP D 451 -31.44 -14.86 -44.01
C TRP D 451 -30.75 -14.47 -42.70
N SER D 452 -29.54 -13.94 -42.79
CA SER D 452 -28.85 -13.50 -41.58
C SER D 452 -29.49 -12.27 -40.98
N ARG D 453 -30.11 -11.42 -41.81
CA ARG D 453 -30.76 -10.21 -41.30
C ARG D 453 -31.96 -10.51 -40.44
N ILE D 454 -32.58 -11.68 -40.59
CA ILE D 454 -33.77 -12.02 -39.82
C ILE D 454 -33.47 -12.99 -38.68
N VAL D 455 -32.39 -13.78 -38.79
CA VAL D 455 -32.10 -14.77 -37.75
C VAL D 455 -31.37 -14.12 -36.57
N PHE D 456 -30.33 -13.34 -36.85
CA PHE D 456 -29.53 -12.77 -35.77
C PHE D 456 -30.32 -11.84 -34.86
N PRO D 457 -31.07 -10.84 -35.35
CA PRO D 457 -31.89 -10.04 -34.44
C PRO D 457 -32.94 -10.85 -33.70
N PHE D 458 -33.51 -11.86 -34.35
CA PHE D 458 -34.53 -12.68 -33.71
C PHE D 458 -33.91 -13.58 -32.63
N THR D 459 -32.78 -14.21 -32.96
CA THR D 459 -32.11 -15.07 -31.97
C THR D 459 -31.60 -14.26 -30.79
N PHE D 460 -31.04 -13.08 -31.06
CA PHE D 460 -30.55 -12.24 -29.97
C PHE D 460 -31.69 -11.78 -29.07
N SER D 461 -32.83 -11.42 -29.67
CA SER D 461 -34.00 -11.06 -28.87
C SER D 461 -34.48 -12.24 -28.05
N LEU D 462 -34.49 -13.44 -28.64
CA LEU D 462 -34.85 -14.64 -27.88
C LEU D 462 -33.85 -14.90 -26.76
N PHE D 463 -32.56 -14.71 -27.04
CA PHE D 463 -31.55 -14.90 -26.01
C PHE D 463 -31.73 -13.91 -24.86
N ASN D 464 -32.03 -12.65 -25.18
CA ASN D 464 -32.27 -11.66 -24.14
C ASN D 464 -33.50 -12.02 -23.31
N LEU D 465 -34.57 -12.48 -23.96
CA LEU D 465 -35.78 -12.83 -23.24
C LEU D 465 -35.54 -13.97 -22.27
N VAL D 466 -34.84 -15.01 -22.71
CA VAL D 466 -34.53 -16.13 -21.83
C VAL D 466 -33.63 -15.69 -20.68
N TYR D 467 -32.61 -14.87 -20.98
CA TYR D 467 -31.66 -14.47 -19.96
C TYR D 467 -32.34 -13.66 -18.85
N TRP D 468 -33.17 -12.69 -19.22
CA TRP D 468 -33.78 -11.82 -18.23
C TRP D 468 -34.83 -12.56 -17.41
N LEU D 469 -35.60 -13.45 -18.05
CA LEU D 469 -36.60 -14.22 -17.31
C LEU D 469 -35.95 -15.14 -16.29
N TYR D 470 -34.82 -15.75 -16.66
CA TYR D 470 -34.15 -16.69 -15.75
C TYR D 470 -33.63 -15.99 -14.50
N TYR D 471 -33.08 -14.78 -14.66
CA TYR D 471 -32.43 -14.07 -13.57
C TYR D 471 -33.33 -13.04 -12.90
N VAL D 472 -34.61 -13.01 -13.24
CA VAL D 472 -35.55 -12.11 -12.56
C VAL D 472 -36.70 -12.92 -11.97
N LEU E 41 2.72 29.42 40.43
CA LEU E 41 2.86 27.99 40.68
C LEU E 41 1.96 27.51 41.84
N PRO E 42 1.99 28.19 43.01
CA PRO E 42 1.08 27.75 44.08
C PRO E 42 -0.38 27.84 43.70
N ASN E 43 -0.77 28.83 42.89
CA ASN E 43 -2.15 28.92 42.43
C ASN E 43 -2.51 27.72 41.56
N LEU E 44 -1.62 27.33 40.65
CA LEU E 44 -1.89 26.20 39.76
C LEU E 44 -2.02 24.90 40.53
N ASP E 45 -1.14 24.69 41.53
CA ASP E 45 -1.22 23.47 42.34
C ASP E 45 -2.52 23.42 43.13
N GLY E 46 -2.96 24.55 43.68
CA GLY E 46 -4.19 24.57 44.44
C GLY E 46 -5.40 24.25 43.59
N LEU E 47 -5.46 24.80 42.38
CA LEU E 47 -6.59 24.55 41.50
C LEU E 47 -6.71 23.08 41.13
N ILE E 48 -5.58 22.44 40.82
CA ILE E 48 -5.62 21.03 40.43
C ILE E 48 -6.01 20.16 41.63
N ALA E 49 -5.50 20.49 42.82
CA ALA E 49 -5.71 19.64 43.99
C ALA E 49 -7.19 19.51 44.33
N GLY E 50 -7.93 20.61 44.25
CA GLY E 50 -9.35 20.59 44.58
C GLY E 50 -10.25 20.38 43.39
N TYR E 51 -9.70 19.86 42.29
CA TYR E 51 -10.43 19.71 41.04
C TYR E 51 -10.90 18.27 40.88
N ALA E 52 -12.21 18.11 40.65
CA ALA E 52 -12.80 16.81 40.35
C ALA E 52 -12.98 16.72 38.83
N ARG E 53 -12.11 15.94 38.18
CA ARG E 53 -12.06 15.95 36.72
C ARG E 53 -13.26 15.24 36.09
N ASN E 54 -13.82 14.25 36.78
CA ASN E 54 -14.87 13.43 36.18
C ASN E 54 -16.22 14.13 36.08
N PHE E 55 -16.35 15.33 36.65
CA PHE E 55 -17.64 16.00 36.72
C PHE E 55 -17.60 17.33 35.99
N ARG E 56 -18.66 17.62 35.24
CA ARG E 56 -18.81 18.92 34.60
C ARG E 56 -19.00 20.00 35.66
N PRO E 57 -18.66 21.25 35.34
CA PRO E 57 -18.92 22.34 36.28
C PRO E 57 -20.41 22.45 36.57
N GLY E 58 -20.73 22.65 37.85
CA GLY E 58 -22.11 22.75 38.28
C GLY E 58 -22.92 21.51 37.98
N ILE E 59 -22.37 20.33 38.28
CA ILE E 59 -23.09 19.10 38.05
C ILE E 59 -24.32 19.05 38.94
N GLY E 60 -25.41 18.50 38.40
CA GLY E 60 -26.69 18.56 39.09
C GLY E 60 -27.24 19.96 39.19
N GLY E 61 -27.01 20.80 38.18
CA GLY E 61 -27.49 22.15 38.17
C GLY E 61 -27.75 22.65 36.77
N PRO E 62 -27.64 23.97 36.57
CA PRO E 62 -27.84 24.51 35.23
C PRO E 62 -26.81 23.98 34.27
N PRO E 63 -27.18 23.78 33.01
CA PRO E 63 -26.23 23.22 32.04
C PRO E 63 -25.08 24.18 31.76
N VAL E 64 -23.93 23.58 31.43
CA VAL E 64 -22.75 24.38 31.10
C VAL E 64 -22.93 25.02 29.73
N ASN E 65 -22.76 26.34 29.66
CA ASN E 65 -22.89 27.07 28.41
C ASN E 65 -21.51 27.17 27.76
N VAL E 66 -21.33 26.48 26.65
CA VAL E 66 -20.04 26.37 25.98
C VAL E 66 -20.09 27.20 24.71
N ALA E 67 -19.25 28.23 24.64
CA ALA E 67 -19.10 29.01 23.42
C ALA E 67 -18.16 28.30 22.47
N LEU E 68 -18.54 28.27 21.19
CA LEU E 68 -17.79 27.54 20.17
C LEU E 68 -17.45 28.46 19.01
N ALA E 69 -16.23 28.33 18.51
CA ALA E 69 -15.77 29.08 17.35
C ALA E 69 -14.91 28.18 16.47
N LEU E 70 -14.95 28.46 15.17
CA LEU E 70 -14.21 27.69 14.18
C LEU E 70 -13.34 28.62 13.35
N GLU E 71 -12.09 28.19 13.10
CA GLU E 71 -11.17 28.88 12.21
C GLU E 71 -10.71 27.86 11.18
N VAL E 72 -11.39 27.81 10.04
CA VAL E 72 -11.08 26.83 9.02
C VAL E 72 -9.75 27.21 8.36
N ALA E 73 -8.79 26.28 8.40
CA ALA E 73 -7.48 26.54 7.81
C ALA E 73 -7.42 26.14 6.35
N SER E 74 -7.97 24.98 5.99
CA SER E 74 -7.94 24.53 4.61
C SER E 74 -8.98 23.44 4.41
N ILE E 75 -9.34 23.22 3.15
CA ILE E 75 -10.19 22.10 2.73
C ILE E 75 -9.41 21.37 1.65
N ASP E 76 -8.69 20.33 2.04
CA ASP E 76 -7.69 19.73 1.15
C ASP E 76 -8.34 18.97 0.00
N HIS E 77 -9.10 17.92 0.31
CA HIS E 77 -9.66 17.04 -0.69
C HIS E 77 -11.18 17.14 -0.67
N ILE E 78 -11.78 17.03 -1.85
CA ILE E 78 -13.23 16.96 -2.02
C ILE E 78 -13.49 15.84 -3.02
N SER E 79 -13.80 14.65 -2.51
CA SER E 79 -13.94 13.45 -3.35
C SER E 79 -15.42 13.14 -3.53
N GLU E 80 -15.88 13.19 -4.78
CA GLU E 80 -17.24 12.75 -5.08
C GLU E 80 -17.34 11.24 -5.07
N ALA E 81 -16.26 10.54 -5.42
CA ALA E 81 -16.28 9.09 -5.38
C ALA E 81 -16.46 8.57 -3.97
N ASN E 82 -15.76 9.17 -3.01
CA ASN E 82 -15.85 8.76 -1.61
C ASN E 82 -16.88 9.54 -0.83
N MET E 83 -17.51 10.54 -1.43
CA MET E 83 -18.56 11.34 -0.78
C MET E 83 -18.05 11.95 0.52
N GLU E 84 -16.87 12.56 0.46
CA GLU E 84 -16.22 13.05 1.66
C GLU E 84 -15.36 14.27 1.31
N TYR E 85 -15.03 15.04 2.34
CA TYR E 85 -14.08 16.13 2.20
C TYR E 85 -13.23 16.21 3.47
N THR E 86 -12.00 16.68 3.30
CA THR E 86 -11.04 16.81 4.40
C THR E 86 -10.88 18.27 4.76
N MET E 87 -11.00 18.58 6.05
CA MET E 87 -10.93 19.95 6.54
C MET E 87 -10.01 20.01 7.75
N THR E 88 -9.13 21.02 7.77
CA THR E 88 -8.30 21.32 8.92
C THR E 88 -8.80 22.62 9.54
N VAL E 89 -9.08 22.59 10.84
CA VAL E 89 -9.76 23.70 11.50
C VAL E 89 -9.19 23.89 12.90
N PHE E 90 -9.20 25.15 13.35
CA PHE E 90 -8.91 25.49 14.74
C PHE E 90 -10.24 25.54 15.48
N LEU E 91 -10.44 24.63 16.43
CA LEU E 91 -11.67 24.55 17.20
C LEU E 91 -11.46 25.24 18.54
N HIS E 92 -12.23 26.30 18.78
CA HIS E 92 -12.15 27.07 20.02
C HIS E 92 -13.40 26.81 20.83
N GLN E 93 -13.22 26.37 22.07
CA GLN E 93 -14.32 26.14 23.00
C GLN E 93 -14.10 26.97 24.25
N SER E 94 -15.12 27.71 24.66
CA SER E 94 -15.03 28.58 25.82
C SER E 94 -16.17 28.28 26.78
N TRP E 95 -15.84 28.11 28.06
CA TRP E 95 -16.83 27.87 29.09
C TRP E 95 -16.27 28.35 30.42
N ARG E 96 -17.16 28.53 31.39
CA ARG E 96 -16.78 29.02 32.70
C ARG E 96 -16.80 27.87 33.71
N ASP E 97 -15.69 27.71 34.43
CA ASP E 97 -15.55 26.70 35.47
C ASP E 97 -15.14 27.44 36.75
N SER E 98 -16.09 27.62 37.67
CA SER E 98 -15.82 28.36 38.89
C SER E 98 -14.80 27.67 39.78
N ARG E 99 -14.58 26.37 39.59
CA ARG E 99 -13.60 25.65 40.40
C ARG E 99 -12.18 26.10 40.12
N LEU E 100 -11.93 26.77 39.00
CA LEU E 100 -10.60 27.20 38.61
C LEU E 100 -10.37 28.70 38.78
N SER E 101 -11.33 29.41 39.36
CA SER E 101 -11.15 30.83 39.63
C SER E 101 -10.08 31.04 40.70
N TYR E 102 -9.24 32.04 40.50
CA TYR E 102 -8.16 32.33 41.44
C TYR E 102 -8.25 33.77 41.92
N ASN E 103 -7.41 34.09 42.90
CA ASN E 103 -7.49 35.33 43.65
C ASN E 103 -6.25 36.19 43.41
N HIS E 104 -6.45 37.51 43.46
CA HIS E 104 -5.36 38.49 43.53
C HIS E 104 -4.62 38.64 42.21
N THR E 105 -4.88 37.76 41.25
CA THR E 105 -4.20 37.78 39.96
C THR E 105 -5.19 38.15 38.87
N ASN E 106 -4.90 39.23 38.15
CA ASN E 106 -5.73 39.69 37.05
C ASN E 106 -5.17 39.28 35.68
N GLU E 107 -4.09 38.53 35.65
CA GLU E 107 -3.45 38.12 34.41
C GLU E 107 -3.89 36.71 34.04
N THR E 108 -4.26 36.54 32.77
CA THR E 108 -4.65 35.22 32.29
C THR E 108 -3.47 34.26 32.33
N LEU E 109 -3.75 33.01 32.69
CA LEU E 109 -2.70 31.99 32.83
C LEU E 109 -2.62 31.21 31.53
N GLY E 110 -1.69 31.61 30.66
CA GLY E 110 -1.43 30.88 29.43
C GLY E 110 -0.69 29.58 29.70
N LEU E 111 -1.35 28.46 29.50
CA LEU E 111 -0.81 27.15 29.82
C LEU E 111 -0.67 26.31 28.56
N ASP E 112 0.18 25.29 28.64
CA ASP E 112 0.48 24.44 27.50
C ASP E 112 -0.49 23.27 27.43
N SER E 113 -0.25 22.35 26.48
CA SER E 113 -1.13 21.21 26.30
C SER E 113 -0.98 20.16 27.39
N ARG E 114 0.09 20.22 28.18
CA ARG E 114 0.27 19.27 29.27
C ARG E 114 -0.73 19.47 30.39
N PHE E 115 -1.27 20.69 30.53
CA PHE E 115 -2.28 20.99 31.54
C PHE E 115 -3.67 20.53 31.13
N VAL E 116 -3.85 20.13 29.86
CA VAL E 116 -5.17 19.80 29.35
C VAL E 116 -5.74 18.58 30.07
N ASP E 117 -4.92 17.56 30.29
CA ASP E 117 -5.40 16.30 30.86
C ASP E 117 -5.90 16.44 32.30
N LYS E 118 -5.60 17.55 32.97
CA LYS E 118 -6.01 17.72 34.35
C LYS E 118 -7.44 18.24 34.50
N LEU E 119 -7.95 18.93 33.48
CA LEU E 119 -9.24 19.61 33.58
C LEU E 119 -10.35 18.83 32.90
N TRP E 120 -11.58 19.14 33.27
CA TRP E 120 -12.74 18.64 32.57
C TRP E 120 -12.90 19.38 31.24
N LEU E 121 -13.26 18.64 30.20
CA LEU E 121 -13.45 19.22 28.88
C LEU E 121 -14.78 18.76 28.30
N PRO E 122 -15.41 19.60 27.48
CA PRO E 122 -16.61 19.14 26.75
C PRO E 122 -16.27 17.98 25.83
N ASP E 123 -17.20 17.03 25.74
CA ASP E 123 -17.00 15.87 24.87
C ASP E 123 -17.51 16.15 23.45
N THR E 124 -17.03 17.25 22.88
CA THR E 124 -17.46 17.65 21.55
C THR E 124 -16.87 16.71 20.51
N PHE E 125 -17.73 16.21 19.62
CA PHE E 125 -17.30 15.35 18.53
C PHE E 125 -18.01 15.77 17.25
N ILE E 126 -17.39 15.46 16.12
CA ILE E 126 -17.96 15.76 14.82
C ILE E 126 -18.88 14.62 14.42
N VAL E 127 -20.15 14.93 14.21
CA VAL E 127 -21.16 13.89 14.01
C VAL E 127 -20.91 13.14 12.70
N ASN E 128 -20.60 13.85 11.64
CA ASN E 128 -20.48 13.26 10.31
C ASN E 128 -19.02 13.14 9.86
N ALA E 129 -18.12 12.83 10.79
CA ALA E 129 -16.72 12.68 10.49
C ALA E 129 -16.38 11.21 10.31
N LYS E 130 -15.91 10.85 9.11
CA LYS E 130 -15.44 9.49 8.89
C LYS E 130 -14.21 9.19 9.72
N SER E 131 -13.27 10.13 9.79
CA SER E 131 -12.08 9.97 10.60
C SER E 131 -11.52 11.35 10.92
N ALA E 132 -10.87 11.46 12.08
CA ALA E 132 -10.27 12.71 12.50
C ALA E 132 -9.12 12.41 13.45
N TRP E 133 -8.22 13.37 13.59
CA TRP E 133 -7.04 13.19 14.40
C TRP E 133 -6.46 14.56 14.76
N PHE E 134 -5.57 14.56 15.75
CA PHE E 134 -4.92 15.76 16.23
C PHE E 134 -3.52 15.90 15.63
N HIS E 135 -3.06 17.13 15.51
CA HIS E 135 -1.69 17.41 15.13
C HIS E 135 -0.83 17.50 16.38
N ASP E 136 0.22 16.69 16.45
CA ASP E 136 1.05 16.60 17.64
C ASP E 136 2.52 16.86 17.33
N VAL E 137 2.79 17.69 16.33
CA VAL E 137 4.16 18.08 15.97
C VAL E 137 4.25 19.59 16.06
N THR E 138 5.22 20.09 16.83
CA THR E 138 6.17 19.25 17.56
C THR E 138 5.60 18.75 18.88
N VAL E 139 4.51 19.38 19.32
CA VAL E 139 3.78 18.98 20.51
C VAL E 139 2.29 18.95 20.17
N GLU E 140 1.50 18.46 21.11
CA GLU E 140 0.05 18.46 20.93
C GLU E 140 -0.45 19.88 20.74
N ASN E 141 -1.05 20.15 19.58
CA ASN E 141 -1.51 21.50 19.25
C ASN E 141 -2.79 21.80 20.02
N LYS E 142 -2.63 22.01 21.32
CA LYS E 142 -3.72 22.34 22.21
C LYS E 142 -3.38 23.59 23.00
N LEU E 143 -4.39 24.41 23.26
CA LEU E 143 -4.24 25.67 23.96
C LEU E 143 -5.26 25.74 25.08
N ILE E 144 -4.80 26.07 26.29
CA ILE E 144 -5.67 26.35 27.43
C ILE E 144 -5.23 27.67 28.04
N ARG E 145 -6.13 28.64 28.06
CA ARG E 145 -5.89 29.94 28.67
C ARG E 145 -6.94 30.14 29.76
N LEU E 146 -6.50 30.32 31.00
CA LEU E 146 -7.38 30.40 32.15
C LEU E 146 -7.44 31.84 32.64
N GLN E 147 -8.66 32.32 32.88
CA GLN E 147 -8.92 33.67 33.34
C GLN E 147 -9.28 33.67 34.82
N PRO E 148 -9.05 34.78 35.54
CA PRO E 148 -9.34 34.81 36.97
C PRO E 148 -10.80 34.52 37.32
N ASP E 149 -11.74 34.94 36.48
CA ASP E 149 -13.15 34.70 36.77
C ASP E 149 -13.56 33.25 36.55
N GLY E 150 -12.67 32.42 35.98
CA GLY E 150 -12.97 31.02 35.74
C GLY E 150 -13.28 30.69 34.30
N VAL E 151 -13.22 31.65 33.39
CA VAL E 151 -13.49 31.40 31.97
C VAL E 151 -12.30 30.68 31.36
N ILE E 152 -12.56 29.57 30.69
CA ILE E 152 -11.54 28.74 30.09
C ILE E 152 -11.63 28.87 28.57
N LEU E 153 -10.49 29.12 27.93
CA LEU E 153 -10.38 29.13 26.49
C LEU E 153 -9.60 27.90 26.06
N TYR E 154 -10.23 27.03 25.27
CA TYR E 154 -9.65 25.76 24.86
C TYR E 154 -9.63 25.69 23.34
N SER E 155 -8.44 25.72 22.76
CA SER E 155 -8.26 25.71 21.32
C SER E 155 -7.42 24.51 20.92
N ILE E 156 -7.88 23.78 19.90
CA ILE E 156 -7.16 22.64 19.36
C ILE E 156 -7.18 22.72 17.84
N ARG E 157 -6.15 22.17 17.22
CA ARG E 157 -6.06 22.05 15.77
C ARG E 157 -6.27 20.61 15.37
N ILE E 158 -7.30 20.35 14.57
CA ILE E 158 -7.71 19.01 14.20
C ILE E 158 -7.96 18.95 12.71
N THR E 159 -7.59 17.83 12.09
CA THR E 159 -7.91 17.54 10.70
C THR E 159 -8.92 16.41 10.66
N SER E 160 -10.04 16.63 9.97
CA SER E 160 -11.12 15.66 9.95
C SER E 160 -11.57 15.39 8.53
N THR E 161 -11.80 14.11 8.22
CA THR E 161 -12.41 13.71 6.97
C THR E 161 -13.91 13.60 7.21
N VAL E 162 -14.68 14.51 6.63
CA VAL E 162 -16.10 14.66 6.93
C VAL E 162 -16.90 14.16 5.74
N ALA E 163 -17.86 13.28 6.00
CA ALA E 163 -18.71 12.77 4.94
C ALA E 163 -19.70 13.85 4.50
N CYS E 164 -19.78 14.04 3.18
CA CYS E 164 -20.69 15.02 2.60
C CYS E 164 -21.54 14.33 1.53
N ASP E 165 -22.84 14.31 1.75
CA ASP E 165 -23.75 13.70 0.78
C ASP E 165 -23.90 14.61 -0.43
N MET E 166 -23.50 14.11 -1.60
CA MET E 166 -23.48 14.88 -2.82
C MET E 166 -24.47 14.31 -3.82
N ASP E 167 -25.21 15.18 -4.48
CA ASP E 167 -26.13 14.80 -5.55
C ASP E 167 -25.46 15.11 -6.89
N LEU E 168 -25.20 14.06 -7.67
CA LEU E 168 -24.50 14.20 -8.95
C LEU E 168 -25.46 14.21 -10.14
N ALA E 169 -26.69 14.68 -9.93
CA ALA E 169 -27.65 14.75 -11.02
C ALA E 169 -27.19 15.72 -12.10
N LYS E 170 -26.64 16.87 -11.71
CA LYS E 170 -26.20 17.89 -12.63
C LYS E 170 -24.69 17.87 -12.84
N TYR E 171 -24.01 16.83 -12.41
CA TYR E 171 -22.56 16.75 -12.58
C TYR E 171 -22.20 16.81 -14.06
N PRO E 172 -21.16 17.57 -14.44
CA PRO E 172 -20.29 18.34 -13.56
C PRO E 172 -20.75 19.78 -13.28
N MET E 173 -21.89 20.18 -13.84
CA MET E 173 -22.43 21.52 -13.56
C MET E 173 -23.32 21.51 -12.31
N ASP E 174 -22.77 21.03 -11.20
CA ASP E 174 -23.52 20.83 -9.97
C ASP E 174 -22.94 21.67 -8.84
N GLU E 175 -23.82 22.13 -7.96
CA GLU E 175 -23.44 22.85 -6.76
C GLU E 175 -23.77 22.00 -5.54
N GLN E 176 -22.78 21.78 -4.69
CA GLN E 176 -22.91 20.89 -3.54
C GLN E 176 -22.87 21.68 -2.24
N GLU E 177 -23.62 21.18 -1.25
CA GLU E 177 -23.63 21.74 0.10
C GLU E 177 -23.12 20.69 1.06
N CYS E 178 -22.12 21.06 1.86
CA CYS E 178 -21.51 20.15 2.83
C CYS E 178 -21.66 20.73 4.23
N MET E 179 -21.86 19.84 5.20
CA MET E 179 -22.11 20.22 6.59
C MET E 179 -20.94 19.83 7.47
N LEU E 180 -20.89 20.47 8.65
CA LEU E 180 -19.91 20.13 9.69
C LEU E 180 -20.67 20.19 11.02
N ASP E 181 -21.15 19.04 11.48
CA ASP E 181 -21.99 18.97 12.67
C ASP E 181 -21.14 18.76 13.91
N LEU E 182 -21.36 19.59 14.92
CA LEU E 182 -20.65 19.50 16.19
C LEU E 182 -21.67 19.27 17.30
N GLU E 183 -21.34 18.37 18.22
CA GLU E 183 -22.32 17.91 19.20
C GLU E 183 -21.58 17.28 20.37
N SER E 184 -22.19 17.37 21.56
CA SER E 184 -21.68 16.66 22.73
C SER E 184 -22.07 15.19 22.63
N TYR E 185 -21.09 14.31 22.87
CA TYR E 185 -21.35 12.88 22.70
C TYR E 185 -22.19 12.31 23.83
N GLY E 186 -21.91 12.68 25.06
CA GLY E 186 -22.55 12.03 26.20
C GLY E 186 -23.44 12.93 27.04
N TYR E 187 -23.20 14.24 26.99
CA TYR E 187 -23.96 15.19 27.79
C TYR E 187 -25.13 15.72 26.98
N SER E 188 -26.34 15.59 27.52
CA SER E 188 -27.54 16.06 26.84
C SER E 188 -27.68 17.57 27.06
N SER E 189 -28.81 18.13 26.60
CA SER E 189 -29.04 19.56 26.77
C SER E 189 -29.18 19.97 28.22
N GLU E 190 -29.44 19.02 29.11
CA GLU E 190 -29.51 19.32 30.55
C GLU E 190 -28.14 19.55 31.16
N ASP E 191 -27.06 19.21 30.45
CA ASP E 191 -25.70 19.31 30.98
C ASP E 191 -24.83 20.29 30.20
N ILE E 192 -24.83 20.20 28.87
CA ILE E 192 -24.00 21.05 28.04
C ILE E 192 -24.87 21.69 26.97
N VAL E 193 -24.75 23.01 26.81
CA VAL E 193 -25.45 23.76 25.78
C VAL E 193 -24.40 24.48 24.94
N TYR E 194 -24.49 24.30 23.62
CA TYR E 194 -23.55 24.90 22.68
C TYR E 194 -24.18 26.12 22.01
N TYR E 195 -23.33 27.09 21.68
CA TYR E 195 -23.75 28.25 20.91
C TYR E 195 -22.53 28.85 20.25
N TRP E 196 -22.72 29.38 19.04
CA TRP E 196 -21.64 30.04 18.33
C TRP E 196 -21.24 31.32 19.04
N SER E 197 -19.94 31.51 19.23
CA SER E 197 -19.44 32.72 19.87
C SER E 197 -19.61 33.92 18.95
N GLU E 198 -19.60 35.11 19.55
CA GLU E 198 -19.76 36.33 18.79
C GLU E 198 -18.63 36.55 17.79
N SER E 199 -17.46 35.95 18.02
CA SER E 199 -16.32 36.09 17.14
C SER E 199 -16.35 35.12 15.96
N GLN E 200 -17.38 34.27 15.88
CA GLN E 200 -17.41 33.26 14.82
C GLN E 200 -17.49 33.90 13.44
N GLU E 201 -18.27 34.96 13.29
CA GLU E 201 -18.44 35.61 11.99
C GLU E 201 -17.17 36.31 11.52
N HIS E 202 -16.17 36.50 12.38
CA HIS E 202 -14.97 37.23 12.02
C HIS E 202 -13.74 36.35 11.86
N ILE E 203 -13.75 35.13 12.39
CA ILE E 203 -12.56 34.28 12.40
C ILE E 203 -12.78 32.98 11.64
N HIS E 204 -13.92 32.82 10.95
CA HIS E 204 -14.18 31.59 10.24
C HIS E 204 -13.16 31.37 9.12
N GLY E 205 -12.76 32.45 8.44
CA GLY E 205 -11.71 32.35 7.44
C GLY E 205 -12.10 31.60 6.18
N LEU E 206 -13.40 31.38 5.96
CA LEU E 206 -13.84 30.67 4.77
C LEU E 206 -13.65 31.50 3.50
N ASP E 207 -13.59 32.83 3.63
CA ASP E 207 -13.36 33.67 2.47
C ASP E 207 -11.94 33.54 1.95
N LYS E 208 -10.97 33.31 2.83
CA LYS E 208 -9.58 33.22 2.44
C LYS E 208 -9.20 31.89 1.81
N LEU E 209 -10.08 30.89 1.90
CA LEU E 209 -9.75 29.56 1.37
C LEU E 209 -9.69 29.59 -0.15
N GLN E 210 -8.78 28.80 -0.71
CA GLN E 210 -8.65 28.63 -2.15
C GLN E 210 -8.79 27.15 -2.47
N LEU E 211 -9.75 26.81 -3.33
CA LEU E 211 -10.04 25.45 -3.70
C LEU E 211 -9.70 25.21 -5.17
N ALA E 212 -9.06 24.08 -5.45
CA ALA E 212 -8.60 23.80 -6.81
C ALA E 212 -9.77 23.65 -7.78
N GLN E 213 -10.82 22.94 -7.37
CA GLN E 213 -11.91 22.61 -8.27
C GLN E 213 -13.23 23.29 -7.93
N PHE E 214 -13.44 23.71 -6.68
CA PHE E 214 -14.70 24.28 -6.24
C PHE E 214 -14.50 25.73 -5.82
N THR E 215 -15.61 26.39 -5.49
CA THR E 215 -15.60 27.75 -4.99
C THR E 215 -16.66 27.87 -3.91
N ILE E 216 -16.27 28.39 -2.74
CA ILE E 216 -17.18 28.53 -1.61
C ILE E 216 -18.06 29.76 -1.89
N THR E 217 -19.30 29.52 -2.32
CA THR E 217 -20.19 30.62 -2.66
C THR E 217 -20.83 31.22 -1.41
N SER E 218 -21.38 30.37 -0.54
CA SER E 218 -22.07 30.83 0.66
C SER E 218 -21.73 29.92 1.83
N TYR E 219 -21.80 30.47 3.04
CA TYR E 219 -21.60 29.71 4.25
C TYR E 219 -22.62 30.16 5.29
N ARG E 220 -22.96 29.26 6.19
CA ARG E 220 -24.00 29.52 7.19
C ARG E 220 -23.71 28.72 8.45
N PHE E 221 -23.92 29.37 9.60
CA PHE E 221 -23.77 28.74 10.90
C PHE E 221 -25.15 28.55 11.51
N THR E 222 -25.54 27.29 11.70
CA THR E 222 -26.88 26.94 12.14
C THR E 222 -26.83 26.23 13.48
N THR E 223 -27.76 26.57 14.36
CA THR E 223 -27.90 25.94 15.67
C THR E 223 -29.21 25.17 15.70
N GLU E 224 -29.14 23.87 16.00
CA GLU E 224 -30.31 23.00 16.07
C GLU E 224 -30.44 22.50 17.50
N LEU E 225 -31.43 23.02 18.22
CA LEU E 225 -31.65 22.66 19.61
C LEU E 225 -32.64 21.52 19.80
N MET E 226 -33.13 20.93 18.71
CA MET E 226 -34.12 19.86 18.80
C MET E 226 -33.60 18.57 18.19
N ASN E 227 -32.38 18.20 18.52
CA ASN E 227 -31.74 16.99 18.01
C ASN E 227 -31.65 15.96 19.13
N PHE E 228 -32.30 14.81 18.93
CA PHE E 228 -32.24 13.69 19.86
C PHE E 228 -31.83 12.46 19.09
N LYS E 229 -30.77 11.79 19.55
CA LYS E 229 -30.26 10.61 18.84
C LYS E 229 -30.71 9.30 19.48
N SER E 230 -30.34 9.05 20.72
CA SER E 230 -30.80 7.86 21.43
C SER E 230 -31.53 8.19 22.72
N ALA E 231 -30.91 8.97 23.61
CA ALA E 231 -31.48 9.27 24.93
C ALA E 231 -31.13 10.71 25.28
N GLY E 232 -32.15 11.57 25.35
CA GLY E 232 -31.95 12.95 25.67
C GLY E 232 -31.75 13.82 24.43
N GLN E 233 -31.90 15.12 24.64
CA GLN E 233 -31.74 16.11 23.56
C GLN E 233 -30.30 16.60 23.54
N PHE E 234 -29.66 16.48 22.38
CA PHE E 234 -28.29 16.96 22.21
C PHE E 234 -28.28 18.13 21.24
N PRO E 235 -28.04 19.35 21.70
CA PRO E 235 -27.94 20.48 20.77
C PRO E 235 -26.80 20.27 19.79
N ARG E 236 -27.02 20.68 18.54
CA ARG E 236 -26.06 20.47 17.47
C ARG E 236 -25.75 21.79 16.79
N LEU E 237 -24.47 22.13 16.72
CA LEU E 237 -24.00 23.26 15.95
C LEU E 237 -23.52 22.76 14.59
N SER E 238 -24.09 23.33 13.52
CA SER E 238 -23.79 22.89 12.17
C SER E 238 -23.26 24.04 11.35
N LEU E 239 -22.23 23.76 10.55
CA LEU E 239 -21.65 24.72 9.62
C LEU E 239 -21.95 24.24 8.20
N HIS E 240 -22.77 25.01 7.48
CA HIS E 240 -23.13 24.70 6.11
C HIS E 240 -22.38 25.65 5.18
N PHE E 241 -21.66 25.08 4.21
CA PHE E 241 -21.00 25.87 3.18
C PHE E 241 -21.31 25.26 1.82
N HIS E 242 -21.62 26.11 0.85
CA HIS E 242 -22.01 25.69 -0.49
C HIS E 242 -20.80 25.73 -1.42
N LEU E 243 -20.59 24.64 -2.15
CA LEU E 243 -19.48 24.51 -3.08
C LEU E 243 -20.01 24.47 -4.50
N ARG E 244 -19.49 25.35 -5.36
CA ARG E 244 -19.84 25.37 -6.77
C ARG E 244 -18.64 24.89 -7.56
N ARG E 245 -18.84 23.83 -8.34
CA ARG E 245 -17.74 23.27 -9.13
C ARG E 245 -17.35 24.24 -10.24
N ASN E 246 -16.05 24.47 -10.39
CA ASN E 246 -15.58 25.40 -11.40
C ASN E 246 -15.84 24.85 -12.80
N ARG E 247 -16.32 25.73 -13.68
CA ARG E 247 -16.61 25.38 -15.06
C ARG E 247 -15.54 26.03 -15.93
N GLY E 248 -14.52 25.25 -16.27
CA GLY E 248 -13.42 25.75 -17.08
C GLY E 248 -12.91 24.71 -18.06
N VAL E 249 -11.60 24.53 -18.12
CA VAL E 249 -11.03 23.54 -19.03
C VAL E 249 -11.35 22.12 -18.57
N TYR E 250 -11.76 21.94 -17.31
CA TYR E 250 -12.09 20.61 -16.82
C TYR E 250 -13.29 20.03 -17.57
N ILE E 251 -14.39 20.80 -17.64
CA ILE E 251 -15.54 20.34 -18.41
C ILE E 251 -15.23 20.34 -19.90
N ILE E 252 -14.27 21.16 -20.35
CA ILE E 252 -13.86 21.14 -21.74
C ILE E 252 -13.30 19.78 -22.13
N GLN E 253 -12.53 19.16 -21.22
CA GLN E 253 -11.89 17.88 -21.55
C GLN E 253 -12.91 16.79 -21.83
N SER E 254 -13.95 16.69 -20.99
CA SER E 254 -14.92 15.61 -21.18
C SER E 254 -15.81 15.86 -22.38
N TYR E 255 -16.22 17.11 -22.60
CA TYR E 255 -17.21 17.39 -23.62
C TYR E 255 -16.62 17.50 -25.02
N MET E 256 -15.34 17.87 -25.16
CA MET E 256 -14.81 18.10 -26.50
C MET E 256 -14.59 16.79 -27.26
N PRO E 257 -13.88 15.78 -26.74
CA PRO E 257 -13.86 14.48 -27.43
C PRO E 257 -15.24 13.97 -27.81
N SER E 258 -16.24 14.20 -26.97
CA SER E 258 -17.61 13.88 -27.34
C SER E 258 -18.04 14.67 -28.56
N VAL E 259 -17.77 15.99 -28.55
CA VAL E 259 -18.10 16.83 -29.69
C VAL E 259 -17.21 16.49 -30.89
N LEU E 260 -15.92 16.30 -30.64
CA LEU E 260 -14.98 16.04 -31.73
C LEU E 260 -15.25 14.71 -32.41
N LEU E 261 -15.69 13.70 -31.66
CA LEU E 261 -16.09 12.44 -32.28
C LEU E 261 -17.32 12.64 -33.17
N VAL E 262 -18.28 13.45 -32.72
CA VAL E 262 -19.45 13.74 -33.55
C VAL E 262 -19.04 14.50 -34.80
N ALA E 263 -18.14 15.48 -34.65
CA ALA E 263 -17.65 16.22 -35.80
C ALA E 263 -16.91 15.32 -36.77
N MET E 264 -16.14 14.36 -36.24
CA MET E 264 -15.43 13.41 -37.09
C MET E 264 -16.40 12.57 -37.89
N SER E 265 -17.51 12.16 -37.28
CA SER E 265 -18.51 11.37 -38.00
C SER E 265 -19.15 12.16 -39.13
N TRP E 266 -19.27 13.48 -38.97
CA TRP E 266 -19.83 14.31 -40.03
C TRP E 266 -18.95 14.32 -41.27
N VAL E 267 -17.65 14.07 -41.11
CA VAL E 267 -16.72 14.11 -42.23
C VAL E 267 -17.06 13.04 -43.26
N SER E 268 -17.61 11.91 -42.82
CA SER E 268 -17.94 10.84 -43.74
C SER E 268 -18.98 11.26 -44.77
N PHE E 269 -19.81 12.26 -44.43
CA PHE E 269 -20.84 12.72 -45.35
C PHE E 269 -20.24 13.30 -46.62
N TRP E 270 -19.14 14.06 -46.48
CA TRP E 270 -18.48 14.64 -47.63
C TRP E 270 -17.60 13.65 -48.39
N ILE E 271 -17.42 12.44 -47.88
CA ILE E 271 -16.65 11.40 -48.55
C ILE E 271 -17.57 10.69 -49.55
N SER E 272 -17.01 10.32 -50.70
CA SER E 272 -17.79 9.68 -51.75
C SER E 272 -18.35 8.35 -51.26
N GLN E 273 -19.57 8.04 -51.71
CA GLN E 273 -20.22 6.79 -51.29
C GLN E 273 -19.50 5.56 -51.85
N ALA E 274 -18.81 5.71 -52.99
CA ALA E 274 -18.07 4.59 -53.55
C ALA E 274 -16.92 4.14 -52.65
N ALA E 275 -16.46 5.01 -51.75
CA ALA E 275 -15.39 4.67 -50.81
C ALA E 275 -16.00 3.98 -49.59
N VAL E 276 -16.41 2.72 -49.80
CA VAL E 276 -17.08 1.97 -48.74
C VAL E 276 -16.16 1.73 -47.54
N PRO E 277 -14.93 1.22 -47.69
CA PRO E 277 -14.10 1.01 -46.50
C PRO E 277 -13.79 2.28 -45.73
N ALA E 278 -13.66 3.42 -46.42
CA ALA E 278 -13.30 4.66 -45.73
C ALA E 278 -14.44 5.14 -44.84
N ARG E 279 -15.66 5.18 -45.37
CA ARG E 279 -16.79 5.68 -44.60
C ARG E 279 -17.18 4.70 -43.49
N VAL E 280 -17.07 3.40 -43.76
CA VAL E 280 -17.37 2.42 -42.72
C VAL E 280 -16.36 2.52 -41.58
N SER E 281 -15.08 2.68 -41.91
CA SER E 281 -14.06 2.80 -40.87
C SER E 281 -14.28 4.06 -40.03
N LEU E 282 -14.65 5.16 -40.67
CA LEU E 282 -14.93 6.39 -39.93
C LEU E 282 -16.14 6.21 -39.02
N GLY E 283 -17.16 5.51 -39.48
CA GLY E 283 -18.34 5.28 -38.66
C GLY E 283 -18.05 4.41 -37.45
N ILE E 284 -17.31 3.32 -37.64
CA ILE E 284 -17.10 2.38 -36.55
C ILE E 284 -16.16 2.98 -35.49
N THR E 285 -15.13 3.72 -35.94
CA THR E 285 -14.18 4.28 -34.99
C THR E 285 -14.83 5.28 -34.04
N THR E 286 -15.71 6.13 -34.59
CA THR E 286 -16.42 7.09 -33.73
C THR E 286 -17.35 6.39 -32.75
N VAL E 287 -18.06 5.34 -33.21
CA VAL E 287 -18.98 4.63 -32.34
C VAL E 287 -18.24 3.93 -31.22
N LEU E 288 -17.14 3.23 -31.55
CA LEU E 288 -16.39 2.50 -30.53
C LEU E 288 -15.76 3.45 -29.53
N THR E 289 -15.17 4.55 -30.01
CA THR E 289 -14.52 5.49 -29.11
C THR E 289 -15.53 6.12 -28.16
N MET E 290 -16.73 6.42 -28.65
CA MET E 290 -17.79 6.92 -27.77
C MET E 290 -18.16 5.89 -26.72
N THR E 291 -18.23 4.61 -27.11
CA THR E 291 -18.55 3.56 -26.15
C THR E 291 -17.50 3.46 -25.05
N THR E 292 -16.22 3.53 -25.43
CA THR E 292 -15.16 3.45 -24.44
C THR E 292 -15.17 4.66 -23.51
N LEU E 293 -15.48 5.84 -24.06
CA LEU E 293 -15.53 7.05 -23.24
C LEU E 293 -16.61 6.94 -22.17
N MET E 294 -17.78 6.42 -22.53
CA MET E 294 -18.82 6.21 -21.52
C MET E 294 -18.38 5.20 -20.48
N VAL E 295 -17.75 4.11 -20.91
CA VAL E 295 -17.27 3.09 -19.97
C VAL E 295 -16.19 3.67 -19.07
N SER E 296 -15.24 4.39 -19.67
CA SER E 296 -14.13 4.94 -18.89
C SER E 296 -14.61 6.01 -17.91
N ALA E 297 -15.53 6.87 -18.33
CA ALA E 297 -15.98 7.96 -17.47
C ALA E 297 -16.70 7.44 -16.24
N ARG E 298 -17.65 6.52 -16.42
CA ARG E 298 -18.38 5.97 -15.29
C ARG E 298 -17.46 5.17 -14.36
N SER E 299 -16.53 4.40 -14.94
CA SER E 299 -15.61 3.62 -14.12
C SER E 299 -14.70 4.52 -13.30
N SER E 300 -14.22 5.62 -13.90
CA SER E 300 -13.35 6.56 -13.22
C SER E 300 -14.11 7.55 -12.34
N LEU E 301 -15.36 7.23 -12.01
CA LEU E 301 -16.22 8.02 -11.16
C LEU E 301 -16.88 7.10 -10.17
N PRO E 302 -17.61 7.64 -9.18
CA PRO E 302 -18.26 6.75 -8.20
C PRO E 302 -19.19 5.76 -8.87
N ARG E 303 -19.22 4.54 -8.32
CA ARG E 303 -20.03 3.41 -8.78
C ARG E 303 -21.53 3.62 -8.55
N ALA E 304 -21.89 4.83 -8.09
CA ALA E 304 -23.29 5.15 -7.83
C ALA E 304 -24.13 5.03 -9.10
N SER E 305 -25.34 4.51 -8.94
CA SER E 305 -26.30 4.39 -10.03
C SER E 305 -27.04 5.72 -10.21
N ALA E 306 -26.29 6.71 -10.68
CA ALA E 306 -26.80 8.06 -10.87
C ALA E 306 -26.67 8.44 -12.34
N ILE E 307 -27.75 8.96 -12.92
CA ILE E 307 -27.74 9.44 -14.29
C ILE E 307 -27.21 10.87 -14.31
N LYS E 308 -25.89 11.01 -14.43
CA LYS E 308 -25.28 12.33 -14.42
C LYS E 308 -25.53 13.05 -15.75
N ALA E 309 -25.42 14.37 -15.70
CA ALA E 309 -25.59 15.18 -16.91
C ALA E 309 -24.53 14.84 -17.96
N LEU E 310 -23.32 14.47 -17.52
CA LEU E 310 -22.29 14.05 -18.46
C LEU E 310 -22.71 12.77 -19.17
N ASP E 311 -23.34 11.84 -18.45
CA ASP E 311 -23.81 10.61 -19.07
C ASP E 311 -24.86 10.89 -20.14
N VAL E 312 -25.76 11.84 -19.87
CA VAL E 312 -26.79 12.20 -20.84
C VAL E 312 -26.14 12.75 -22.12
N TYR E 313 -25.12 13.60 -21.96
CA TYR E 313 -24.43 14.14 -23.13
C TYR E 313 -23.74 13.04 -23.91
N PHE E 314 -23.16 12.05 -23.22
CA PHE E 314 -22.55 10.92 -23.91
C PHE E 314 -23.58 10.14 -24.71
N TRP E 315 -24.78 9.94 -24.14
CA TRP E 315 -25.82 9.22 -24.85
C TRP E 315 -26.26 9.97 -26.10
N ILE E 316 -26.42 11.29 -26.00
CA ILE E 316 -26.83 12.08 -27.15
C ILE E 316 -25.76 12.00 -28.24
N CYS E 317 -24.49 12.13 -27.86
CA CYS E 317 -23.40 12.04 -28.84
C CYS E 317 -23.33 10.66 -29.46
N TYR E 318 -23.57 9.61 -28.65
CA TYR E 318 -23.55 8.26 -29.18
C TYR E 318 -24.67 8.04 -30.19
N VAL E 319 -25.84 8.65 -29.95
CA VAL E 319 -26.94 8.52 -30.90
C VAL E 319 -26.57 9.14 -32.24
N PHE E 320 -25.94 10.31 -32.21
CA PHE E 320 -25.60 10.98 -33.46
C PHE E 320 -24.54 10.22 -34.25
N VAL E 321 -23.51 9.70 -33.58
CA VAL E 321 -22.47 8.96 -34.31
C VAL E 321 -23.02 7.64 -34.82
N PHE E 322 -23.91 6.99 -34.05
CA PHE E 322 -24.53 5.78 -34.53
C PHE E 322 -25.48 6.07 -35.69
N ALA E 323 -26.21 7.18 -35.62
CA ALA E 323 -27.11 7.55 -36.72
C ALA E 323 -26.33 7.86 -37.98
N ALA E 324 -25.14 8.46 -37.84
CA ALA E 324 -24.32 8.76 -39.01
C ALA E 324 -23.91 7.49 -39.73
N LEU E 325 -23.52 6.45 -38.99
CA LEU E 325 -23.18 5.19 -39.62
C LEU E 325 -24.41 4.52 -40.22
N VAL E 326 -25.55 4.62 -39.55
CA VAL E 326 -26.79 4.10 -40.10
C VAL E 326 -27.16 4.85 -41.39
N GLU E 327 -26.89 6.16 -41.41
CA GLU E 327 -27.19 6.95 -42.60
C GLU E 327 -26.42 6.45 -43.81
N TYR E 328 -25.13 6.15 -43.65
CA TYR E 328 -24.35 5.64 -44.77
C TYR E 328 -24.82 4.24 -45.17
N ALA E 329 -25.17 3.40 -44.20
CA ALA E 329 -25.65 2.05 -44.52
C ALA E 329 -26.93 2.12 -45.34
N PHE E 330 -27.83 3.03 -44.97
CA PHE E 330 -29.04 3.22 -45.77
C PHE E 330 -28.71 3.75 -47.16
N ALA E 331 -27.76 4.69 -47.25
CA ALA E 331 -27.34 5.20 -48.55
C ALA E 331 -26.67 4.10 -49.38
N HIS E 332 -25.84 3.27 -48.75
CA HIS E 332 -25.21 2.16 -49.46
C HIS E 332 -26.25 1.15 -49.93
N PHE E 333 -27.24 0.86 -49.09
CA PHE E 333 -28.27 -0.11 -49.45
C PHE E 333 -29.10 0.40 -50.63
N ASN E 334 -29.44 1.69 -50.64
CA ASN E 334 -30.20 2.24 -51.75
C ASN E 334 -29.37 2.24 -53.03
N ALA E 335 -28.06 2.46 -52.92
CA ALA E 335 -27.20 2.41 -54.10
C ALA E 335 -27.18 1.02 -54.71
N ASP E 336 -27.18 -0.01 -53.88
CA ASP E 336 -27.19 -1.40 -54.35
C ASP E 336 -28.47 -1.70 -55.12
N ALA E 424 -28.94 9.14 -54.26
CA ALA E 424 -28.24 8.80 -53.03
C ALA E 424 -27.40 9.98 -52.54
N ASP E 425 -26.85 10.75 -53.49
CA ASP E 425 -26.11 11.95 -53.12
C ASP E 425 -27.00 12.98 -52.45
N THR E 426 -28.30 12.95 -52.76
CA THR E 426 -29.25 13.81 -52.06
C THR E 426 -29.31 13.48 -50.58
N ILE E 427 -29.27 12.18 -50.25
CA ILE E 427 -29.30 11.76 -48.85
C ILE E 427 -28.09 12.29 -48.10
N ASP E 428 -26.91 12.22 -48.73
CA ASP E 428 -25.71 12.77 -48.10
C ASP E 428 -25.84 14.28 -47.91
N ILE E 429 -26.36 14.99 -48.91
CA ILE E 429 -26.53 16.43 -48.81
C ILE E 429 -27.49 16.78 -47.68
N TYR E 430 -28.61 16.06 -47.60
CA TYR E 430 -29.56 16.30 -46.51
C TYR E 430 -28.95 15.94 -45.17
N ALA E 431 -28.18 14.85 -45.11
CA ALA E 431 -27.51 14.48 -43.87
C ALA E 431 -26.50 15.54 -43.45
N ARG E 432 -25.84 16.20 -44.40
CA ARG E 432 -24.92 17.28 -44.07
C ARG E 432 -25.65 18.46 -43.44
N ALA E 433 -26.91 18.67 -43.80
CA ALA E 433 -27.66 19.77 -43.21
C ALA E 433 -28.24 19.40 -41.85
N VAL E 434 -28.78 18.19 -41.71
CA VAL E 434 -29.53 17.83 -40.52
C VAL E 434 -28.59 17.63 -39.33
N PHE E 435 -27.53 16.85 -39.49
CA PHE E 435 -26.72 16.45 -38.34
C PHE E 435 -26.04 17.64 -37.66
N PRO E 436 -25.36 18.55 -38.36
CA PRO E 436 -24.90 19.77 -37.68
C PRO E 436 -26.03 20.60 -37.09
N ALA E 437 -27.17 20.67 -37.78
CA ALA E 437 -28.29 21.44 -37.26
C ALA E 437 -28.93 20.77 -36.05
N ALA E 438 -29.18 19.46 -36.14
CA ALA E 438 -29.79 18.75 -35.02
C ALA E 438 -28.88 18.73 -33.80
N PHE E 439 -27.58 18.52 -34.01
CA PHE E 439 -26.65 18.51 -32.88
C PHE E 439 -26.56 19.88 -32.22
N ALA E 440 -26.59 20.95 -33.00
CA ALA E 440 -26.62 22.29 -32.42
C ALA E 440 -27.90 22.51 -31.63
N ALA E 441 -29.04 22.05 -32.16
CA ALA E 441 -30.30 22.24 -31.47
C ALA E 441 -30.35 21.46 -30.16
N VAL E 442 -29.88 20.22 -30.16
CA VAL E 442 -29.94 19.40 -28.95
C VAL E 442 -28.96 19.93 -27.90
N ASN E 443 -27.84 20.51 -28.33
CA ASN E 443 -26.93 21.13 -27.37
C ASN E 443 -27.57 22.32 -26.68
N VAL E 444 -28.31 23.14 -27.44
CA VAL E 444 -28.99 24.28 -26.86
C VAL E 444 -29.99 23.82 -25.81
N ILE E 445 -30.76 22.78 -26.12
CA ILE E 445 -31.69 22.23 -25.14
C ILE E 445 -30.95 21.66 -23.94
N TYR E 446 -29.85 20.95 -24.18
CA TYR E 446 -29.10 20.34 -23.09
C TYR E 446 -28.49 21.39 -22.18
N TRP E 447 -27.77 22.35 -22.76
CA TRP E 447 -27.04 23.33 -21.94
C TRP E 447 -28.00 24.25 -21.20
N ALA E 448 -29.10 24.65 -21.83
CA ALA E 448 -30.04 25.54 -21.17
C ALA E 448 -30.70 24.88 -19.97
N ALA E 449 -31.01 23.59 -20.06
CA ALA E 449 -31.72 22.91 -18.99
C ALA E 449 -30.85 22.81 -17.74
N TYR E 450 -29.61 22.33 -17.89
CA TYR E 450 -28.77 22.09 -16.72
C TYR E 450 -28.18 23.38 -16.16
N ALA E 451 -27.83 24.33 -17.02
CA ALA E 451 -27.25 25.58 -16.56
C ALA E 451 -28.34 26.53 -16.05
N GLN F 1 34.73 5.20 -5.91
CA GLN F 1 36.04 5.52 -6.46
C GLN F 1 35.97 6.70 -7.41
N VAL F 2 36.42 7.86 -6.96
CA VAL F 2 36.40 9.09 -7.75
C VAL F 2 37.81 9.66 -7.77
N GLN F 3 38.28 10.03 -8.97
CA GLN F 3 39.59 10.65 -9.15
C GLN F 3 39.40 12.12 -9.47
N LEU F 4 40.15 12.97 -8.77
CA LEU F 4 40.02 14.41 -8.90
C LEU F 4 41.35 15.01 -9.34
N VAL F 5 41.32 15.79 -10.42
CA VAL F 5 42.49 16.51 -10.91
C VAL F 5 42.10 17.97 -11.09
N GLU F 6 42.90 18.87 -10.52
CA GLU F 6 42.64 20.30 -10.58
C GLU F 6 43.83 21.02 -11.23
N SER F 7 43.52 22.10 -11.93
CA SER F 7 44.54 22.88 -12.62
C SER F 7 44.03 24.30 -12.82
N GLY F 8 44.95 25.20 -13.15
CA GLY F 8 44.61 26.58 -13.41
C GLY F 8 45.01 27.53 -12.30
N GLY F 9 46.17 27.30 -11.70
CA GLY F 9 46.63 28.14 -10.62
C GLY F 9 47.61 29.21 -11.07
N GLY F 10 48.89 29.04 -10.75
CA GLY F 10 49.89 30.01 -11.10
C GLY F 10 49.97 31.16 -10.12
N LEU F 11 50.82 32.13 -10.46
CA LEU F 11 51.05 33.31 -9.63
C LEU F 11 50.65 34.55 -10.40
N VAL F 12 49.87 35.41 -9.76
CA VAL F 12 49.43 36.68 -10.35
C VAL F 12 49.63 37.78 -9.31
N GLN F 13 49.49 39.02 -9.78
CA GLN F 13 49.64 40.18 -8.91
C GLN F 13 48.43 40.35 -8.01
N GLY F 14 43.12 41.07 -9.87
CA GLY F 14 43.09 40.18 -11.00
C GLY F 14 42.00 39.13 -10.90
N SER F 15 41.78 38.39 -11.99
CA SER F 15 40.77 37.34 -12.06
C SER F 15 41.44 36.03 -12.46
N LEU F 16 41.12 34.97 -11.73
CA LEU F 16 41.64 33.64 -11.99
C LEU F 16 40.51 32.63 -11.92
N ARG F 17 40.60 31.57 -12.71
CA ARG F 17 39.57 30.54 -12.77
C ARG F 17 40.21 29.17 -12.58
N LEU F 18 40.02 28.59 -11.40
CA LEU F 18 40.43 27.23 -11.14
C LEU F 18 39.44 26.25 -11.78
N SER F 19 39.88 25.00 -11.93
CA SER F 19 39.04 23.96 -12.48
C SER F 19 39.37 22.64 -11.79
N CYS F 20 38.41 21.72 -11.83
CA CYS F 20 38.59 20.40 -11.21
C CYS F 20 37.80 19.38 -12.01
N ALA F 21 38.50 18.36 -12.52
CA ALA F 21 37.89 17.31 -13.33
C ALA F 21 37.70 16.06 -12.48
N ALA F 22 36.52 15.46 -12.58
CA ALA F 22 36.16 14.27 -11.82
C ALA F 22 35.91 13.10 -12.74
N SER F 23 36.21 11.90 -12.26
CA SER F 23 36.00 10.68 -13.02
C SER F 23 35.79 9.52 -12.06
N GLY F 24 34.89 8.60 -12.44
CA GLY F 24 34.57 7.45 -11.63
C GLY F 24 33.09 7.41 -11.25
N HIS F 25 32.83 6.87 -10.06
CA HIS F 25 31.46 6.77 -9.55
C HIS F 25 31.03 8.12 -8.97
N THR F 26 30.78 9.06 -9.88
CA THR F 26 30.38 10.40 -9.46
C THR F 26 28.95 10.43 -8.93
N PHE F 27 28.12 9.44 -9.26
CA PHE F 27 26.75 9.43 -8.78
C PHE F 27 26.69 9.28 -7.26
N ASN F 28 27.54 8.42 -6.70
CA ASN F 28 27.56 8.23 -5.26
C ASN F 28 28.12 9.43 -4.50
N TYR F 29 28.76 10.37 -5.20
CA TYR F 29 29.33 11.57 -4.59
C TYR F 29 28.83 12.78 -5.37
N PRO F 30 27.59 13.21 -5.13
CA PRO F 30 27.01 14.30 -5.91
C PRO F 30 27.43 15.69 -5.48
N ILE F 31 28.23 15.83 -4.42
CA ILE F 31 28.60 17.13 -3.88
C ILE F 31 30.11 17.31 -4.04
N MET F 32 30.50 18.41 -4.65
CA MET F 32 31.91 18.78 -4.83
C MET F 32 32.21 20.01 -4.00
N GLY F 33 33.33 19.99 -3.28
CA GLY F 33 33.71 21.12 -2.46
C GLY F 33 35.08 21.66 -2.78
N TRP F 34 35.33 22.92 -2.45
CA TRP F 34 36.61 23.57 -2.65
C TRP F 34 37.19 23.96 -1.29
N PHE F 35 38.46 23.63 -1.07
CA PHE F 35 39.14 23.92 0.18
C PHE F 35 40.50 24.54 -0.09
N ARG F 36 40.93 25.40 0.82
CA ARG F 36 42.25 26.01 0.77
C ARG F 36 42.90 25.90 2.14
N GLN F 37 44.23 25.73 2.15
CA GLN F 37 44.98 25.54 3.38
C GLN F 37 46.15 26.51 3.40
N ALA F 38 46.05 27.54 4.24
CA ALA F 38 47.15 28.47 4.42
C ALA F 38 48.29 27.79 5.18
N PRO F 39 49.53 28.21 4.95
CA PRO F 39 50.66 27.62 5.67
C PRO F 39 50.52 27.82 7.17
N GLY F 40 50.49 26.71 7.91
CA GLY F 40 50.30 26.72 9.34
C GLY F 40 48.85 26.72 9.78
N LYS F 41 47.96 27.36 9.01
CA LYS F 41 46.55 27.40 9.34
C LYS F 41 45.85 26.11 8.90
N GLU F 42 44.75 25.80 9.58
CA GLU F 42 43.96 24.64 9.23
C GLU F 42 43.27 24.84 7.88
N ARG F 43 42.96 23.73 7.22
CA ARG F 43 42.31 23.79 5.92
C ARG F 43 40.95 24.46 6.04
N GLU F 44 40.67 25.38 5.11
CA GLU F 44 39.50 26.25 5.17
C GLU F 44 38.54 25.91 4.05
N PHE F 45 37.25 25.83 4.38
CA PHE F 45 36.22 25.60 3.38
C PHE F 45 36.01 26.87 2.56
N VAL F 46 35.93 26.70 1.24
CA VAL F 46 35.72 27.81 0.31
C VAL F 46 34.30 27.81 -0.25
N GLY F 47 33.92 26.73 -0.93
CA GLY F 47 32.58 26.64 -1.48
C GLY F 47 32.29 25.23 -1.93
N ALA F 48 31.00 24.93 -2.00
CA ALA F 48 30.52 23.61 -2.41
C ALA F 48 29.39 23.75 -3.41
N ILE F 49 29.24 22.74 -4.26
CA ILE F 49 28.20 22.74 -5.28
C ILE F 49 27.81 21.29 -5.57
N SER F 50 26.54 21.09 -5.89
CA SER F 50 26.04 19.77 -6.27
C SER F 50 26.17 19.55 -7.77
N TRP F 51 26.41 18.29 -8.15
CA TRP F 51 26.47 17.96 -9.57
C TRP F 51 25.15 18.22 -10.26
N SER F 52 24.04 17.86 -9.63
CA SER F 52 22.71 18.01 -10.18
C SER F 52 21.97 19.11 -9.44
N GLY F 53 21.40 20.06 -10.19
CA GLY F 53 20.66 21.16 -9.63
C GLY F 53 21.44 22.44 -9.50
N GLY F 54 22.76 22.38 -9.50
CA GLY F 54 23.58 23.57 -9.43
C GLY F 54 23.49 24.36 -8.15
N SER F 55 22.91 23.79 -7.09
CA SER F 55 22.86 24.47 -5.81
C SER F 55 24.26 24.66 -5.25
N THR F 56 24.56 25.85 -4.76
CA THR F 56 25.90 26.19 -4.33
C THR F 56 25.87 26.91 -3.00
N SER F 57 26.97 26.81 -2.26
CA SER F 57 27.16 27.51 -1.00
C SER F 57 28.58 28.08 -0.97
N TYR F 58 28.76 29.16 -0.23
CA TYR F 58 30.04 29.85 -0.16
C TYR F 58 30.33 30.26 1.28
N ALA F 59 31.61 30.46 1.56
CA ALA F 59 32.03 31.00 2.84
C ALA F 59 31.86 32.52 2.84
N ASP F 60 31.83 33.10 4.04
CA ASP F 60 31.65 34.54 4.16
C ASP F 60 32.83 35.31 3.57
N SER F 61 34.05 34.80 3.78
CA SER F 61 35.23 35.50 3.28
C SER F 61 35.24 35.59 1.76
N VAL F 62 34.83 34.51 1.08
CA VAL F 62 34.85 34.46 -0.38
C VAL F 62 33.48 34.77 -0.98
N LYS F 63 32.51 35.15 -0.16
CA LYS F 63 31.19 35.47 -0.65
C LYS F 63 31.24 36.72 -1.53
N ASP F 64 30.46 36.71 -2.61
CA ASP F 64 30.33 37.80 -3.57
C ASP F 64 31.63 38.07 -4.33
N ARG F 65 32.64 37.22 -4.17
CA ARG F 65 33.88 37.34 -4.91
C ARG F 65 34.22 36.10 -5.73
N PHE F 66 33.94 34.91 -5.19
CA PHE F 66 34.20 33.66 -5.88
C PHE F 66 32.89 33.05 -6.33
N THR F 67 32.85 32.57 -7.57
CA THR F 67 31.68 31.91 -8.14
C THR F 67 32.05 30.49 -8.54
N ILE F 68 31.17 29.54 -8.23
CA ILE F 68 31.39 28.13 -8.48
C ILE F 68 30.28 27.60 -9.38
N SER F 69 30.66 26.95 -10.47
CA SER F 69 29.71 26.32 -11.36
C SER F 69 30.37 25.09 -11.98
N ARG F 70 29.54 24.18 -12.47
CA ARG F 70 30.02 22.92 -13.02
C ARG F 70 29.28 22.60 -14.31
N ASP F 71 29.92 21.79 -15.15
CA ASP F 71 29.31 21.27 -16.37
C ASP F 71 29.40 19.75 -16.34
N ASN F 72 28.26 19.08 -16.45
CA ASN F 72 28.22 17.63 -16.35
C ASN F 72 28.77 16.95 -17.60
N ALA F 73 28.83 17.67 -18.72
CA ALA F 73 29.36 17.06 -19.95
C ALA F 73 30.84 16.69 -19.78
N LYS F 74 31.63 17.57 -19.20
CA LYS F 74 33.04 17.31 -18.96
C LYS F 74 33.32 16.77 -17.56
N ASN F 75 32.29 16.65 -16.72
CA ASN F 75 32.46 16.25 -15.32
C ASN F 75 33.48 17.14 -14.62
N THR F 76 33.36 18.44 -14.85
CA THR F 76 34.33 19.42 -14.36
C THR F 76 33.62 20.43 -13.47
N VAL F 77 34.24 20.72 -12.32
CA VAL F 77 33.78 21.78 -11.42
C VAL F 77 34.87 22.84 -11.39
N TYR F 78 34.50 24.07 -11.73
CA TYR F 78 35.46 25.16 -11.85
C TYR F 78 35.13 26.27 -10.86
N LEU F 79 36.17 26.80 -10.23
CA LEU F 79 36.06 27.90 -9.27
C LEU F 79 36.63 29.15 -9.91
N GLU F 80 35.81 30.19 -10.01
CA GLU F 80 36.21 31.46 -10.60
C GLU F 80 36.55 32.44 -9.48
N MET F 81 37.83 32.78 -9.35
CA MET F 81 38.31 33.67 -8.30
C MET F 81 38.53 35.05 -8.89
N ASN F 82 37.67 35.99 -8.51
CA ASN F 82 37.75 37.38 -8.98
C ASN F 82 37.99 38.30 -7.80
N ASN F 83 38.63 39.44 -8.07
CA ASN F 83 38.98 40.43 -7.06
C ASN F 83 39.84 39.80 -5.97
N LEU F 84 41.01 39.33 -6.38
CA LEU F 84 41.91 38.62 -5.47
C LEU F 84 42.47 39.56 -4.42
N LYS F 85 42.80 38.99 -3.27
CA LYS F 85 43.35 39.71 -2.13
C LYS F 85 44.58 38.96 -1.63
N PRO F 86 45.49 39.65 -0.94
CA PRO F 86 46.68 38.96 -0.40
C PRO F 86 46.33 37.87 0.61
N GLU F 87 45.16 37.93 1.24
CA GLU F 87 44.74 36.87 2.15
C GLU F 87 44.43 35.57 1.41
N ASP F 88 44.21 35.63 0.10
CA ASP F 88 43.87 34.45 -0.69
C ASP F 88 45.12 33.76 -1.23
N THR F 89 46.05 33.43 -0.33
CA THR F 89 47.30 32.74 -0.67
C THR F 89 47.32 31.42 0.09
N ALA F 90 46.86 30.36 -0.58
CA ALA F 90 46.81 29.04 0.03
C ALA F 90 46.75 27.99 -1.06
N VAL F 91 46.93 26.74 -0.67
CA VAL F 91 46.85 25.63 -1.62
C VAL F 91 45.39 25.22 -1.75
N TYR F 92 44.86 25.33 -2.97
CA TYR F 92 43.46 25.04 -3.23
C TYR F 92 43.28 23.57 -3.59
N TYR F 93 42.38 22.90 -2.88
CA TYR F 93 42.10 21.49 -3.09
C TYR F 93 40.69 21.30 -3.64
N CYS F 94 40.46 20.14 -4.23
CA CYS F 94 39.16 19.74 -4.75
C CYS F 94 38.74 18.45 -4.06
N ALA F 95 37.50 18.40 -3.59
CA ALA F 95 37.04 17.27 -2.80
C ALA F 95 35.64 16.87 -3.22
N ALA F 96 35.28 15.62 -2.93
CA ALA F 96 33.95 15.07 -3.21
C ALA F 96 33.39 14.49 -1.92
N LYS F 97 32.08 14.62 -1.75
CA LYS F 97 31.42 14.20 -0.52
C LYS F 97 30.30 13.22 -0.83
N GLY F 98 30.10 12.28 0.09
CA GLY F 98 29.04 11.31 -0.05
C GLY F 98 27.67 11.91 0.19
N ARG F 99 26.65 11.12 -0.15
CA ARG F 99 25.28 11.60 -0.05
C ARG F 99 24.86 11.84 1.40
N TYR F 100 25.28 10.96 2.31
CA TYR F 100 24.93 11.05 3.72
C TYR F 100 26.17 11.28 4.58
N SER F 101 27.06 12.15 4.13
CA SER F 101 28.33 12.39 4.81
C SER F 101 28.30 13.61 5.73
N GLY F 102 27.17 14.30 5.85
CA GLY F 102 27.07 15.39 6.80
C GLY F 102 27.24 16.78 6.21
N GLY F 103 27.79 17.70 7.01
CA GLY F 103 27.88 19.07 6.59
C GLY F 103 28.95 19.30 5.53
N LEU F 104 28.77 20.41 4.81
CA LEU F 104 29.70 20.76 3.73
C LEU F 104 31.00 21.36 4.27
N TYR F 105 30.91 22.14 5.35
CA TYR F 105 32.03 22.97 5.79
C TYR F 105 33.17 22.18 6.41
N TYR F 106 32.98 20.89 6.68
CA TYR F 106 33.97 20.11 7.40
C TYR F 106 34.73 19.22 6.44
N PRO F 107 36.04 19.43 6.24
CA PRO F 107 36.78 18.63 5.24
C PRO F 107 36.83 17.14 5.55
N THR F 108 36.73 16.76 6.82
CA THR F 108 36.82 15.35 7.18
C THR F 108 35.64 14.54 6.66
N ASN F 109 34.54 15.19 6.27
CA ASN F 109 33.39 14.49 5.71
C ASN F 109 33.60 14.11 4.25
N TYR F 110 34.65 14.62 3.60
CA TYR F 110 34.91 14.33 2.20
C TYR F 110 35.87 13.15 2.08
N ASP F 111 35.61 12.29 1.10
CA ASP F 111 36.36 11.04 0.97
C ASP F 111 37.54 11.18 0.00
N TYR F 112 37.31 11.76 -1.18
CA TYR F 112 38.32 11.83 -2.21
C TYR F 112 38.79 13.28 -2.38
N TRP F 113 40.11 13.45 -2.48
CA TRP F 113 40.72 14.77 -2.57
C TRP F 113 41.65 14.82 -3.78
N GLY F 114 41.86 16.03 -4.27
CA GLY F 114 42.79 16.26 -5.36
C GLY F 114 44.21 16.49 -4.86
N GLN F 115 45.10 16.76 -5.82
CA GLN F 115 46.51 17.00 -5.47
C GLN F 115 46.67 18.33 -4.73
N GLY F 116 46.07 19.40 -5.25
CA GLY F 116 46.20 20.70 -4.64
C GLY F 116 47.08 21.64 -5.44
N THR F 117 46.60 22.86 -5.68
CA THR F 117 47.33 23.86 -6.46
C THR F 117 47.67 25.03 -5.56
N GLN F 118 48.93 25.47 -5.60
CA GLN F 118 49.39 26.60 -4.82
C GLN F 118 49.18 27.90 -5.57
N VAL F 119 48.51 28.86 -4.94
CA VAL F 119 48.24 30.17 -5.53
C VAL F 119 48.78 31.23 -4.58
N THR F 120 49.60 32.13 -5.12
CA THR F 120 50.19 33.21 -4.36
C THR F 120 50.02 34.51 -5.12
N VAL F 121 49.60 35.56 -4.43
CA VAL F 121 49.41 36.87 -5.05
C VAL F 121 50.25 37.92 -4.32
N GLN G 1 10.82 -32.60 0.48
CA GLN G 1 11.54 -33.82 0.13
C GLN G 1 12.62 -33.55 -0.92
N VAL G 2 13.87 -33.53 -0.48
CA VAL G 2 15.01 -33.28 -1.34
C VAL G 2 16.01 -34.42 -1.18
N GLN G 3 16.48 -34.95 -2.30
CA GLN G 3 17.48 -36.00 -2.31
C GLN G 3 18.81 -35.43 -2.76
N LEU G 4 19.87 -35.73 -2.02
CA LEU G 4 21.20 -35.18 -2.28
C LEU G 4 22.18 -36.31 -2.52
N VAL G 5 22.88 -36.24 -3.65
CA VAL G 5 23.94 -37.20 -4.00
C VAL G 5 25.19 -36.41 -4.34
N GLU G 6 26.31 -36.77 -3.72
CA GLU G 6 27.58 -36.09 -3.92
C GLU G 6 28.63 -37.09 -4.42
N SER G 7 29.55 -36.59 -5.23
CA SER G 7 30.60 -37.42 -5.80
C SER G 7 31.77 -36.53 -6.19
N GLY G 8 32.92 -37.16 -6.43
CA GLY G 8 34.11 -36.45 -6.84
C GLY G 8 35.16 -36.34 -5.76
N GLY G 9 35.32 -37.38 -4.96
CA GLY G 9 36.28 -37.36 -3.88
C GLY G 9 37.61 -38.00 -4.23
N GLY G 10 37.86 -39.20 -3.69
CA GLY G 10 39.10 -39.89 -3.95
C GLY G 10 40.23 -39.43 -3.05
N LEU G 11 41.42 -39.98 -3.31
CA LEU G 11 42.62 -39.67 -2.55
C LEU G 11 43.66 -39.05 -3.47
N VAL G 12 44.23 -37.93 -3.03
CA VAL G 12 45.26 -37.22 -3.77
C VAL G 12 46.40 -36.89 -2.81
N GLN G 13 47.52 -36.45 -3.39
CA GLN G 13 48.68 -36.07 -2.59
C GLN G 13 48.47 -34.72 -1.91
N GLY G 14 47.42 -29.88 -4.68
CA GLY G 14 46.53 -30.33 -5.74
C GLY G 14 45.19 -29.64 -5.74
N SER G 15 44.41 -29.86 -6.80
CA SER G 15 43.09 -29.27 -6.95
C SER G 15 42.05 -30.37 -7.13
N LEU G 16 40.95 -30.28 -6.38
CA LEU G 16 39.86 -31.23 -6.47
C LEU G 16 38.54 -30.47 -6.50
N ARG G 17 37.56 -31.04 -7.20
CA ARG G 17 36.25 -30.41 -7.35
C ARG G 17 35.16 -31.40 -6.95
N LEU G 18 34.57 -31.19 -5.78
CA LEU G 18 33.42 -31.95 -5.36
C LEU G 18 32.16 -31.45 -6.08
N SER G 19 31.12 -32.28 -6.05
CA SER G 19 29.85 -31.92 -6.66
C SER G 19 28.72 -32.52 -5.83
N CYS G 20 27.54 -31.93 -5.95
CA CYS G 20 26.36 -32.40 -5.23
C CYS G 20 25.12 -32.13 -6.07
N ALA G 21 24.37 -33.19 -6.38
CA ALA G 21 23.18 -33.09 -7.19
C ALA G 21 21.94 -33.15 -6.30
N ALA G 22 20.99 -32.26 -6.55
CA ALA G 22 19.77 -32.17 -5.76
C ALA G 22 18.56 -32.46 -6.64
N SER G 23 17.53 -33.03 -6.02
CA SER G 23 16.30 -33.36 -6.71
C SER G 23 15.15 -33.34 -5.72
N GLY G 24 13.99 -32.86 -6.18
CA GLY G 24 12.80 -32.78 -5.34
C GLY G 24 12.30 -31.36 -5.22
N HIS G 25 11.72 -31.05 -4.05
CA HIS G 25 11.19 -29.72 -3.76
C HIS G 25 12.34 -28.80 -3.36
N THR G 26 13.13 -28.43 -4.37
CA THR G 26 14.27 -27.56 -4.13
C THR G 26 13.86 -26.12 -3.85
N PHE G 27 12.64 -25.72 -4.24
CA PHE G 27 12.20 -24.35 -3.99
C PHE G 27 12.07 -24.07 -2.50
N ASN G 28 11.54 -25.03 -1.74
CA ASN G 28 11.39 -24.85 -0.30
C ASN G 28 12.72 -24.86 0.44
N TYR G 29 13.80 -25.29 -0.21
CA TYR G 29 15.13 -25.33 0.39
C TYR G 29 16.11 -24.63 -0.54
N PRO G 30 16.11 -23.30 -0.53
CA PRO G 30 16.94 -22.56 -1.49
C PRO G 30 18.40 -22.43 -1.09
N ILE G 31 18.81 -22.93 0.07
CA ILE G 31 20.17 -22.79 0.57
C ILE G 31 20.82 -24.16 0.65
N MET G 32 21.99 -24.29 0.03
CA MET G 32 22.78 -25.51 0.07
C MET G 32 24.06 -25.26 0.83
N GLY G 33 24.41 -26.18 1.73
CA GLY G 33 25.62 -26.03 2.52
C GLY G 33 26.57 -27.21 2.39
N TRP G 34 27.85 -26.98 2.66
CA TRP G 34 28.87 -28.01 2.64
C TRP G 34 29.45 -28.17 4.04
N PHE G 35 29.55 -29.42 4.48
CA PHE G 35 30.06 -29.73 5.81
C PHE G 35 31.08 -30.86 5.72
N ARG G 36 32.06 -30.82 6.62
CA ARG G 36 33.05 -31.88 6.75
C ARG G 36 33.17 -32.26 8.22
N GLN G 37 33.45 -33.55 8.46
CA GLN G 37 33.53 -34.09 9.81
C GLN G 37 34.83 -34.87 9.95
N ALA G 38 35.77 -34.30 10.68
CA ALA G 38 37.02 -35.01 10.97
C ALA G 38 36.75 -36.14 11.95
N PRO G 39 37.55 -37.21 11.90
CA PRO G 39 37.37 -38.32 12.86
C PRO G 39 37.54 -37.85 14.29
N GLY G 40 36.49 -38.03 15.09
CA GLY G 40 36.45 -37.59 16.46
C GLY G 40 36.00 -36.16 16.65
N LYS G 41 36.30 -35.28 15.70
CA LYS G 41 35.89 -33.90 15.80
C LYS G 41 34.44 -33.72 15.34
N GLU G 42 33.81 -32.67 15.85
CA GLU G 42 32.44 -32.35 15.46
C GLU G 42 32.39 -31.89 14.00
N ARG G 43 31.23 -32.08 13.38
CA ARG G 43 31.05 -31.69 11.99
C ARG G 43 31.26 -30.19 11.83
N GLU G 44 32.02 -29.81 10.80
CA GLU G 44 32.46 -28.43 10.61
C GLU G 44 31.81 -27.84 9.36
N PHE G 45 31.33 -26.62 9.49
CA PHE G 45 30.77 -25.90 8.35
C PHE G 45 31.88 -25.47 7.40
N VAL G 46 31.68 -25.68 6.11
CA VAL G 46 32.65 -25.31 5.08
C VAL G 46 32.17 -24.08 4.30
N GLY G 47 31.03 -24.18 3.64
CA GLY G 47 30.50 -23.07 2.88
C GLY G 47 29.06 -23.32 2.49
N ALA G 48 28.35 -22.23 2.23
CA ALA G 48 26.95 -22.28 1.85
C ALA G 48 26.70 -21.36 0.67
N ILE G 49 25.68 -21.68 -0.12
CA ILE G 49 25.33 -20.90 -1.30
C ILE G 49 23.83 -21.04 -1.53
N SER G 50 23.23 -19.98 -2.05
CA SER G 50 21.81 -20.00 -2.41
C SER G 50 21.62 -20.46 -3.84
N TRP G 51 20.49 -21.14 -4.09
CA TRP G 51 20.17 -21.57 -5.44
C TRP G 51 19.98 -20.37 -6.37
N SER G 52 19.29 -19.34 -5.89
CA SER G 52 19.01 -18.15 -6.68
C SER G 52 19.83 -16.99 -6.15
N GLY G 53 20.52 -16.29 -7.05
CA GLY G 53 21.33 -15.15 -6.72
C GLY G 53 22.81 -15.45 -6.55
N GLY G 54 23.16 -16.71 -6.32
CA GLY G 54 24.56 -17.09 -6.21
C GLY G 54 25.30 -16.52 -5.01
N SER G 55 24.59 -15.97 -4.03
CA SER G 55 25.24 -15.47 -2.83
C SER G 55 25.88 -16.62 -2.06
N THR G 56 27.11 -16.43 -1.62
CA THR G 56 27.87 -17.51 -1.00
C THR G 56 28.57 -17.00 0.26
N SER G 57 28.83 -17.94 1.17
CA SER G 57 29.58 -17.66 2.39
C SER G 57 30.57 -18.80 2.61
N TYR G 58 31.67 -18.48 3.29
CA TYR G 58 32.74 -19.45 3.53
C TYR G 58 33.25 -19.33 4.95
N ALA G 59 33.84 -20.42 5.44
CA ALA G 59 34.52 -20.39 6.72
C ALA G 59 35.91 -19.77 6.57
N ASP G 60 36.46 -19.34 7.71
CA ASP G 60 37.77 -18.70 7.69
C ASP G 60 38.86 -19.67 7.25
N SER G 61 38.78 -20.92 7.69
CA SER G 61 39.81 -21.90 7.35
C SER G 61 39.87 -22.15 5.85
N VAL G 62 38.72 -22.24 5.19
CA VAL G 62 38.66 -22.53 3.76
C VAL G 62 38.49 -21.27 2.92
N LYS G 63 38.55 -20.09 3.55
CA LYS G 63 38.42 -18.85 2.80
C LYS G 63 39.60 -18.66 1.86
N ASP G 64 39.32 -18.13 0.67
CA ASP G 64 40.30 -17.86 -0.37
C ASP G 64 40.96 -19.11 -0.92
N ARG G 65 40.48 -20.29 -0.53
CA ARG G 65 40.98 -21.55 -1.07
C ARG G 65 39.90 -22.39 -1.71
N PHE G 66 38.70 -22.42 -1.15
CA PHE G 66 37.59 -23.18 -1.69
C PHE G 66 36.58 -22.22 -2.31
N THR G 67 36.09 -22.58 -3.50
CA THR G 67 35.08 -21.79 -4.20
C THR G 67 33.85 -22.66 -4.43
N ILE G 68 32.68 -22.06 -4.20
CA ILE G 68 31.40 -22.77 -4.31
C ILE G 68 30.54 -22.05 -5.34
N SER G 69 30.02 -22.81 -6.29
CA SER G 69 29.10 -22.28 -7.29
C SER G 69 28.14 -23.39 -7.70
N ARG G 70 27.00 -22.99 -8.24
CA ARG G 70 25.95 -23.95 -8.61
C ARG G 70 25.39 -23.58 -9.98
N ASP G 71 24.82 -24.58 -10.64
CA ASP G 71 24.11 -24.41 -11.90
C ASP G 71 22.71 -24.97 -11.74
N ASN G 72 21.70 -24.12 -12.00
CA ASN G 72 20.32 -24.54 -11.80
C ASN G 72 19.83 -25.48 -12.88
N ALA G 73 20.51 -25.53 -14.03
CA ALA G 73 20.09 -26.43 -15.10
C ALA G 73 20.21 -27.88 -14.67
N LYS G 74 21.31 -28.24 -14.02
CA LYS G 74 21.53 -29.60 -13.53
C LYS G 74 21.13 -29.77 -12.07
N ASN G 75 20.69 -28.70 -11.41
CA ASN G 75 20.39 -28.72 -9.98
C ASN G 75 21.57 -29.27 -9.19
N THR G 76 22.76 -28.80 -9.53
CA THR G 76 24.01 -29.29 -8.96
C THR G 76 24.75 -28.16 -8.27
N VAL G 77 25.25 -28.44 -7.06
CA VAL G 77 26.11 -27.53 -6.33
C VAL G 77 27.46 -28.20 -6.20
N TYR G 78 28.52 -27.53 -6.69
CA TYR G 78 29.85 -28.09 -6.73
C TYR G 78 30.81 -27.26 -5.89
N LEU G 79 31.66 -27.95 -5.13
CA LEU G 79 32.68 -27.33 -4.29
C LEU G 79 34.04 -27.58 -4.91
N GLU G 80 34.76 -26.51 -5.24
CA GLU G 80 36.08 -26.60 -5.84
C GLU G 80 37.13 -26.40 -4.75
N MET G 81 37.87 -27.46 -4.44
CA MET G 81 38.88 -27.44 -3.39
C MET G 81 40.25 -27.31 -4.03
N ASN G 82 40.88 -26.15 -3.87
CA ASN G 82 42.20 -25.87 -4.42
C ASN G 82 43.18 -25.59 -3.29
N ASN G 83 44.45 -25.88 -3.55
CA ASN G 83 45.52 -25.72 -2.56
C ASN G 83 45.22 -26.52 -1.29
N LEU G 84 45.14 -27.84 -1.47
CA LEU G 84 44.77 -28.72 -0.38
C LEU G 84 45.87 -28.77 0.68
N LYS G 85 45.45 -29.04 1.91
CA LYS G 85 46.32 -29.13 3.07
C LYS G 85 46.01 -30.41 3.82
N PRO G 86 46.98 -30.93 4.60
CA PRO G 86 46.71 -32.14 5.38
C PRO G 86 45.59 -31.99 6.39
N GLU G 87 45.29 -30.75 6.81
CA GLU G 87 44.16 -30.54 7.71
C GLU G 87 42.82 -30.79 7.03
N ASP G 88 42.77 -30.79 5.71
CA ASP G 88 41.53 -31.00 4.97
C ASP G 88 41.28 -32.47 4.70
N THR G 89 41.28 -33.28 5.75
CA THR G 89 41.03 -34.72 5.67
C THR G 89 39.80 -35.03 6.52
N ALA G 90 38.63 -35.05 5.87
CA ALA G 90 37.38 -35.31 6.57
C ALA G 90 36.35 -35.77 5.54
N VAL G 91 35.23 -36.28 6.05
CA VAL G 91 34.13 -36.72 5.21
C VAL G 91 33.27 -35.52 4.85
N TYR G 92 33.19 -35.20 3.56
CA TYR G 92 32.45 -34.03 3.10
C TYR G 92 31.00 -34.39 2.82
N TYR G 93 30.09 -33.63 3.40
CA TYR G 93 28.66 -33.84 3.26
C TYR G 93 28.02 -32.69 2.51
N CYS G 94 26.83 -32.96 1.97
CA CYS G 94 26.03 -31.96 1.28
C CYS G 94 24.68 -31.85 1.97
N ALA G 95 24.24 -30.62 2.24
CA ALA G 95 23.03 -30.40 3.03
C ALA G 95 22.20 -29.29 2.39
N ALA G 96 20.91 -29.31 2.72
CA ALA G 96 19.96 -28.30 2.27
C ALA G 96 19.24 -27.71 3.48
N LYS G 97 18.95 -26.43 3.43
CA LYS G 97 18.36 -25.72 4.55
C LYS G 97 17.07 -25.03 4.14
N GLY G 98 16.12 -24.98 5.08
CA GLY G 98 14.86 -24.32 4.83
C GLY G 98 14.99 -22.81 4.79
N ARG G 99 13.91 -22.17 4.36
CA ARG G 99 13.92 -20.72 4.19
C ARG G 99 14.05 -20.01 5.53
N TYR G 100 13.36 -20.50 6.56
CA TYR G 100 13.36 -19.88 7.88
C TYR G 100 14.00 -20.81 8.92
N SER G 101 15.10 -21.47 8.55
CA SER G 101 15.74 -22.44 9.42
C SER G 101 16.91 -21.87 10.22
N GLY G 102 17.19 -20.58 10.10
CA GLY G 102 18.21 -19.96 10.94
C GLY G 102 19.56 -19.79 10.29
N GLY G 103 20.63 -19.87 11.09
CA GLY G 103 21.95 -19.60 10.60
C GLY G 103 22.50 -20.71 9.72
N LEU G 104 23.48 -20.34 8.89
CA LEU G 104 24.09 -21.29 7.97
C LEU G 104 25.08 -22.21 8.66
N TYR G 105 25.82 -21.69 9.66
CA TYR G 105 26.97 -22.39 10.20
C TYR G 105 26.60 -23.59 11.07
N TYR G 106 25.32 -23.77 11.40
CA TYR G 106 24.91 -24.80 12.33
C TYR G 106 24.30 -25.97 11.57
N PRO G 107 24.91 -27.16 11.58
CA PRO G 107 24.38 -28.27 10.78
C PRO G 107 23.00 -28.73 11.21
N THR G 108 22.62 -28.53 12.48
CA THR G 108 21.32 -29.00 12.95
C THR G 108 20.17 -28.25 12.28
N ASN G 109 20.42 -27.09 11.69
CA ASN G 109 19.39 -26.34 10.98
C ASN G 109 19.06 -26.92 9.62
N TYR G 110 19.87 -27.84 9.11
CA TYR G 110 19.66 -28.44 7.81
C TYR G 110 18.85 -29.72 7.93
N ASP G 111 17.93 -29.93 6.99
CA ASP G 111 17.00 -31.05 7.07
C ASP G 111 17.48 -32.28 6.31
N TYR G 112 17.93 -32.09 5.07
CA TYR G 112 18.32 -33.20 4.22
C TYR G 112 19.83 -33.21 4.03
N TRP G 113 20.42 -34.41 4.13
CA TRP G 113 21.86 -34.59 4.05
C TRP G 113 22.19 -35.65 3.01
N GLY G 114 23.40 -35.55 2.46
CA GLY G 114 23.90 -36.55 1.54
C GLY G 114 24.58 -37.71 2.24
N GLN G 115 25.10 -38.64 1.43
CA GLN G 115 25.79 -39.80 1.98
C GLN G 115 27.11 -39.40 2.64
N GLY G 116 27.92 -38.60 1.95
CA GLY G 116 29.21 -38.20 2.47
C GLY G 116 30.36 -38.87 1.77
N THR G 117 31.36 -38.09 1.36
CA THR G 117 32.53 -38.59 0.65
C THR G 117 33.77 -38.38 1.50
N GLN G 118 34.58 -39.42 1.63
CA GLN G 118 35.81 -39.35 2.40
C GLN G 118 36.96 -38.88 1.52
N VAL G 119 37.66 -37.85 1.96
CA VAL G 119 38.81 -37.28 1.25
C VAL G 119 40.00 -37.29 2.18
N THR G 120 41.11 -37.87 1.73
CA THR G 120 42.34 -37.94 2.50
C THR G 120 43.50 -37.52 1.62
N VAL G 121 44.38 -36.66 2.15
CA VAL G 121 45.54 -36.20 1.41
C VAL G 121 46.81 -36.50 2.19
N GLN H 1 -32.61 -21.03 5.30
CA GLN H 1 -33.55 -22.15 5.17
C GLN H 1 -32.97 -23.25 4.30
N VAL H 2 -32.53 -24.33 4.94
CA VAL H 2 -31.94 -25.47 4.26
C VAL H 2 -32.69 -26.73 4.66
N GLN H 3 -33.06 -27.55 3.68
CA GLN H 3 -33.74 -28.81 3.91
C GLN H 3 -32.78 -29.95 3.65
N LEU H 4 -32.71 -30.89 4.58
CA LEU H 4 -31.77 -32.02 4.51
C LEU H 4 -32.53 -33.33 4.50
N VAL H 5 -32.25 -34.16 3.51
CA VAL H 5 -32.82 -35.51 3.40
C VAL H 5 -31.67 -36.49 3.23
N GLU H 6 -31.65 -37.53 4.05
CA GLU H 6 -30.61 -38.55 4.00
C GLU H 6 -31.21 -39.92 3.76
N SER H 7 -30.46 -40.76 3.08
CA SER H 7 -30.91 -42.12 2.75
C SER H 7 -29.70 -43.00 2.49
N GLY H 8 -29.94 -44.31 2.51
CA GLY H 8 -28.89 -45.27 2.23
C GLY H 8 -28.43 -46.01 3.47
N GLY H 9 -29.35 -46.35 4.36
CA GLY H 9 -29.02 -47.05 5.59
C GLY H 9 -29.21 -48.55 5.50
N GLY H 10 -30.24 -49.07 6.16
CA GLY H 10 -30.51 -50.48 6.16
C GLY H 10 -29.69 -51.23 7.19
N LEU H 11 -29.83 -52.55 7.17
CA LEU H 11 -29.15 -53.45 8.11
C LEU H 11 -28.24 -54.38 7.33
N VAL H 12 -26.98 -54.48 7.77
CA VAL H 12 -26.00 -55.37 7.17
C VAL H 12 -25.30 -56.14 8.28
N GLN H 13 -24.53 -57.15 7.87
CA GLN H 13 -23.79 -57.97 8.83
C GLN H 13 -22.58 -57.23 9.36
N GLY H 14 -18.37 -55.23 6.13
CA GLY H 14 -19.10 -54.73 4.97
C GLY H 14 -18.86 -53.27 4.69
N SER H 15 -19.35 -52.80 3.54
CA SER H 15 -19.20 -51.41 3.13
C SER H 15 -20.58 -50.82 2.85
N LEU H 16 -20.83 -49.64 3.40
CA LEU H 16 -22.08 -48.92 3.20
C LEU H 16 -21.79 -47.47 2.90
N ARG H 17 -22.66 -46.85 2.10
CA ARG H 17 -22.49 -45.46 1.68
C ARG H 17 -23.77 -44.68 1.97
N LEU H 18 -23.74 -43.85 3.00
CA LEU H 18 -24.83 -42.94 3.27
C LEU H 18 -24.77 -41.75 2.32
N SER H 19 -25.89 -41.03 2.23
CA SER H 19 -25.97 -39.84 1.40
C SER H 19 -26.88 -38.83 2.06
N CYS H 20 -26.70 -37.56 1.72
CA CYS H 20 -27.51 -36.48 2.27
C CYS H 20 -27.66 -35.40 1.22
N ALA H 21 -28.91 -35.09 0.86
CA ALA H 21 -29.21 -34.08 -0.15
C ALA H 21 -29.65 -32.79 0.53
N ALA H 22 -29.13 -31.67 0.06
CA ALA H 22 -29.42 -30.36 0.62
C ALA H 22 -30.10 -29.48 -0.42
N SER H 23 -30.96 -28.59 0.06
CA SER H 23 -31.68 -27.67 -0.81
C SER H 23 -32.01 -26.41 -0.02
N GLY H 24 -31.94 -25.26 -0.70
CA GLY H 24 -32.24 -23.98 -0.08
C GLY H 24 -31.04 -23.05 -0.14
N HIS H 25 -30.93 -22.20 0.89
CA HIS H 25 -29.84 -21.24 0.99
C HIS H 25 -28.58 -21.95 1.51
N THR H 26 -27.98 -22.75 0.63
CA THR H 26 -26.79 -23.50 1.00
C THR H 26 -25.56 -22.61 1.10
N PHE H 27 -25.58 -21.42 0.49
CA PHE H 27 -24.43 -20.53 0.57
C PHE H 27 -24.18 -20.06 1.99
N ASN H 28 -25.25 -19.73 2.71
CA ASN H 28 -25.12 -19.27 4.10
C ASN H 28 -24.68 -20.38 5.04
N TYR H 29 -24.75 -21.63 4.62
CA TYR H 29 -24.36 -22.78 5.43
C TYR H 29 -23.39 -23.64 4.62
N PRO H 30 -22.13 -23.23 4.54
CA PRO H 30 -21.16 -23.95 3.69
C PRO H 30 -20.58 -25.20 4.30
N ILE H 31 -20.91 -25.52 5.55
CA ILE H 31 -20.31 -26.65 6.26
C ILE H 31 -21.42 -27.68 6.54
N MET H 32 -21.17 -28.92 6.14
CA MET H 32 -22.08 -30.03 6.39
C MET H 32 -21.41 -31.01 7.34
N GLY H 33 -22.16 -31.46 8.35
CA GLY H 33 -21.63 -32.40 9.31
C GLY H 33 -22.44 -33.68 9.42
N TRP H 34 -21.80 -34.75 9.90
CA TRP H 34 -22.45 -36.03 10.11
C TRP H 34 -22.40 -36.37 11.59
N PHE H 35 -23.55 -36.78 12.14
CA PHE H 35 -23.66 -37.11 13.54
C PHE H 35 -24.40 -38.43 13.71
N ARG H 36 -24.04 -39.17 14.76
CA ARG H 36 -24.71 -40.40 15.12
C ARG H 36 -25.03 -40.37 16.61
N GLN H 37 -26.15 -40.99 16.97
CA GLN H 37 -26.62 -40.99 18.36
C GLN H 37 -26.94 -42.42 18.76
N ALA H 38 -26.09 -43.00 19.61
CA ALA H 38 -26.35 -44.32 20.15
C ALA H 38 -27.50 -44.25 21.15
N PRO H 39 -28.26 -45.34 21.31
CA PRO H 39 -29.35 -45.36 22.29
C PRO H 39 -28.84 -45.11 23.69
N GLY H 40 -29.33 -44.04 24.32
CA GLY H 40 -28.91 -43.62 25.64
C GLY H 40 -27.70 -42.71 25.64
N LYS H 41 -26.78 -42.90 24.70
CA LYS H 41 -25.59 -42.06 24.63
C LYS H 41 -25.91 -40.74 23.93
N GLU H 42 -25.10 -39.73 24.24
CA GLU H 42 -25.25 -38.42 23.62
C GLU H 42 -24.86 -38.50 22.15
N ARG H 43 -25.41 -37.58 21.35
CA ARG H 43 -25.11 -37.54 19.92
C ARG H 43 -23.63 -37.30 19.70
N GLU H 44 -23.04 -38.06 18.79
CA GLU H 44 -21.60 -38.09 18.57
C GLU H 44 -21.26 -37.52 17.20
N PHE H 45 -20.25 -36.65 17.16
CA PHE H 45 -19.77 -36.12 15.89
C PHE H 45 -19.01 -37.19 15.12
N VAL H 46 -19.30 -37.30 13.82
CA VAL H 46 -18.64 -38.27 12.94
C VAL H 46 -17.65 -37.59 12.01
N GLY H 47 -18.12 -36.67 11.18
CA GLY H 47 -17.25 -35.96 10.28
C GLY H 47 -17.95 -34.76 9.67
N ALA H 48 -17.14 -33.81 9.21
CA ALA H 48 -17.64 -32.59 8.61
C ALA H 48 -16.87 -32.28 7.35
N ILE H 49 -17.52 -31.57 6.43
CA ILE H 49 -16.90 -31.20 5.15
C ILE H 49 -17.52 -29.89 4.68
N SER H 50 -16.72 -29.10 4.00
CA SER H 50 -17.20 -27.85 3.42
C SER H 50 -17.71 -28.07 2.01
N TRP H 51 -18.72 -27.28 1.62
CA TRP H 51 -19.25 -27.35 0.27
C TRP H 51 -18.19 -26.97 -0.75
N SER H 52 -17.43 -25.92 -0.48
CA SER H 52 -16.40 -25.43 -1.39
C SER H 52 -15.02 -25.72 -0.81
N GLY H 53 -14.16 -26.32 -1.63
CA GLY H 53 -12.82 -26.65 -1.24
C GLY H 53 -12.62 -28.09 -0.81
N GLY H 54 -13.70 -28.78 -0.44
CA GLY H 54 -13.60 -30.18 -0.07
C GLY H 54 -12.82 -30.48 1.19
N SER H 55 -12.51 -29.46 2.00
CA SER H 55 -11.81 -29.71 3.25
C SER H 55 -12.69 -30.51 4.19
N THR H 56 -12.11 -31.53 4.83
CA THR H 56 -12.87 -32.47 5.64
C THR H 56 -12.16 -32.73 6.95
N SER H 57 -12.93 -33.10 7.96
CA SER H 57 -12.42 -33.50 9.26
C SER H 57 -13.18 -34.74 9.72
N TYR H 58 -12.52 -35.54 10.55
CA TYR H 58 -13.10 -36.79 11.02
C TYR H 58 -12.79 -36.98 12.50
N ALA H 59 -13.62 -37.78 13.16
CA ALA H 59 -13.37 -38.19 14.53
C ALA H 59 -12.34 -39.30 14.57
N ASP H 60 -11.74 -39.49 15.75
CA ASP H 60 -10.71 -40.51 15.91
C ASP H 60 -11.28 -41.91 15.72
N SER H 61 -12.50 -42.15 16.23
CA SER H 61 -13.09 -43.47 16.13
C SER H 61 -13.33 -43.88 14.69
N VAL H 62 -13.79 -42.95 13.85
CA VAL H 62 -14.10 -43.24 12.46
C VAL H 62 -12.98 -42.84 11.52
N LYS H 63 -11.83 -42.41 12.06
CA LYS H 63 -10.71 -42.03 11.22
C LYS H 63 -10.16 -43.25 10.47
N ASP H 64 -9.77 -43.04 9.22
CA ASP H 64 -9.20 -44.04 8.34
C ASP H 64 -10.19 -45.15 7.99
N ARG H 65 -11.45 -45.01 8.38
CA ARG H 65 -12.49 -45.97 8.03
C ARG H 65 -13.64 -45.34 7.27
N PHE H 66 -14.04 -44.13 7.62
CA PHE H 66 -15.13 -43.42 6.96
C PHE H 66 -14.56 -42.29 6.11
N THR H 67 -15.07 -42.16 4.88
CA THR H 67 -14.66 -41.11 3.97
C THR H 67 -15.87 -40.27 3.60
N ILE H 68 -15.69 -38.95 3.61
CA ILE H 68 -16.76 -38.00 3.33
C ILE H 68 -16.38 -37.15 2.12
N SER H 69 -17.27 -37.08 1.15
CA SER H 69 -17.09 -36.24 -0.02
C SER H 69 -18.45 -35.77 -0.50
N ARG H 70 -18.44 -34.67 -1.25
CA ARG H 70 -19.68 -34.07 -1.73
C ARG H 70 -19.53 -33.67 -3.19
N ASP H 71 -20.68 -33.56 -3.87
CA ASP H 71 -20.76 -33.08 -5.23
C ASP H 71 -21.73 -31.92 -5.27
N ASN H 72 -21.26 -30.76 -5.74
CA ASN H 72 -22.09 -29.57 -5.75
C ASN H 72 -23.16 -29.60 -6.84
N ALA H 73 -23.00 -30.44 -7.86
CA ALA H 73 -24.00 -30.53 -8.91
C ALA H 73 -25.33 -31.02 -8.37
N LYS H 74 -25.31 -32.06 -7.53
CA LYS H 74 -26.53 -32.59 -6.91
C LYS H 74 -26.79 -32.00 -5.53
N ASN H 75 -25.91 -31.14 -5.02
CA ASN H 75 -26.01 -30.62 -3.67
C ASN H 75 -26.13 -31.75 -2.64
N THR H 76 -25.31 -32.78 -2.82
CA THR H 76 -25.38 -33.99 -2.02
C THR H 76 -24.06 -34.20 -1.29
N VAL H 77 -24.14 -34.54 -0.01
CA VAL H 77 -22.99 -34.92 0.80
C VAL H 77 -23.19 -36.38 1.19
N TYR H 78 -22.23 -37.23 0.85
CA TYR H 78 -22.34 -38.66 1.06
C TYR H 78 -21.23 -39.14 1.99
N LEU H 79 -21.60 -40.01 2.92
CA LEU H 79 -20.68 -40.61 3.87
C LEU H 79 -20.48 -42.08 3.51
N GLU H 80 -19.24 -42.47 3.24
CA GLU H 80 -18.91 -43.84 2.87
C GLU H 80 -18.37 -44.56 4.09
N MET H 81 -19.14 -45.52 4.60
CA MET H 81 -18.78 -46.27 5.80
C MET H 81 -18.23 -47.62 5.38
N ASN H 82 -16.91 -47.81 5.57
CA ASN H 82 -16.24 -49.05 5.22
C ASN H 82 -15.65 -49.68 6.48
N ASN H 83 -15.52 -51.00 6.46
CA ASN H 83 -15.01 -51.77 7.60
C ASN H 83 -15.84 -51.52 8.85
N LEU H 84 -17.12 -51.89 8.75
CA LEU H 84 -18.06 -51.62 9.83
C LEU H 84 -17.74 -52.47 11.05
N LYS H 85 -18.11 -51.94 12.22
CA LYS H 85 -17.90 -52.58 13.51
C LYS H 85 -19.21 -52.57 14.29
N PRO H 86 -19.37 -53.48 15.24
CA PRO H 86 -20.60 -53.47 16.05
C PRO H 86 -20.79 -52.19 16.84
N GLU H 87 -19.73 -51.45 17.13
CA GLU H 87 -19.87 -50.17 17.81
C GLU H 87 -20.54 -49.12 16.95
N ASP H 88 -20.58 -49.32 15.63
CA ASP H 88 -21.19 -48.36 14.71
C ASP H 88 -22.67 -48.63 14.50
N THR H 89 -23.42 -48.70 15.60
CA THR H 89 -24.86 -48.93 15.58
C THR H 89 -25.54 -47.72 16.23
N ALA H 90 -25.94 -46.76 15.40
CA ALA H 90 -26.58 -45.54 15.89
C ALA H 90 -27.37 -44.92 14.76
N VAL H 91 -28.19 -43.93 15.10
CA VAL H 91 -28.98 -43.21 14.11
C VAL H 91 -28.11 -42.09 13.54
N TYR H 92 -27.87 -42.15 12.23
CA TYR H 92 -26.99 -41.18 11.57
C TYR H 92 -27.81 -39.99 11.08
N TYR H 93 -27.37 -38.79 11.46
CA TYR H 93 -28.04 -37.55 11.10
C TYR H 93 -27.16 -36.73 10.17
N CYS H 94 -27.80 -35.80 9.46
CA CYS H 94 -27.12 -34.87 8.57
C CYS H 94 -27.44 -33.45 9.02
N ALA H 95 -26.41 -32.61 9.14
CA ALA H 95 -26.59 -31.28 9.68
C ALA H 95 -25.81 -30.26 8.85
N ALA H 96 -26.23 -29.00 8.96
CA ALA H 96 -25.58 -27.88 8.28
C ALA H 96 -25.26 -26.82 9.33
N LYS H 97 -24.12 -26.15 9.12
CA LYS H 97 -23.63 -25.18 10.09
C LYS H 97 -23.40 -23.82 9.42
N GLY H 98 -23.64 -22.76 10.18
CA GLY H 98 -23.43 -21.42 9.68
C GLY H 98 -21.95 -21.08 9.56
N ARG H 99 -21.69 -19.95 8.90
CA ARG H 99 -20.32 -19.53 8.64
C ARG H 99 -19.59 -19.18 9.93
N TYR H 100 -20.27 -18.51 10.86
CA TYR H 100 -19.66 -18.09 12.12
C TYR H 100 -20.33 -18.77 13.31
N SER H 101 -20.59 -20.08 13.18
CA SER H 101 -21.29 -20.83 14.21
C SER H 101 -20.38 -21.59 15.16
N GLY H 102 -19.06 -21.47 14.99
CA GLY H 102 -18.15 -22.08 15.95
C GLY H 102 -17.56 -23.40 15.51
N GLY H 103 -17.28 -24.27 16.49
CA GLY H 103 -16.60 -25.51 16.20
C GLY H 103 -17.49 -26.54 15.51
N LEU H 104 -16.83 -27.47 14.83
CA LEU H 104 -17.55 -28.52 14.08
C LEU H 104 -18.10 -29.60 15.01
N TYR H 105 -17.35 -29.94 16.06
CA TYR H 105 -17.64 -31.14 16.84
C TYR H 105 -18.88 -31.01 17.72
N TYR H 106 -19.46 -29.82 17.84
CA TYR H 106 -20.56 -29.60 18.76
C TYR H 106 -21.87 -29.52 18.00
N PRO H 107 -22.79 -30.47 18.19
CA PRO H 107 -24.03 -30.47 17.39
C PRO H 107 -24.90 -29.24 17.61
N THR H 108 -24.81 -28.60 18.78
CA THR H 108 -25.67 -27.45 19.06
C THR H 108 -25.34 -26.26 18.17
N ASN H 109 -24.17 -26.24 17.54
CA ASN H 109 -23.81 -25.16 16.62
C ASN H 109 -24.47 -25.29 15.27
N TYR H 110 -25.10 -26.43 14.97
CA TYR H 110 -25.74 -26.66 13.69
C TYR H 110 -27.22 -26.28 13.78
N ASP H 111 -27.73 -25.65 12.71
CA ASP H 111 -29.07 -25.11 12.72
C ASP H 111 -30.09 -26.09 12.13
N TYR H 112 -29.80 -26.67 10.97
CA TYR H 112 -30.73 -27.54 10.27
C TYR H 112 -30.26 -28.99 10.33
N TRP H 113 -31.19 -29.89 10.62
CA TRP H 113 -30.91 -31.31 10.79
C TRP H 113 -31.83 -32.13 9.90
N GLY H 114 -31.36 -33.33 9.55
CA GLY H 114 -32.15 -34.28 8.80
C GLY H 114 -33.02 -35.15 9.69
N GLN H 115 -33.74 -36.06 9.04
CA GLN H 115 -34.61 -36.97 9.78
C GLN H 115 -33.80 -37.96 10.62
N GLY H 116 -32.80 -38.58 10.02
CA GLY H 116 -31.99 -39.57 10.72
C GLY H 116 -32.27 -40.99 10.26
N THR H 117 -31.22 -41.74 9.96
CA THR H 117 -31.33 -43.12 9.50
C THR H 117 -30.71 -44.05 10.52
N GLN H 118 -31.43 -45.12 10.86
CA GLN H 118 -30.96 -46.11 11.83
C GLN H 118 -30.17 -47.19 11.11
N VAL H 119 -28.95 -47.44 11.59
CA VAL H 119 -28.07 -48.45 11.04
C VAL H 119 -27.67 -49.41 12.16
N THR H 120 -27.87 -50.70 11.93
CA THR H 120 -27.54 -51.73 12.90
C THR H 120 -26.77 -52.84 12.20
N VAL H 121 -25.68 -53.29 12.81
CA VAL H 121 -24.87 -54.37 12.24
C VAL H 121 -24.74 -55.50 13.24
C1 NAG I . 28.95 23.57 25.19
C2 NAG I . 30.42 23.69 24.78
C3 NAG I . 30.79 25.17 24.59
C4 NAG I . 29.82 25.83 23.62
C5 NAG I . 28.38 25.61 24.08
C6 NAG I . 27.36 26.13 23.10
C7 NAG I . 32.08 22.03 25.50
C8 NAG I . 32.91 21.53 26.64
N2 NAG I . 31.28 23.08 25.77
O3 NAG I . 32.12 25.26 24.09
O4 NAG I . 30.08 27.23 23.57
O5 NAG I . 28.13 24.20 24.22
O6 NAG I . 27.49 25.51 21.82
O7 NAG I . 32.11 21.51 24.39
C1 NAG I . 30.52 27.59 22.25
C2 NAG I . 30.37 29.10 22.05
C3 NAG I . 30.82 29.49 20.65
C4 NAG I . 32.24 28.98 20.40
C5 NAG I . 32.31 27.48 20.67
C6 NAG I . 33.71 26.92 20.55
C7 NAG I . 28.55 29.95 23.46
C8 NAG I . 27.10 30.34 23.51
N2 NAG I . 28.99 29.51 22.28
O3 NAG I . 30.79 30.90 20.52
O4 NAG I . 32.62 29.23 19.06
O5 NAG I . 31.87 27.20 22.01
O6 NAG I . 33.74 25.52 20.79
O7 NAG I . 29.28 30.02 24.45
C1 NAG J . 7.35 32.71 -1.52
C2 NAG J . 8.64 33.52 -1.47
C3 NAG J . 8.77 34.21 -0.11
C4 NAG J . 7.52 35.02 0.21
C5 NAG J . 6.28 34.14 0.06
C6 NAG J . 4.99 34.92 0.24
C7 NAG J . 10.51 32.72 -2.85
C8 NAG J . 11.68 31.80 -2.92
N2 NAG J . 9.80 32.67 -1.73
O3 NAG J . 9.91 35.06 -0.13
O4 NAG J . 7.58 35.49 1.54
O5 NAG J . 6.24 33.56 -1.25
O6 NAG J . 4.87 35.94 -0.74
O7 NAG J . 10.22 33.49 -3.77
C1 NAG J . 7.77 36.92 1.58
C2 NAG J . 7.15 37.44 2.87
C3 NAG J . 7.39 38.94 2.98
C4 NAG J . 8.87 39.25 2.87
C5 NAG J . 9.41 38.67 1.57
C6 NAG J . 10.91 38.85 1.41
C7 NAG J . 5.22 36.14 3.63
C8 NAG J . 3.73 35.98 3.57
N2 NAG J . 5.73 37.14 2.91
O3 NAG J . 6.89 39.40 4.25
O4 NAG J . 9.08 40.66 2.89
O5 NAG J . 9.16 37.26 1.54
O6 NAG J . 11.38 38.29 0.20
O7 NAG J . 5.92 35.38 4.30
C1 BMA J . 9.79 41.03 4.08
C2 BMA J . 10.47 42.37 3.88
C3 BMA J . 11.23 42.78 5.13
C4 BMA J . 10.32 42.74 6.35
C5 BMA J . 9.65 41.37 6.45
C6 BMA J . 8.62 41.30 7.56
O2 BMA J . 9.50 43.35 3.54
O3 BMA J . 11.73 44.11 4.96
O4 BMA J . 11.08 42.98 7.54
O5 BMA J . 8.94 41.09 5.23
O6 BMA J . 7.74 42.42 7.52
C1 MAN J . 13.08 44.04 4.47
C2 MAN J . 13.89 45.20 5.05
C3 MAN J . 13.33 46.52 4.55
C4 MAN J . 13.27 46.53 3.03
C5 MAN J . 12.51 45.30 2.53
C6 MAN J . 12.50 45.18 1.02
O2 MAN J . 15.25 45.06 4.68
O3 MAN J . 14.14 47.59 5.01
O4 MAN J . 12.62 47.71 2.57
O5 MAN J . 13.13 44.11 3.04
O6 MAN J . 11.77 44.04 0.59
C1 MAN J . 6.66 42.22 8.45
C2 MAN J . 5.55 43.21 8.13
C3 MAN J . 6.02 44.62 8.41
C4 MAN J . 6.55 44.73 9.84
C5 MAN J . 7.61 43.67 10.08
C6 MAN J . 8.10 43.64 11.52
O2 MAN J . 4.40 42.90 8.93
O3 MAN J . 4.96 45.55 8.22
O4 MAN J . 7.11 46.02 10.05
O5 MAN J . 7.07 42.37 9.81
O6 MAN J . 9.07 42.63 11.72
C1 NAG K . 26.73 -15.50 28.74
C2 NAG K . 27.31 -16.91 28.67
C3 NAG K . 28.81 -16.86 28.39
C4 NAG K . 29.08 -16.02 27.15
C5 NAG K . 28.44 -14.64 27.29
C6 NAG K . 28.57 -13.79 26.05
C7 NAG K . 26.29 -18.75 29.94
C8 NAG K . 26.11 -19.38 31.28
N2 NAG K . 27.04 -17.64 29.89
O3 NAG K . 29.30 -18.18 28.21
O4 NAG K . 30.49 -15.85 27.00
O5 NAG K . 27.03 -14.80 27.54
O6 NAG K . 27.96 -14.41 24.93
O7 NAG K . 25.78 -19.23 28.92
C1 NAG K . 30.93 -16.49 25.79
C2 NAG K . 32.28 -15.93 25.38
C3 NAG K . 32.77 -16.59 24.09
C4 NAG K . 32.76 -18.11 24.25
C5 NAG K . 31.38 -18.58 24.70
C6 NAG K . 31.32 -20.06 24.99
C7 NAG K . 32.49 -13.63 26.20
C8 NAG K . 32.38 -12.17 25.86
N2 NAG K . 32.23 -14.49 25.21
O3 NAG K . 34.08 -16.15 23.79
O4 NAG K . 33.09 -18.73 23.02
O5 NAG K . 31.01 -17.91 25.92
O6 NAG K . 30.02 -20.46 25.40
O7 NAG K . 32.79 -14.01 27.34
C1 NAG L . 27.96 2.60 -1.81
C2 NAG L . 29.13 1.65 -1.61
C3 NAG L . 29.85 1.97 -0.29
C4 NAG L . 30.23 3.44 -0.23
C5 NAG L . 28.99 4.31 -0.51
C6 NAG L . 29.32 5.79 -0.59
C7 NAG L . 29.07 -0.63 -2.52
C8 NAG L . 28.53 -2.02 -2.36
N2 NAG L . 28.68 0.26 -1.61
O3 NAG L . 31.01 1.15 -0.18
O4 NAG L . 30.70 3.75 1.07
O5 NAG L . 28.42 3.94 -1.77
O6 NAG L . 30.19 6.06 -1.68
O7 NAG L . 29.83 -0.34 -3.44
C1 NAG L . 32.13 3.92 1.06
C2 NAG L . 32.50 4.84 2.22
C3 NAG L . 34.01 5.01 2.30
C4 NAG L . 34.69 3.64 2.37
C5 NAG L . 34.24 2.79 1.18
C6 NAG L . 34.79 1.38 1.22
C7 NAG L . 30.68 6.43 2.66
C8 NAG L . 30.16 7.82 2.41
N2 NAG L . 31.86 6.14 2.09
O3 NAG L . 34.34 5.77 3.46
O4 NAG L . 36.10 3.79 2.32
O5 NAG L . 32.81 2.68 1.19
O6 NAG L . 34.36 0.62 0.10
O7 NAG L . 30.07 5.61 3.35
C1 BMA L . 36.66 3.40 3.60
C2 BMA L . 38.14 3.10 3.40
C3 BMA L . 38.79 2.72 4.73
C4 BMA L . 38.49 3.76 5.79
C5 BMA L . 36.99 4.04 5.88
C6 BMA L . 36.66 5.18 6.82
O2 BMA L . 38.79 4.26 2.86
O3 BMA L . 40.19 2.63 4.56
O4 BMA L . 38.96 3.31 7.06
O5 BMA L . 36.50 4.42 4.58
O6 BMA L . 37.48 6.31 6.53
C1 MAN L . 40.57 1.28 4.22
C2 MAN L . 41.93 0.99 4.85
C3 MAN L . 42.97 1.91 4.23
C4 MAN L . 42.96 1.79 2.71
C5 MAN L . 41.54 2.00 2.18
C6 MAN L . 41.43 1.78 0.69
O2 MAN L . 42.28 -0.37 4.61
O3 MAN L . 44.26 1.59 4.74
O4 MAN L . 43.82 2.76 2.13
O5 MAN L . 40.64 1.08 2.81
O6 MAN L . 40.11 1.99 0.22
C1 MAN L . 37.06 7.44 7.32
C2 MAN L . 37.65 8.70 6.70
C3 MAN L . 39.17 8.67 6.81
C4 MAN L . 39.60 8.45 8.25
C5 MAN L . 38.91 7.20 8.82
C6 MAN L . 39.19 7.00 10.29
O2 MAN L . 37.14 9.83 7.39
O3 MAN L . 39.71 9.87 6.31
O4 MAN L . 41.00 8.28 8.32
O5 MAN L . 37.48 7.33 8.69
O6 MAN L . 38.54 5.84 10.78
C1 NAG M . -10.95 -25.31 34.61
C2 NAG M . -12.10 -26.31 34.76
C3 NAG M . -11.55 -27.74 34.77
C4 NAG M . -10.68 -27.98 33.53
C5 NAG M . -9.61 -26.90 33.43
C6 NAG M . -8.78 -27.00 32.16
C7 NAG M . -14.16 -25.77 35.98
C8 NAG M . -14.76 -25.51 37.33
N2 NAG M . -12.84 -26.05 35.98
O3 NAG M . -12.63 -28.66 34.78
O4 NAG M . -10.06 -29.26 33.61
O5 NAG M . -10.22 -25.61 33.42
O6 NAG M . -9.58 -26.86 31.00
O7 NAG M . -14.81 -25.72 34.94
C1 NAG M . -10.57 -30.10 32.57
C2 NAG M . -9.64 -31.31 32.40
C3 NAG M . -10.14 -32.21 31.28
C4 NAG M . -11.60 -32.59 31.53
C5 NAG M . -12.44 -31.33 31.73
C6 NAG M . -13.88 -31.63 32.08
C7 NAG M . -7.34 -30.82 33.10
C8 NAG M . -5.98 -30.37 32.65
N2 NAG M . -8.27 -30.89 32.15
O3 NAG M . -9.34 -33.39 31.22
O4 NAG M . -12.11 -33.33 30.43
O5 NAG M . -11.90 -30.55 32.80
O6 NAG M . -14.63 -30.44 32.22
O7 NAG M . -7.58 -31.12 34.27
C1 NAG N . 6.14 -26.46 3.46
C2 NAG N . 5.61 -27.82 3.92
C3 NAG N . 6.16 -28.15 5.31
C4 NAG N . 7.68 -28.03 5.34
C5 NAG N . 8.11 -26.67 4.80
C6 NAG N . 9.61 -26.52 4.68
C7 NAG N . 3.44 -28.83 3.41
C8 NAG N . 1.95 -28.69 3.54
N2 NAG N . 4.16 -27.84 3.93
O3 NAG N . 5.77 -29.47 5.66
O4 NAG N . 8.14 -28.14 6.69
O5 NAG N . 7.57 -26.47 3.49
O6 NAG N . 10.14 -27.45 3.75
O7 NAG N . 3.96 -29.80 2.87
C1 NAG N . 8.77 -29.40 6.93
C2 NAG N . 9.81 -29.21 8.02
C3 NAG N . 10.48 -30.53 8.37
C4 NAG N . 9.43 -31.57 8.72
C5 NAG N . 8.41 -31.69 7.58
C6 NAG N . 7.28 -32.63 7.89
C7 NAG N . 10.85 -26.99 8.13
C8 NAG N . 11.94 -26.11 7.59
N2 NAG N . 10.81 -28.23 7.62
O3 NAG N . 11.36 -30.34 9.48
O4 NAG N . 10.05 -32.84 8.91
O5 NAG N . 7.83 -30.40 7.33
O6 NAG N . 6.38 -32.74 6.80
O7 NAG N . 10.06 -26.60 8.98
C1 BMA N . 9.91 -33.26 10.28
C2 BMA N . 10.13 -34.76 10.36
C3 BMA N . 10.00 -35.26 11.79
C4 BMA N . 10.91 -34.46 12.72
C5 BMA N . 10.66 -32.96 12.54
C6 BMA N . 11.63 -32.12 13.32
O2 BMA N . 11.42 -35.09 9.84
O3 BMA N . 10.38 -36.63 11.86
O4 BMA N . 10.65 -34.81 14.08
O5 BMA N . 10.82 -32.60 11.16
O6 BMA N . 12.97 -32.54 13.09
C1 MAN N . 9.20 -37.47 11.70
C2 MAN N . 9.37 -38.70 12.59
C3 MAN N . 10.53 -39.54 12.09
C4 MAN N . 10.38 -39.86 10.61
C5 MAN N . 10.15 -38.56 9.82
C6 MAN N . 9.88 -38.81 8.35
O2 MAN N . 8.16 -39.46 12.55
O3 MAN N . 10.62 -40.74 12.84
O4 MAN N . 11.54 -40.51 10.12
O5 MAN N . 9.02 -37.87 10.35
O6 MAN N . 9.69 -37.60 7.65
C1 MAN N . 13.90 -31.64 13.71
C2 MAN N . 15.27 -31.87 13.09
C3 MAN N . 15.77 -33.27 13.45
C4 MAN N . 15.74 -33.47 14.96
C5 MAN N . 14.35 -33.15 15.49
C6 MAN N . 14.28 -33.21 17.00
O2 MAN N . 16.19 -30.89 13.57
O3 MAN N . 17.09 -33.46 12.95
O4 MAN N . 16.07 -34.82 15.27
O5 MAN N . 13.98 -31.82 15.12
O6 MAN N . 12.98 -32.90 17.47
C1 NAG O . -32.39 7.73 34.61
C2 NAG O . -33.70 8.50 34.57
C3 NAG O . -34.88 7.54 34.75
C4 NAG O . -34.80 6.41 33.73
C5 NAG O . -33.43 5.74 33.81
C6 NAG O . -33.23 4.67 32.75
C7 NAG O . -33.77 10.84 35.32
C8 NAG O . -33.78 11.76 36.51
N2 NAG O . -33.73 9.53 35.60
O3 NAG O . -36.10 8.25 34.60
O4 NAG O . -35.81 5.44 34.02
O5 NAG O . -32.40 6.71 33.61
O6 NAG O . -33.31 5.23 31.45
O7 NAG O . -33.81 11.26 34.17
C1 NAG O . -36.77 5.43 32.95
C2 NAG O . -37.58 4.14 33.02
C3 NAG O . -38.61 4.11 31.89
C4 NAG O . -39.48 5.37 31.93
C5 NAG O . -38.58 6.60 31.90
C6 NAG O . -39.35 7.89 32.05
C7 NAG O . -36.37 2.27 34.04
C8 NAG O . -35.46 1.10 33.79
N2 NAG O . -36.72 2.98 32.96
O3 NAG O . -39.44 2.96 32.05
O4 NAG O . -40.35 5.39 30.81
O5 NAG O . -37.65 6.56 32.99
O6 NAG O . -38.49 9.03 32.03
O7 NAG O . -36.74 2.57 35.17
C1 NAG P . -28.26 -14.26 7.01
C2 NAG P . -29.71 -14.11 7.49
C3 NAG P . -29.81 -14.46 8.96
C4 NAG P . -29.20 -15.82 9.25
C5 NAG P . -27.77 -15.89 8.70
C6 NAG P . -27.14 -17.25 8.84
C7 NAG P . -31.32 -12.52 6.53
C8 NAG P . -31.69 -11.08 6.40
N2 NAG P . -30.20 -12.77 7.23
O3 NAG P . -31.18 -14.45 9.35
O4 NAG P . -29.14 -16.04 10.66
O5 NAG P . -27.79 -15.58 7.30
O6 NAG P . -27.84 -18.22 8.09
O7 NAG P . -31.99 -13.42 6.03
C1 NAG P . -30.13 -16.99 11.08
C2 NAG P . -29.63 -17.70 12.33
C3 NAG P . -30.67 -18.67 12.86
C4 NAG P . -32.00 -17.95 13.07
C5 NAG P . -32.42 -17.25 11.78
C6 NAG P . -33.68 -16.43 11.94
C7 NAG P . -27.18 -17.93 12.40
C8 NAG P . -26.00 -18.78 12.03
N2 NAG P . -28.38 -18.40 12.04
O3 NAG P . -30.22 -19.24 14.08
O4 NAG P . -33.00 -18.89 13.45
O5 NAG P . -31.38 -16.34 11.37
O6 NAG P . -34.06 -15.83 10.71
O7 NAG P . -27.05 -16.86 12.99
C1 BMA P . -33.42 -18.62 14.81
C2 BMA P . -34.78 -19.30 15.04
C3 BMA P . -35.26 -19.06 16.46
C4 BMA P . -34.18 -19.46 17.47
C5 BMA P . -32.85 -18.79 17.13
C6 BMA P . -31.72 -19.30 18.00
O2 BMA P . -34.65 -20.69 14.78
O3 BMA P . -36.43 -19.84 16.70
O4 BMA P . -34.57 -19.07 18.77
O5 BMA P . -32.49 -19.10 15.77
O6 BMA P . -31.70 -20.71 18.00
C1 MAN P . -37.61 -19.09 16.39
C2 MAN P . -38.71 -19.50 17.35
C3 MAN P . -39.06 -20.97 17.11
C4 MAN P . -39.39 -21.20 15.65
C5 MAN P . -38.27 -20.67 14.76
C6 MAN P . -38.58 -20.76 13.29
O2 MAN P . -39.86 -18.69 17.15
O3 MAN P . -40.16 -21.35 17.93
O4 MAN P . -39.58 -22.59 15.40
O5 MAN P . -38.03 -19.29 15.05
O6 MAN P . -37.50 -20.27 12.50
C1 MAN P . -30.56 -21.20 18.75
C2 MAN P . -30.34 -22.67 18.39
C3 MAN P . -31.53 -23.49 18.86
C4 MAN P . -31.78 -23.26 20.35
C5 MAN P . -31.90 -21.76 20.63
C6 MAN P . -32.02 -21.45 22.12
O2 MAN P . -29.14 -23.13 19.00
O3 MAN P . -31.30 -24.87 18.61
O4 MAN P . -32.96 -23.92 20.76
O5 MAN P . -30.74 -21.07 20.16
O6 MAN P . -32.12 -20.05 22.35
N1 EPE Q . 21.69 18.08 13.99
C2 EPE Q . 21.73 17.54 15.36
C3 EPE Q . 21.31 16.07 15.35
N4 EPE Q . 22.21 15.29 14.50
C5 EPE Q . 22.18 15.84 13.15
C6 EPE Q . 22.59 17.29 13.15
C7 EPE Q . 21.83 13.87 14.51
C8 EPE Q . 23.01 12.94 14.57
O8 EPE Q . 23.81 13.07 13.40
C9 EPE Q . 22.06 19.50 13.99
C10 EPE Q . 22.05 20.04 12.56
S EPE Q . 22.14 21.80 12.49
O1S EPE Q . 22.54 22.26 13.80
O2S EPE Q . 20.76 22.25 12.15
O3S EPE Q . 23.06 22.13 11.42
N1 EPE R . 18.57 -12.66 16.26
C2 EPE R . 18.51 -12.99 17.68
C3 EPE R . 17.09 -13.21 18.12
N4 EPE R . 16.47 -14.31 17.35
C5 EPE R . 16.54 -13.98 15.92
C6 EPE R . 17.98 -13.76 15.50
C7 EPE R . 15.08 -14.52 17.77
C8 EPE R . 14.81 -15.95 18.18
O8 EPE R . 15.08 -16.85 17.11
C9 EPE R . 19.94 -12.38 15.83
C10 EPE R . 20.75 -13.66 15.76
S EPE R . 22.39 -13.38 15.18
O1S EPE R . 22.81 -14.65 14.54
O2S EPE R . 23.19 -13.07 16.34
O3S EPE R . 22.33 -12.32 14.21
N1 EPE S . -11.14 -19.08 21.62
C2 EPE S . -11.43 -18.47 22.92
C3 EPE S . -12.10 -17.12 22.74
N4 EPE S . -13.35 -17.26 21.99
C5 EPE S . -13.04 -17.86 20.69
C6 EPE S . -12.39 -19.21 20.86
C7 EPE S . -14.02 -15.97 21.84
C8 EPE S . -15.53 -16.10 21.74
O8 EPE S . -15.90 -16.65 20.48
C9 EPE S . -10.49 -20.38 21.79
C10 EPE S . -10.45 -21.15 20.48
S EPE S . -10.69 -22.89 20.72
O1S EPE S . -12.06 -23.07 21.09
O2S EPE S . -9.77 -23.26 21.82
O3S EPE S . -10.31 -23.53 19.48
C1 NAG T . -8.04 33.70 47.78
C2 NAG T . -9.39 32.95 47.73
C3 NAG T . -10.19 33.21 49.00
C4 NAG T . -9.37 32.88 50.23
C5 NAG T . -8.08 33.68 50.20
C6 NAG T . -7.15 33.35 51.35
C7 NAG T . -10.69 34.55 46.34
C8 NAG T . -11.54 34.68 45.11
N2 NAG T . -10.16 33.32 46.56
O3 NAG T . -11.38 32.43 48.98
O4 NAG T . -10.10 33.20 51.41
O5 NAG T . -7.37 33.38 49.00
O6 NAG T . -7.79 33.54 52.60
O7 NAG T . -10.49 35.49 47.10
#